data_1BPW
#
_entry.id   1BPW
#
_cell.length_a   85.400
_cell.length_b   86.570
_cell.length_c   89.810
_cell.angle_alpha   105.32
_cell.angle_beta   113.29
_cell.angle_gamma   98.16
#
_symmetry.space_group_name_H-M   'P 1'
#
loop_
_entity.id
_entity.type
_entity.pdbx_description
1 polymer 'PROTEIN (ALDEHYDE DEHYDROGENASE)'
2 non-polymer NICOTINAMIDE-ADENINE-DINUCLEOTIDE
3 water water
#
_entity_poly.entity_id   1
_entity_poly.type   'polypeptide(L)'
_entity_poly.pdbx_seq_one_letter_code
;AQLVDSMPSASTGSVVVTDDLNYWGGRRIKSKDGATTEPVFEPATGRVLCQMVPCGAEEVDQAVQSAQAAYLKWSKMAGI
ERSRVMLEAARIIRERRDNIAKLEVINNGKTITEAEYDIDAAWQCIEYYAGLAPTLSGQHIQLPGGAFAYTRREPLGVCA
GILAWNYPFMIAAWKCAPALACGNAVVFKPSPMTPVTGVILAEIFHEAGVPVGLVNVVQGGAETGSLLCHHPNVAKVSFT
GSVPTGKKVMEMSAKTVKHVTLELGGKSPLLIFKDCELENAVRGALMANFLTQGQVCTNGTRVFVQREIMPQFLEEVVKR
TKAIVVGDPLLTETRMGGLISKPQLDKVLGFVAQAKKEGARVLCGGEPLTPSDPKLKNGYFMSPCVLDNCRDDMTCVKEE
IFGPVMSVLPFDTEEEVLQRANNTTFGLASGVFTRDISRAHRVAANLEAGTCYINTYSISPVEVPFGGYKMSGFGRENGQ
ATVDYYSQLKTVIVEMGDVDSLF
;
_entity_poly.pdbx_strand_id   A,B,C,D
#
# COMPACT_ATOMS: atom_id res chain seq x y z
N ALA A 1 21.62 16.02 -32.06
CA ALA A 1 22.55 16.25 -30.89
C ALA A 1 23.39 17.51 -31.10
N GLN A 2 24.06 17.58 -32.26
CA GLN A 2 24.86 18.74 -32.61
C GLN A 2 23.87 19.89 -32.85
N LEU A 3 22.72 19.55 -33.42
CA LEU A 3 21.70 20.54 -33.66
C LEU A 3 21.30 21.11 -32.30
N VAL A 4 21.28 20.27 -31.29
CA VAL A 4 20.93 20.69 -29.93
C VAL A 4 22.00 21.61 -29.37
N ASP A 5 23.24 21.36 -29.73
CA ASP A 5 24.33 22.18 -29.24
C ASP A 5 24.44 23.47 -30.01
N SER A 6 23.83 23.52 -31.19
CA SER A 6 23.86 24.72 -32.02
C SER A 6 22.84 25.76 -31.53
N MET A 7 21.88 25.28 -30.76
CA MET A 7 20.82 26.13 -30.24
C MET A 7 21.17 27.45 -29.56
N PRO A 8 22.25 27.49 -28.77
CA PRO A 8 22.55 28.77 -28.12
C PRO A 8 22.52 29.99 -29.06
N SER A 9 22.88 29.79 -30.33
CA SER A 9 22.88 30.86 -31.31
C SER A 9 21.65 30.79 -32.22
N ALA A 10 20.85 29.74 -32.04
CA ALA A 10 19.66 29.58 -32.86
C ALA A 10 18.69 30.71 -32.57
N SER A 11 17.86 31.02 -33.55
CA SER A 11 16.88 32.08 -33.40
C SER A 11 15.73 31.80 -34.35
N THR A 12 14.58 32.41 -34.11
CA THR A 12 13.42 32.18 -34.93
C THR A 12 13.68 32.43 -36.40
N GLY A 13 13.25 31.48 -37.23
CA GLY A 13 13.41 31.56 -38.67
C GLY A 13 14.79 31.18 -39.22
N SER A 14 15.75 30.89 -38.35
CA SER A 14 17.12 30.55 -38.77
C SER A 14 17.41 29.07 -38.88
N VAL A 15 16.90 28.29 -37.93
CA VAL A 15 17.19 26.87 -37.93
C VAL A 15 16.60 26.08 -39.09
N VAL A 16 17.10 24.86 -39.24
CA VAL A 16 16.65 23.93 -40.26
C VAL A 16 17.16 22.52 -39.85
N VAL A 17 16.25 21.56 -39.79
CA VAL A 17 16.57 20.19 -39.42
C VAL A 17 17.13 19.44 -40.62
N THR A 18 18.06 18.52 -40.36
CA THR A 18 18.69 17.76 -41.44
C THR A 18 19.04 16.33 -41.03
N ASP A 19 18.81 15.98 -39.78
CA ASP A 19 19.10 14.65 -39.31
C ASP A 19 18.04 13.71 -39.83
N ASP A 20 18.18 12.42 -39.56
CA ASP A 20 17.16 11.45 -39.96
C ASP A 20 16.30 11.32 -38.72
N LEU A 21 14.98 11.22 -38.90
CA LEU A 21 14.08 11.15 -37.76
C LEU A 21 13.58 9.78 -37.29
N ASN A 22 13.96 8.70 -37.96
CA ASN A 22 13.55 7.38 -37.52
C ASN A 22 14.70 6.82 -36.67
N TYR A 23 14.38 6.12 -35.60
CA TYR A 23 15.42 5.65 -34.71
C TYR A 23 15.13 4.30 -34.08
N TRP A 24 15.98 3.33 -34.37
CA TRP A 24 15.85 2.01 -33.79
C TRP A 24 17.17 1.24 -33.92
N GLY A 25 17.34 0.22 -33.10
CA GLY A 25 18.57 -0.51 -33.15
C GLY A 25 19.67 0.36 -32.59
N GLY A 26 19.29 1.42 -31.88
CA GLY A 26 20.27 2.30 -31.28
C GLY A 26 20.94 3.34 -32.18
N ARG A 27 20.30 3.66 -33.31
CA ARG A 27 20.85 4.64 -34.24
C ARG A 27 19.79 5.21 -35.18
N ARG A 28 20.07 6.35 -35.82
CA ARG A 28 19.12 6.98 -36.73
C ARG A 28 19.16 6.30 -38.11
N ILE A 29 17.99 5.88 -38.58
CA ILE A 29 17.89 5.20 -39.86
C ILE A 29 17.79 6.15 -41.05
N LYS A 30 18.59 5.90 -42.08
CA LYS A 30 18.60 6.78 -43.24
C LYS A 30 17.34 6.83 -44.06
N SER A 31 16.46 5.84 -43.92
CA SER A 31 15.21 5.86 -44.68
C SER A 31 15.49 6.35 -46.10
N LYS A 32 15.97 5.45 -46.94
CA LYS A 32 16.30 5.81 -48.31
C LYS A 32 15.10 5.72 -49.25
N ASP A 33 15.34 6.00 -50.53
CA ASP A 33 14.29 5.97 -51.56
C ASP A 33 13.23 7.09 -51.40
N GLY A 34 12.62 7.47 -52.53
CA GLY A 34 11.59 8.50 -52.56
C GLY A 34 10.71 8.54 -51.31
N ALA A 35 9.82 7.56 -51.17
CA ALA A 35 8.94 7.48 -50.00
C ALA A 35 8.25 8.81 -49.66
N THR A 36 7.04 9.00 -50.16
CA THR A 36 6.27 10.23 -49.91
C THR A 36 6.62 10.83 -48.55
N THR A 37 6.78 12.15 -48.48
CA THR A 37 7.11 12.79 -47.21
C THR A 37 6.19 13.94 -46.86
N GLU A 38 6.30 14.38 -45.61
CA GLU A 38 5.48 15.47 -45.10
C GLU A 38 6.35 16.56 -44.53
N PRO A 39 5.98 17.81 -44.80
CA PRO A 39 6.74 18.96 -44.29
C PRO A 39 6.38 19.25 -42.84
N VAL A 40 7.37 19.45 -41.99
CA VAL A 40 7.09 19.80 -40.61
C VAL A 40 7.40 21.29 -40.60
N PHE A 41 6.56 22.09 -39.94
CA PHE A 41 6.76 23.53 -39.93
C PHE A 41 7.23 24.16 -38.63
N GLU A 42 7.71 25.40 -38.76
CA GLU A 42 8.13 26.20 -37.62
C GLU A 42 6.90 27.09 -37.47
N PRO A 43 6.04 26.84 -36.46
CA PRO A 43 4.82 27.61 -36.24
C PRO A 43 4.94 29.14 -36.22
N ALA A 44 6.05 29.65 -35.69
CA ALA A 44 6.23 31.09 -35.62
C ALA A 44 6.54 31.77 -36.97
N THR A 45 6.97 31.00 -37.97
CA THR A 45 7.33 31.61 -39.25
C THR A 45 6.67 31.00 -40.46
N GLY A 46 6.13 29.80 -40.32
CA GLY A 46 5.49 29.17 -41.45
C GLY A 46 6.52 28.49 -42.33
N ARG A 47 7.79 28.53 -41.93
CA ARG A 47 8.87 27.90 -42.69
C ARG A 47 8.89 26.38 -42.60
N VAL A 48 9.41 25.73 -43.63
CA VAL A 48 9.53 24.27 -43.65
C VAL A 48 10.85 23.88 -42.99
N LEU A 49 10.76 23.27 -41.79
CA LEU A 49 11.96 22.86 -41.07
C LEU A 49 12.64 21.65 -41.66
N CYS A 50 11.84 20.79 -42.31
CA CYS A 50 12.36 19.58 -42.93
C CYS A 50 11.20 18.73 -43.40
N GLN A 51 11.52 17.59 -44.00
CA GLN A 51 10.48 16.68 -44.44
C GLN A 51 10.49 15.51 -43.46
N MET A 52 9.40 14.75 -43.39
CA MET A 52 9.39 13.58 -42.51
C MET A 52 8.86 12.39 -43.32
N VAL A 53 9.68 11.34 -43.34
CA VAL A 53 9.33 10.15 -44.06
C VAL A 53 8.75 9.15 -43.06
N PRO A 54 7.46 8.82 -43.23
CA PRO A 54 6.66 7.90 -42.43
C PRO A 54 7.10 6.43 -42.57
N CYS A 55 6.88 5.63 -41.52
CA CYS A 55 7.26 4.22 -41.51
C CYS A 55 6.13 3.31 -41.96
N GLY A 56 6.47 2.26 -42.68
CA GLY A 56 5.50 1.29 -43.16
C GLY A 56 5.68 0.03 -42.35
N ALA A 57 4.96 -1.03 -42.69
CA ALA A 57 5.07 -2.27 -41.93
C ALA A 57 6.51 -2.75 -41.74
N GLU A 58 7.26 -2.74 -42.83
CA GLU A 58 8.64 -3.17 -42.81
C GLU A 58 9.41 -2.49 -41.68
N GLU A 59 9.46 -1.16 -41.73
CA GLU A 59 10.17 -0.38 -40.73
C GLU A 59 9.67 -0.64 -39.30
N VAL A 60 8.39 -0.38 -39.09
CA VAL A 60 7.78 -0.57 -37.80
C VAL A 60 8.27 -1.87 -37.18
N ASP A 61 8.06 -2.96 -37.92
CA ASP A 61 8.45 -4.30 -37.47
C ASP A 61 9.88 -4.36 -37.01
N GLN A 62 10.78 -3.70 -37.71
CA GLN A 62 12.16 -3.71 -37.28
C GLN A 62 12.27 -3.03 -35.93
N ALA A 63 11.54 -1.93 -35.77
CA ALA A 63 11.53 -1.15 -34.53
C ALA A 63 11.16 -2.08 -33.42
N VAL A 64 10.01 -2.71 -33.58
CA VAL A 64 9.53 -3.66 -32.60
C VAL A 64 10.56 -4.74 -32.27
N GLN A 65 11.07 -5.43 -33.29
CA GLN A 65 12.06 -6.47 -33.11
C GLN A 65 13.24 -5.98 -32.32
N SER A 66 13.59 -4.73 -32.57
CA SER A 66 14.69 -4.10 -31.87
C SER A 66 14.35 -4.00 -30.41
N ALA A 67 13.18 -3.46 -30.13
CA ALA A 67 12.75 -3.32 -28.75
C ALA A 67 12.74 -4.71 -28.12
N GLN A 68 12.05 -5.61 -28.79
CA GLN A 68 11.93 -7.00 -28.37
C GLN A 68 13.25 -7.56 -27.85
N ALA A 69 14.32 -7.41 -28.62
CA ALA A 69 15.62 -7.92 -28.21
C ALA A 69 16.04 -7.32 -26.90
N ALA A 70 16.13 -6.00 -26.87
CA ALA A 70 16.55 -5.24 -25.68
C ALA A 70 15.74 -5.55 -24.44
N TYR A 71 14.44 -5.69 -24.61
CA TYR A 71 13.60 -6.02 -23.48
C TYR A 71 14.17 -7.24 -22.76
N LEU A 72 14.43 -8.31 -23.52
CA LEU A 72 14.97 -9.55 -22.96
C LEU A 72 16.07 -9.31 -21.97
N LYS A 73 16.93 -8.34 -22.27
CA LYS A 73 18.03 -8.01 -21.38
C LYS A 73 17.59 -7.08 -20.23
N TRP A 74 16.96 -5.96 -20.58
CA TRP A 74 16.51 -4.96 -19.63
C TRP A 74 15.55 -5.49 -18.60
N SER A 75 14.68 -6.41 -19.00
CA SER A 75 13.69 -6.98 -18.07
C SER A 75 14.37 -7.88 -17.05
N LYS A 76 15.60 -8.28 -17.33
CA LYS A 76 16.32 -9.14 -16.41
C LYS A 76 17.03 -8.35 -15.33
N MET A 77 17.15 -7.04 -15.52
CA MET A 77 17.79 -6.23 -14.52
C MET A 77 16.82 -5.92 -13.42
N ALA A 78 17.35 -5.75 -12.22
CA ALA A 78 16.52 -5.47 -11.07
C ALA A 78 16.16 -3.98 -11.04
N GLY A 79 15.11 -3.65 -10.31
CA GLY A 79 14.69 -2.26 -10.21
C GLY A 79 15.84 -1.35 -9.85
N ILE A 80 16.55 -1.71 -8.79
CA ILE A 80 17.69 -0.96 -8.29
C ILE A 80 18.65 -0.71 -9.44
N GLU A 81 18.77 -1.68 -10.34
CA GLU A 81 19.64 -1.61 -11.51
C GLU A 81 19.06 -0.75 -12.64
N ARG A 82 17.78 -0.92 -12.97
CA ARG A 82 17.22 -0.07 -14.02
C ARG A 82 17.21 1.39 -13.54
N SER A 83 17.18 1.57 -12.23
CA SER A 83 17.17 2.88 -11.60
C SER A 83 18.38 3.72 -11.93
N ARG A 84 19.57 3.12 -11.78
CA ARG A 84 20.85 3.79 -12.09
C ARG A 84 20.88 4.44 -13.47
N VAL A 85 20.56 3.67 -14.51
CA VAL A 85 20.58 4.17 -15.87
C VAL A 85 19.66 5.37 -16.03
N MET A 86 18.44 5.22 -15.54
CA MET A 86 17.45 6.27 -15.64
C MET A 86 17.86 7.55 -14.94
N LEU A 87 18.40 7.45 -13.73
CA LEU A 87 18.87 8.62 -13.00
C LEU A 87 19.85 9.42 -13.86
N GLU A 88 20.66 8.71 -14.63
CA GLU A 88 21.63 9.37 -15.49
C GLU A 88 20.95 10.03 -16.66
N ALA A 89 20.00 9.32 -17.27
CA ALA A 89 19.28 9.84 -18.41
C ALA A 89 18.69 11.20 -18.05
N ALA A 90 18.26 11.34 -16.81
CA ALA A 90 17.69 12.60 -16.36
C ALA A 90 18.80 13.62 -16.26
N ARG A 91 19.77 13.33 -15.39
CA ARG A 91 20.93 14.20 -15.21
C ARG A 91 21.38 14.79 -16.54
N ILE A 92 21.22 14.04 -17.62
CA ILE A 92 21.62 14.53 -18.92
C ILE A 92 20.63 15.55 -19.43
N ILE A 93 19.35 15.16 -19.48
CA ILE A 93 18.33 16.09 -19.93
C ILE A 93 18.47 17.36 -19.09
N ARG A 94 18.78 17.20 -17.81
CA ARG A 94 18.94 18.33 -16.89
C ARG A 94 20.01 19.27 -17.43
N GLU A 95 21.15 18.71 -17.80
CA GLU A 95 22.27 19.48 -18.30
C GLU A 95 22.09 20.04 -19.69
N ARG A 96 21.00 19.70 -20.38
CA ARG A 96 20.80 20.26 -21.72
C ARG A 96 19.40 20.86 -21.76
N ARG A 97 18.87 21.10 -20.56
CA ARG A 97 17.55 21.66 -20.37
C ARG A 97 17.27 22.73 -21.43
N ASP A 98 18.03 23.82 -21.38
CA ASP A 98 17.82 24.93 -22.30
C ASP A 98 17.84 24.58 -23.77
N ASN A 99 19.00 24.20 -24.28
CA ASN A 99 19.10 23.86 -25.70
C ASN A 99 17.90 23.01 -26.18
N ILE A 100 17.55 21.97 -25.43
CA ILE A 100 16.43 21.14 -25.82
C ILE A 100 15.15 22.00 -25.84
N ALA A 101 14.95 22.78 -24.78
CA ALA A 101 13.76 23.64 -24.66
C ALA A 101 13.62 24.57 -25.86
N LYS A 102 14.75 25.17 -26.21
CA LYS A 102 14.79 26.09 -27.31
C LYS A 102 14.33 25.40 -28.60
N LEU A 103 14.87 24.21 -28.86
CA LEU A 103 14.52 23.45 -30.07
C LEU A 103 13.05 23.07 -30.02
N GLU A 104 12.57 22.72 -28.83
CA GLU A 104 11.18 22.34 -28.63
C GLU A 104 10.28 23.48 -29.15
N VAL A 105 10.65 24.70 -28.79
CA VAL A 105 9.91 25.88 -29.21
C VAL A 105 9.82 25.97 -30.74
N ILE A 106 10.95 25.90 -31.41
CA ILE A 106 10.96 26.02 -32.86
C ILE A 106 9.99 25.13 -33.63
N ASN A 107 9.79 23.89 -33.19
CA ASN A 107 8.88 23.02 -33.92
C ASN A 107 7.45 23.10 -33.36
N ASN A 108 7.34 23.25 -32.05
CA ASN A 108 6.03 23.30 -31.42
C ASN A 108 5.31 24.64 -31.49
N GLY A 109 6.03 25.71 -31.17
CA GLY A 109 5.43 27.01 -31.24
C GLY A 109 5.17 27.67 -29.91
N LYS A 110 5.15 26.90 -28.83
CA LYS A 110 4.91 27.49 -27.51
C LYS A 110 6.12 28.36 -27.13
N THR A 111 5.90 29.29 -26.22
CA THR A 111 6.96 30.22 -25.77
C THR A 111 8.02 29.49 -24.96
N ILE A 112 9.27 29.92 -25.03
CA ILE A 112 10.29 29.25 -24.22
C ILE A 112 9.99 29.36 -22.74
N THR A 113 9.31 30.43 -22.32
CA THR A 113 9.02 30.55 -20.91
C THR A 113 8.28 29.30 -20.48
N GLU A 114 7.43 28.78 -21.36
CA GLU A 114 6.71 27.54 -21.08
C GLU A 114 7.61 26.34 -21.36
N ALA A 115 8.14 26.29 -22.57
CA ALA A 115 9.01 25.20 -22.98
C ALA A 115 9.96 24.74 -21.88
N GLU A 116 10.62 25.69 -21.22
CA GLU A 116 11.54 25.33 -20.15
C GLU A 116 10.88 24.45 -19.08
N TYR A 117 9.71 24.86 -18.62
CA TYR A 117 8.99 24.07 -17.64
C TYR A 117 8.69 22.68 -18.19
N ASP A 118 8.25 22.63 -19.45
CA ASP A 118 7.95 21.37 -20.12
C ASP A 118 9.08 20.36 -19.98
N ILE A 119 10.30 20.84 -20.14
CA ILE A 119 11.42 19.94 -20.04
C ILE A 119 11.75 19.60 -18.58
N ASP A 120 11.82 20.57 -17.69
CA ASP A 120 12.08 20.20 -16.30
C ASP A 120 11.04 19.12 -15.96
N ALA A 121 9.82 19.31 -16.43
CA ALA A 121 8.76 18.35 -16.18
C ALA A 121 9.13 16.96 -16.70
N ALA A 122 9.86 16.94 -17.81
CA ALA A 122 10.27 15.70 -18.45
C ALA A 122 11.30 14.95 -17.62
N TRP A 123 12.38 15.64 -17.22
CA TRP A 123 13.41 14.97 -16.45
C TRP A 123 12.98 14.64 -15.04
N GLN A 124 12.00 15.35 -14.51
CA GLN A 124 11.54 15.05 -13.16
C GLN A 124 10.78 13.74 -13.18
N CYS A 125 10.00 13.56 -14.23
CA CYS A 125 9.18 12.38 -14.43
C CYS A 125 10.07 11.14 -14.47
N ILE A 126 11.20 11.27 -15.13
CA ILE A 126 12.11 10.17 -15.26
C ILE A 126 12.76 9.91 -13.93
N GLU A 127 13.26 10.97 -13.31
CA GLU A 127 13.93 10.88 -12.02
C GLU A 127 13.01 10.34 -10.95
N TYR A 128 11.71 10.55 -11.14
CA TYR A 128 10.71 10.09 -10.20
C TYR A 128 10.49 8.58 -10.32
N TYR A 129 10.17 8.13 -11.52
CA TYR A 129 9.96 6.71 -11.78
C TYR A 129 11.21 5.90 -11.53
N ALA A 130 12.36 6.53 -11.74
CA ALA A 130 13.61 5.87 -11.48
C ALA A 130 13.65 5.51 -9.99
N GLY A 131 13.42 6.50 -9.15
CA GLY A 131 13.46 6.24 -7.72
C GLY A 131 12.33 5.33 -7.32
N LEU A 132 11.42 5.09 -8.24
CA LEU A 132 10.31 4.26 -7.92
C LEU A 132 10.51 2.79 -8.34
N ALA A 133 11.47 2.55 -9.22
CA ALA A 133 11.71 1.20 -9.70
C ALA A 133 12.06 0.17 -8.63
N PRO A 134 12.92 0.52 -7.64
CA PRO A 134 13.35 -0.37 -6.55
C PRO A 134 12.22 -0.70 -5.59
N THR A 135 11.09 -0.07 -5.82
CA THR A 135 9.91 -0.20 -5.00
C THR A 135 8.95 -1.20 -5.56
N LEU A 136 9.06 -1.40 -6.87
CA LEU A 136 8.21 -2.35 -7.59
C LEU A 136 8.19 -3.70 -6.88
N SER A 137 6.99 -4.14 -6.48
CA SER A 137 6.86 -5.41 -5.77
C SER A 137 5.49 -6.05 -5.85
N GLY A 138 5.41 -7.27 -5.31
CA GLY A 138 4.18 -8.04 -5.28
C GLY A 138 3.96 -8.41 -3.82
N GLN A 139 3.00 -9.30 -3.56
CA GLN A 139 2.65 -9.71 -2.21
C GLN A 139 3.00 -11.16 -1.84
N HIS A 140 2.95 -11.45 -0.54
CA HIS A 140 3.17 -12.78 0.00
C HIS A 140 2.08 -12.98 1.03
N ILE A 141 1.18 -13.92 0.76
CA ILE A 141 0.08 -14.19 1.66
C ILE A 141 0.13 -15.62 2.15
N GLN A 142 -0.22 -15.81 3.43
CA GLN A 142 -0.23 -17.13 4.04
C GLN A 142 -1.65 -17.64 3.87
N LEU A 143 -1.76 -18.83 3.30
CA LEU A 143 -3.06 -19.43 3.03
C LEU A 143 -3.42 -20.53 4.02
N PRO A 144 -4.69 -20.96 4.01
CA PRO A 144 -5.15 -22.01 4.91
C PRO A 144 -4.34 -23.29 4.73
N GLY A 145 -4.12 -24.02 5.83
CA GLY A 145 -3.42 -25.29 5.79
C GLY A 145 -1.97 -25.31 5.37
N GLY A 146 -1.19 -24.36 5.86
CA GLY A 146 0.23 -24.31 5.53
C GLY A 146 0.68 -23.79 4.17
N ALA A 147 -0.17 -23.89 3.13
CA ALA A 147 0.22 -23.39 1.81
C ALA A 147 0.35 -21.85 1.81
N PHE A 148 1.07 -21.31 0.83
CA PHE A 148 1.21 -19.86 0.76
C PHE A 148 1.26 -19.42 -0.69
N ALA A 149 0.91 -18.16 -0.93
CA ALA A 149 0.91 -17.66 -2.30
C ALA A 149 1.74 -16.40 -2.40
N TYR A 150 2.12 -16.02 -3.61
CA TYR A 150 2.87 -14.79 -3.75
C TYR A 150 2.74 -14.32 -5.18
N THR A 151 2.69 -13.01 -5.36
CA THR A 151 2.57 -12.42 -6.67
C THR A 151 3.88 -11.79 -7.11
N ARG A 152 4.17 -11.86 -8.42
CA ARG A 152 5.40 -11.24 -8.94
C ARG A 152 4.90 -10.09 -9.81
N ARG A 153 5.51 -8.91 -9.67
CA ARG A 153 5.08 -7.81 -10.51
C ARG A 153 6.01 -7.88 -11.73
N GLU A 154 5.46 -8.30 -12.87
CA GLU A 154 6.27 -8.45 -14.08
C GLU A 154 5.95 -7.43 -15.17
N PRO A 155 6.94 -7.12 -16.02
CA PRO A 155 6.78 -6.17 -17.11
C PRO A 155 5.86 -6.76 -18.13
N LEU A 156 5.28 -5.90 -18.96
CA LEU A 156 4.35 -6.35 -20.00
C LEU A 156 5.01 -6.93 -21.26
N GLY A 157 6.11 -6.33 -21.70
CA GLY A 157 6.79 -6.77 -22.90
C GLY A 157 7.15 -5.51 -23.65
N VAL A 158 6.68 -5.39 -24.89
CA VAL A 158 6.98 -4.19 -25.69
C VAL A 158 5.76 -3.29 -25.72
N CYS A 159 5.98 -2.10 -25.16
CA CYS A 159 4.98 -1.04 -25.05
C CYS A 159 5.06 -0.02 -26.16
N ALA A 160 3.94 0.24 -26.82
CA ALA A 160 3.89 1.22 -27.90
C ALA A 160 3.22 2.52 -27.44
N GLY A 161 3.86 3.65 -27.71
CA GLY A 161 3.28 4.91 -27.32
C GLY A 161 2.94 5.72 -28.54
N ILE A 162 1.72 6.25 -28.61
CA ILE A 162 1.30 7.08 -29.73
C ILE A 162 1.06 8.48 -29.16
N LEU A 163 1.99 9.38 -29.43
CA LEU A 163 1.99 10.75 -28.90
C LEU A 163 1.15 11.84 -29.60
N ALA A 164 1.11 13.01 -28.96
CA ALA A 164 0.36 14.16 -29.48
C ALA A 164 1.33 15.30 -29.66
N TRP A 165 0.90 16.39 -30.29
CA TRP A 165 1.84 17.48 -30.53
C TRP A 165 1.87 18.65 -29.57
N ASN A 166 0.92 18.78 -28.68
CA ASN A 166 0.99 19.95 -27.83
C ASN A 166 2.14 19.97 -26.82
N TYR A 167 2.68 18.81 -26.46
CA TYR A 167 3.84 18.72 -25.54
C TYR A 167 4.72 17.56 -26.02
N PRO A 168 5.40 17.74 -27.16
CA PRO A 168 6.25 16.68 -27.72
C PRO A 168 7.22 15.97 -26.77
N PHE A 169 8.18 16.69 -26.22
CA PHE A 169 9.18 16.08 -25.35
C PHE A 169 8.59 15.60 -24.04
N MET A 170 7.66 16.38 -23.48
CA MET A 170 7.10 16.01 -22.20
C MET A 170 6.26 14.75 -22.22
N ILE A 171 5.34 14.65 -23.16
CA ILE A 171 4.49 13.46 -23.23
C ILE A 171 5.27 12.17 -23.54
N ALA A 172 6.28 12.23 -24.41
CA ALA A 172 7.09 11.06 -24.71
C ALA A 172 7.75 10.59 -23.41
N ALA A 173 8.29 11.54 -22.65
CA ALA A 173 8.94 11.23 -21.38
C ALA A 173 7.94 10.60 -20.41
N TRP A 174 6.75 11.14 -20.39
CA TRP A 174 5.70 10.65 -19.51
C TRP A 174 5.27 9.22 -19.83
N LYS A 175 5.55 8.76 -21.05
CA LYS A 175 5.18 7.39 -21.39
C LYS A 175 6.37 6.46 -21.18
N CYS A 176 7.56 6.90 -21.59
CA CYS A 176 8.74 6.06 -21.41
C CYS A 176 9.09 5.86 -19.93
N ALA A 177 9.14 6.96 -19.18
CA ALA A 177 9.52 6.92 -17.75
C ALA A 177 8.90 5.73 -17.02
N PRO A 178 7.58 5.73 -16.84
CA PRO A 178 7.04 4.58 -16.15
C PRO A 178 7.31 3.26 -16.89
N ALA A 179 7.14 3.23 -18.22
CA ALA A 179 7.36 2.02 -19.02
C ALA A 179 8.67 1.31 -18.71
N LEU A 180 9.76 2.07 -18.77
CA LEU A 180 11.07 1.54 -18.47
C LEU A 180 11.24 1.21 -16.99
N ALA A 181 10.81 2.12 -16.11
CA ALA A 181 10.93 1.84 -14.69
C ALA A 181 10.40 0.43 -14.40
N CYS A 182 9.38 0.02 -15.15
CA CYS A 182 8.77 -1.28 -14.96
C CYS A 182 9.43 -2.44 -15.69
N GLY A 183 10.44 -2.17 -16.50
CA GLY A 183 11.12 -3.23 -17.19
C GLY A 183 10.71 -3.47 -18.63
N ASN A 184 9.79 -2.66 -19.13
CA ASN A 184 9.32 -2.79 -20.51
C ASN A 184 10.29 -2.16 -21.50
N ALA A 185 10.05 -2.45 -22.77
CA ALA A 185 10.84 -1.86 -23.85
C ALA A 185 9.83 -0.91 -24.52
N VAL A 186 10.28 0.19 -25.08
CA VAL A 186 9.35 1.12 -25.70
C VAL A 186 9.58 1.43 -27.17
N VAL A 187 8.48 1.62 -27.89
CA VAL A 187 8.52 2.03 -29.29
C VAL A 187 7.46 3.12 -29.42
N PHE A 188 7.85 4.38 -29.60
CA PHE A 188 6.82 5.42 -29.74
C PHE A 188 6.85 6.18 -31.06
N LYS A 189 5.71 6.73 -31.43
CA LYS A 189 5.53 7.46 -32.67
C LYS A 189 5.08 8.87 -32.40
N PRO A 190 5.98 9.84 -32.51
CA PRO A 190 5.64 11.25 -32.28
C PRO A 190 4.66 11.75 -33.34
N SER A 191 4.02 12.88 -33.05
CA SER A 191 3.08 13.48 -33.99
C SER A 191 3.88 13.95 -35.19
N PRO A 192 3.46 13.58 -36.40
CA PRO A 192 4.15 13.97 -37.62
C PRO A 192 4.49 15.46 -37.73
N MET A 193 3.76 16.30 -36.99
CA MET A 193 4.00 17.73 -36.99
C MET A 193 5.19 18.10 -36.11
N THR A 194 5.49 17.23 -35.13
CA THR A 194 6.58 17.46 -34.18
C THR A 194 7.47 16.21 -33.97
N PRO A 195 8.09 15.69 -35.04
CA PRO A 195 8.94 14.50 -34.95
C PRO A 195 10.34 14.66 -34.43
N VAL A 196 10.84 15.88 -34.47
CA VAL A 196 12.21 16.14 -34.04
C VAL A 196 12.65 15.91 -32.56
N THR A 197 12.14 16.68 -31.60
CA THR A 197 12.61 16.46 -30.23
C THR A 197 12.46 15.03 -29.64
N GLY A 198 11.54 14.25 -30.18
CA GLY A 198 11.35 12.92 -29.64
C GLY A 198 12.59 12.07 -29.71
N VAL A 199 13.10 11.89 -30.91
CA VAL A 199 14.27 11.08 -31.09
C VAL A 199 15.42 11.49 -30.13
N ILE A 200 15.49 12.76 -29.77
CA ILE A 200 16.53 13.25 -28.86
C ILE A 200 16.50 12.44 -27.56
N LEU A 201 15.31 12.42 -26.97
CA LEU A 201 15.12 11.69 -25.73
C LEU A 201 15.68 10.27 -25.91
N ALA A 202 15.24 9.62 -27.00
CA ALA A 202 15.67 8.27 -27.33
C ALA A 202 17.20 8.15 -27.28
N GLU A 203 17.88 9.00 -28.02
CA GLU A 203 19.31 8.94 -27.99
C GLU A 203 19.80 9.06 -26.55
N ILE A 204 19.26 10.00 -25.79
CA ILE A 204 19.74 10.19 -24.44
C ILE A 204 19.68 8.94 -23.61
N PHE A 205 18.57 8.19 -23.68
CA PHE A 205 18.47 6.97 -22.90
C PHE A 205 19.60 6.02 -23.27
N HIS A 206 19.87 5.90 -24.57
CA HIS A 206 20.96 5.06 -25.03
C HIS A 206 22.25 5.57 -24.40
N GLU A 207 22.46 6.88 -24.50
CA GLU A 207 23.65 7.51 -23.94
C GLU A 207 23.74 7.25 -22.43
N ALA A 208 22.59 7.18 -21.78
CA ALA A 208 22.58 6.93 -20.35
C ALA A 208 23.11 5.53 -20.03
N GLY A 209 22.89 4.58 -20.93
CA GLY A 209 23.35 3.22 -20.69
C GLY A 209 22.28 2.16 -20.83
N VAL A 210 21.23 2.50 -21.54
CA VAL A 210 20.15 1.59 -21.76
C VAL A 210 20.55 0.55 -22.80
N PRO A 211 20.07 -0.69 -22.66
CA PRO A 211 20.41 -1.73 -23.64
C PRO A 211 19.97 -1.28 -25.03
N VAL A 212 20.87 -1.46 -25.99
CA VAL A 212 20.59 -1.05 -27.34
C VAL A 212 19.26 -1.54 -27.84
N GLY A 213 18.40 -0.59 -28.23
CA GLY A 213 17.10 -0.93 -28.77
C GLY A 213 15.93 -0.78 -27.84
N LEU A 214 16.18 -0.53 -26.55
CA LEU A 214 15.10 -0.40 -25.56
C LEU A 214 14.13 0.72 -25.88
N VAL A 215 14.63 1.82 -26.40
CA VAL A 215 13.76 2.91 -26.72
C VAL A 215 13.90 3.18 -28.19
N ASN A 216 12.83 2.97 -28.94
CA ASN A 216 12.84 3.21 -30.38
C ASN A 216 11.84 4.30 -30.76
N VAL A 217 11.98 4.82 -31.98
CA VAL A 217 11.09 5.86 -32.47
C VAL A 217 10.78 5.68 -33.95
N VAL A 218 9.50 5.69 -34.29
CA VAL A 218 9.12 5.58 -35.69
C VAL A 218 8.27 6.78 -35.99
N GLN A 219 8.54 7.44 -37.10
CA GLN A 219 7.75 8.59 -37.48
C GLN A 219 6.60 8.17 -38.39
N GLY A 220 5.62 9.07 -38.56
CA GLY A 220 4.46 8.78 -39.40
C GLY A 220 3.14 9.15 -38.75
N GLY A 221 2.03 8.79 -39.40
CA GLY A 221 0.73 9.12 -38.86
C GLY A 221 -0.23 7.96 -38.72
N ALA A 222 -1.47 8.17 -39.16
CA ALA A 222 -2.51 7.14 -39.07
C ALA A 222 -2.03 5.76 -39.45
N GLU A 223 -1.58 5.60 -40.70
CA GLU A 223 -1.11 4.30 -41.19
C GLU A 223 -0.14 3.69 -40.18
N THR A 224 0.90 4.44 -39.85
CA THR A 224 1.90 3.98 -38.92
C THR A 224 1.30 3.57 -37.59
N GLY A 225 0.67 4.53 -36.92
CA GLY A 225 0.05 4.25 -35.64
C GLY A 225 -0.76 2.96 -35.66
N SER A 226 -1.39 2.68 -36.78
CA SER A 226 -2.20 1.48 -36.90
C SER A 226 -1.33 0.26 -36.85
N LEU A 227 -0.27 0.27 -37.64
CA LEU A 227 0.64 -0.85 -37.63
C LEU A 227 1.04 -1.19 -36.19
N LEU A 228 1.27 -0.17 -35.37
CA LEU A 228 1.63 -0.40 -33.97
C LEU A 228 0.55 -1.16 -33.22
N CYS A 229 -0.71 -0.76 -33.40
CA CYS A 229 -1.83 -1.40 -32.72
C CYS A 229 -2.11 -2.81 -33.18
N HIS A 230 -1.76 -3.11 -34.42
CA HIS A 230 -1.98 -4.44 -34.95
C HIS A 230 -0.80 -5.35 -34.73
N HIS A 231 0.39 -4.79 -34.62
CA HIS A 231 1.55 -5.66 -34.44
C HIS A 231 1.38 -6.63 -33.29
N PRO A 232 1.54 -7.93 -33.56
CA PRO A 232 1.40 -9.03 -32.59
C PRO A 232 2.45 -9.07 -31.49
N ASN A 233 3.47 -8.24 -31.57
CA ASN A 233 4.46 -8.32 -30.52
C ASN A 233 4.47 -7.14 -29.56
N VAL A 234 3.45 -6.29 -29.71
CA VAL A 234 3.28 -5.13 -28.87
C VAL A 234 2.26 -5.61 -27.86
N ALA A 235 2.63 -5.53 -26.58
CA ALA A 235 1.76 -5.99 -25.52
C ALA A 235 0.84 -4.89 -25.04
N LYS A 236 1.27 -3.64 -25.17
CA LYS A 236 0.47 -2.51 -24.71
C LYS A 236 0.52 -1.30 -25.63
N VAL A 237 -0.61 -0.59 -25.72
CA VAL A 237 -0.70 0.66 -26.50
C VAL A 237 -1.09 1.77 -25.50
N SER A 238 -0.36 2.87 -25.53
CA SER A 238 -0.63 4.01 -24.65
C SER A 238 -0.89 5.19 -25.58
N PHE A 239 -2.16 5.53 -25.72
CA PHE A 239 -2.57 6.59 -26.61
C PHE A 239 -2.95 7.95 -25.99
N THR A 240 -2.57 9.01 -26.67
CA THR A 240 -2.93 10.37 -26.24
C THR A 240 -3.36 11.15 -27.49
N GLY A 241 -4.59 11.63 -27.51
CA GLY A 241 -5.04 12.37 -28.66
C GLY A 241 -6.53 12.59 -28.56
N SER A 242 -7.17 12.81 -29.71
CA SER A 242 -8.60 13.06 -29.76
C SER A 242 -9.45 11.84 -29.41
N VAL A 243 -10.70 12.11 -29.00
CA VAL A 243 -11.62 11.06 -28.64
C VAL A 243 -11.87 10.17 -29.84
N PRO A 244 -12.20 10.76 -30.98
CA PRO A 244 -12.48 9.96 -32.19
C PRO A 244 -11.41 8.90 -32.47
N THR A 245 -10.15 9.30 -32.37
CA THR A 245 -9.05 8.38 -32.63
C THR A 245 -8.93 7.38 -31.49
N GLY A 246 -8.96 7.87 -30.25
CA GLY A 246 -8.87 6.99 -29.11
C GLY A 246 -9.80 5.81 -29.34
N LYS A 247 -11.00 6.11 -29.84
CA LYS A 247 -11.98 5.07 -30.13
C LYS A 247 -11.47 4.07 -31.18
N LYS A 248 -10.85 4.55 -32.25
CA LYS A 248 -10.33 3.63 -33.25
C LYS A 248 -9.20 2.79 -32.67
N VAL A 249 -8.27 3.45 -31.97
CA VAL A 249 -7.16 2.74 -31.37
C VAL A 249 -7.61 1.60 -30.49
N MET A 250 -8.63 1.86 -29.67
CA MET A 250 -9.10 0.81 -28.78
C MET A 250 -9.65 -0.37 -29.56
N GLU A 251 -10.29 -0.11 -30.69
CA GLU A 251 -10.87 -1.18 -31.51
C GLU A 251 -9.84 -2.09 -32.13
N MET A 252 -8.81 -1.48 -32.67
CA MET A 252 -7.77 -2.25 -33.31
C MET A 252 -7.05 -3.05 -32.25
N SER A 253 -6.85 -2.45 -31.07
CA SER A 253 -6.14 -3.13 -29.99
C SER A 253 -6.86 -4.39 -29.56
N ALA A 254 -8.16 -4.42 -29.77
CA ALA A 254 -8.97 -5.55 -29.37
C ALA A 254 -8.64 -6.84 -30.11
N LYS A 255 -8.28 -6.71 -31.39
CA LYS A 255 -8.00 -7.87 -32.20
C LYS A 255 -6.91 -8.76 -31.63
N THR A 256 -6.15 -8.22 -30.69
CA THR A 256 -5.08 -8.96 -30.07
C THR A 256 -5.18 -9.01 -28.56
N VAL A 257 -6.17 -8.30 -28.02
CA VAL A 257 -6.36 -8.29 -26.59
C VAL A 257 -5.25 -7.49 -25.92
N LYS A 258 -4.76 -6.45 -26.61
CA LYS A 258 -3.73 -5.58 -26.06
C LYS A 258 -4.19 -4.75 -24.86
N HIS A 259 -3.27 -4.46 -23.95
CA HIS A 259 -3.60 -3.59 -22.81
C HIS A 259 -3.67 -2.21 -23.42
N VAL A 260 -4.63 -1.41 -22.98
CA VAL A 260 -4.76 -0.08 -23.54
C VAL A 260 -5.03 0.97 -22.48
N THR A 261 -4.58 2.20 -22.74
CA THR A 261 -4.85 3.33 -21.86
C THR A 261 -5.05 4.50 -22.80
N LEU A 262 -6.09 5.29 -22.55
CA LEU A 262 -6.36 6.44 -23.40
C LEU A 262 -6.52 7.72 -22.60
N GLU A 263 -5.70 8.71 -22.93
CA GLU A 263 -5.75 10.03 -22.29
C GLU A 263 -6.31 10.87 -23.46
N LEU A 264 -7.63 10.82 -23.66
CA LEU A 264 -8.31 11.56 -24.72
C LEU A 264 -8.47 13.06 -24.38
N GLY A 265 -9.36 13.75 -25.08
CA GLY A 265 -9.52 15.17 -24.80
C GLY A 265 -10.48 15.56 -23.67
N GLY A 266 -11.04 16.77 -23.78
CA GLY A 266 -11.98 17.26 -22.79
C GLY A 266 -12.52 18.67 -23.02
N LYS A 267 -13.62 18.99 -22.34
CA LYS A 267 -14.26 20.31 -22.40
C LYS A 267 -14.56 20.60 -20.91
N SER A 268 -13.49 20.72 -20.15
CA SER A 268 -13.56 20.91 -18.71
C SER A 268 -14.07 22.26 -18.22
N PRO A 269 -14.89 22.25 -17.18
CA PRO A 269 -15.49 23.41 -16.55
C PRO A 269 -14.73 24.04 -15.38
N LEU A 270 -14.69 25.37 -15.37
CA LEU A 270 -14.06 26.12 -14.29
C LEU A 270 -15.17 26.85 -13.56
N LEU A 271 -15.30 26.61 -12.26
CA LEU A 271 -16.38 27.23 -11.48
C LEU A 271 -15.90 28.34 -10.55
N ILE A 272 -16.51 29.52 -10.73
CA ILE A 272 -16.16 30.70 -9.93
C ILE A 272 -17.32 31.14 -9.05
N PHE A 273 -17.17 31.01 -7.74
CA PHE A 273 -18.23 31.43 -6.84
C PHE A 273 -17.98 32.84 -6.36
N LYS A 274 -19.06 33.55 -6.04
CA LYS A 274 -18.97 34.94 -5.61
C LYS A 274 -18.12 35.22 -4.38
N ASP A 275 -17.83 34.19 -3.59
CA ASP A 275 -17.01 34.40 -2.39
C ASP A 275 -15.53 34.16 -2.65
N CYS A 276 -15.15 34.02 -3.91
CA CYS A 276 -13.75 33.77 -4.22
C CYS A 276 -12.93 35.03 -4.05
N GLU A 277 -11.69 35.02 -4.57
CA GLU A 277 -10.78 36.18 -4.53
C GLU A 277 -10.50 36.49 -6.01
N LEU A 278 -11.28 37.43 -6.56
CA LEU A 278 -11.13 37.79 -7.96
C LEU A 278 -9.76 37.66 -8.63
N GLU A 279 -8.72 38.27 -8.06
CA GLU A 279 -7.41 38.19 -8.71
C GLU A 279 -6.99 36.76 -9.01
N ASN A 280 -6.98 35.92 -7.97
CA ASN A 280 -6.60 34.53 -8.14
C ASN A 280 -7.54 33.86 -9.12
N ALA A 281 -8.83 34.20 -9.04
CA ALA A 281 -9.83 33.65 -9.95
C ALA A 281 -9.57 34.08 -11.40
N VAL A 282 -9.17 35.33 -11.56
CA VAL A 282 -8.88 35.82 -12.89
C VAL A 282 -7.70 35.04 -13.44
N ARG A 283 -6.67 34.89 -12.62
CA ARG A 283 -5.47 34.15 -12.99
C ARG A 283 -5.84 32.74 -13.40
N GLY A 284 -6.66 32.08 -12.59
CA GLY A 284 -7.09 30.75 -12.89
C GLY A 284 -7.67 30.69 -14.29
N ALA A 285 -8.76 31.44 -14.52
CA ALA A 285 -9.44 31.46 -15.81
C ALA A 285 -8.43 31.65 -16.91
N LEU A 286 -7.48 32.52 -16.61
CA LEU A 286 -6.42 32.88 -17.53
C LEU A 286 -5.51 31.68 -17.78
N MET A 287 -4.88 31.20 -16.72
CA MET A 287 -3.97 30.05 -16.77
C MET A 287 -4.67 28.80 -17.30
N ALA A 288 -5.98 28.73 -17.07
CA ALA A 288 -6.78 27.59 -17.52
C ALA A 288 -7.17 27.66 -18.98
N ASN A 289 -6.77 28.74 -19.66
CA ASN A 289 -7.18 28.94 -21.04
C ASN A 289 -6.16 29.29 -22.09
N PHE A 290 -5.04 29.89 -21.69
CA PHE A 290 -4.08 30.32 -22.69
C PHE A 290 -2.62 29.83 -22.66
N LEU A 291 -2.35 28.70 -22.02
CA LEU A 291 -0.99 28.16 -22.01
C LEU A 291 -0.83 27.45 -23.36
N THR A 292 0.39 27.45 -23.90
CA THR A 292 0.63 26.80 -25.18
C THR A 292 -0.49 27.10 -26.21
N GLN A 293 -0.68 28.37 -26.47
CA GLN A 293 -1.67 28.81 -27.43
C GLN A 293 -3.05 28.23 -27.15
N GLY A 294 -3.32 27.86 -25.91
CA GLY A 294 -4.62 27.31 -25.56
C GLY A 294 -4.86 25.94 -26.17
N GLN A 295 -3.79 25.27 -26.59
CA GLN A 295 -3.87 23.95 -27.19
C GLN A 295 -3.57 22.90 -26.12
N VAL A 296 -4.17 23.09 -24.96
CA VAL A 296 -4.00 22.17 -23.84
C VAL A 296 -5.31 21.42 -23.53
N CYS A 297 -5.23 20.10 -23.54
CA CYS A 297 -6.37 19.25 -23.28
C CYS A 297 -7.08 19.49 -21.93
N THR A 298 -6.34 19.85 -20.88
CA THR A 298 -6.96 20.07 -19.57
C THR A 298 -7.52 21.46 -19.29
N ASN A 299 -7.58 22.31 -20.31
CA ASN A 299 -8.06 23.67 -20.17
C ASN A 299 -9.53 23.82 -19.79
N GLY A 300 -9.79 24.70 -18.82
CA GLY A 300 -11.14 24.97 -18.34
C GLY A 300 -11.75 25.98 -19.29
N THR A 301 -11.96 25.54 -20.52
CA THR A 301 -12.50 26.33 -21.61
C THR A 301 -14.00 26.70 -21.46
N ARG A 302 -14.62 26.21 -20.42
CA ARG A 302 -16.03 26.44 -20.18
C ARG A 302 -16.10 27.02 -18.76
N VAL A 303 -15.91 28.34 -18.66
CA VAL A 303 -15.90 29.06 -17.38
C VAL A 303 -17.23 29.54 -16.84
N PHE A 304 -17.65 29.01 -15.70
CA PHE A 304 -18.90 29.41 -15.07
C PHE A 304 -18.63 30.41 -13.95
N VAL A 305 -19.15 31.62 -14.11
CA VAL A 305 -18.98 32.65 -13.09
C VAL A 305 -20.32 32.97 -12.46
N GLN A 306 -20.35 32.98 -11.13
CA GLN A 306 -21.58 33.26 -10.41
C GLN A 306 -22.03 34.70 -10.71
N ARG A 307 -23.25 34.82 -11.21
CA ARG A 307 -23.84 36.10 -11.63
C ARG A 307 -23.46 37.40 -10.93
N GLU A 308 -23.49 37.45 -9.61
CA GLU A 308 -23.14 38.67 -8.88
C GLU A 308 -21.81 39.29 -9.27
N ILE A 309 -20.79 38.46 -9.49
CA ILE A 309 -19.46 38.98 -9.85
C ILE A 309 -19.17 38.97 -11.34
N MET A 310 -20.11 38.47 -12.14
CA MET A 310 -19.93 38.40 -13.59
C MET A 310 -19.26 39.64 -14.21
N PRO A 311 -19.77 40.85 -13.93
CA PRO A 311 -19.23 42.11 -14.45
C PRO A 311 -17.77 42.39 -14.13
N GLN A 312 -17.47 42.67 -12.86
CA GLN A 312 -16.11 42.97 -12.44
C GLN A 312 -15.13 41.88 -12.85
N PHE A 313 -15.57 40.62 -12.83
CA PHE A 313 -14.72 39.52 -13.27
C PHE A 313 -14.43 39.67 -14.76
N LEU A 314 -15.50 39.65 -15.55
CA LEU A 314 -15.43 39.74 -16.99
C LEU A 314 -14.66 40.98 -17.48
N GLU A 315 -14.63 42.03 -16.68
CA GLU A 315 -13.92 43.26 -17.04
C GLU A 315 -12.41 43.06 -17.00
N GLU A 316 -11.90 42.73 -15.82
CA GLU A 316 -10.48 42.49 -15.56
C GLU A 316 -9.88 41.37 -16.42
N VAL A 317 -10.68 40.36 -16.73
CA VAL A 317 -10.20 39.26 -17.52
C VAL A 317 -10.08 39.60 -19.01
N VAL A 318 -10.94 40.50 -19.52
CA VAL A 318 -10.86 40.91 -20.93
C VAL A 318 -9.63 41.81 -21.13
N LYS A 319 -9.37 42.64 -20.13
CA LYS A 319 -8.24 43.53 -20.13
C LYS A 319 -6.97 42.67 -20.19
N ARG A 320 -6.85 41.74 -19.23
CA ARG A 320 -5.72 40.82 -19.11
C ARG A 320 -5.45 39.99 -20.36
N THR A 321 -6.51 39.51 -20.99
CA THR A 321 -6.35 38.72 -22.21
C THR A 321 -5.82 39.60 -23.33
N LYS A 322 -6.21 40.87 -23.34
CA LYS A 322 -5.76 41.79 -24.38
C LYS A 322 -4.32 42.17 -24.13
N ALA A 323 -3.92 42.12 -22.87
CA ALA A 323 -2.56 42.46 -22.48
C ALA A 323 -1.56 41.31 -22.75
N ILE A 324 -2.00 40.25 -23.42
CA ILE A 324 -1.11 39.12 -23.72
C ILE A 324 -0.28 39.45 -24.94
N VAL A 325 1.03 39.29 -24.84
CA VAL A 325 1.96 39.57 -25.94
C VAL A 325 2.13 38.43 -26.94
N VAL A 326 1.66 38.62 -28.16
CA VAL A 326 1.82 37.57 -29.15
C VAL A 326 2.96 37.94 -30.07
N GLY A 327 3.89 37.01 -30.29
CA GLY A 327 5.02 37.30 -31.16
C GLY A 327 6.07 36.21 -31.27
N ASP A 328 7.35 36.61 -31.25
CA ASP A 328 8.41 35.62 -31.34
C ASP A 328 8.42 34.76 -30.07
N PRO A 329 8.13 33.45 -30.24
CA PRO A 329 8.08 32.46 -29.16
C PRO A 329 9.40 32.28 -28.42
N LEU A 330 10.51 32.55 -29.11
CA LEU A 330 11.83 32.39 -28.55
C LEU A 330 12.23 33.62 -27.73
N LEU A 331 11.25 34.52 -27.53
CA LEU A 331 11.46 35.74 -26.74
C LEU A 331 10.89 35.51 -25.35
N THR A 332 11.59 35.97 -24.33
CA THR A 332 11.12 35.74 -22.96
C THR A 332 9.91 36.57 -22.56
N GLU A 333 9.72 37.74 -23.17
CA GLU A 333 8.56 38.55 -22.83
C GLU A 333 7.32 38.11 -23.61
N THR A 334 7.48 37.24 -24.59
CA THR A 334 6.33 36.76 -25.36
C THR A 334 5.46 35.85 -24.48
N ARG A 335 4.15 35.96 -24.60
CA ARG A 335 3.29 35.11 -23.79
C ARG A 335 2.45 34.15 -24.60
N MET A 336 2.57 34.22 -25.93
CA MET A 336 1.85 33.31 -26.81
C MET A 336 2.50 33.26 -28.18
N GLY A 337 2.72 32.05 -28.67
CA GLY A 337 3.33 31.87 -29.97
C GLY A 337 2.24 31.62 -30.97
N GLY A 338 2.61 31.02 -32.10
CA GLY A 338 1.64 30.72 -33.14
C GLY A 338 1.11 29.34 -32.89
N LEU A 339 -0.04 28.98 -33.48
CA LEU A 339 -0.59 27.65 -33.29
C LEU A 339 0.26 26.65 -34.07
N ILE A 340 -0.09 25.37 -33.96
CA ILE A 340 0.71 24.31 -34.56
C ILE A 340 0.71 24.27 -36.07
N SER A 341 -0.42 24.55 -36.70
CA SER A 341 -0.45 24.51 -38.16
C SER A 341 -1.53 25.45 -38.70
N LYS A 342 -1.47 25.72 -39.99
CA LYS A 342 -2.42 26.58 -40.67
C LYS A 342 -3.79 25.99 -40.49
N PRO A 343 -3.96 24.72 -40.86
CA PRO A 343 -5.27 24.09 -40.70
C PRO A 343 -5.87 24.30 -39.32
N GLN A 344 -5.05 24.14 -38.28
CA GLN A 344 -5.52 24.34 -36.91
C GLN A 344 -5.97 25.77 -36.69
N LEU A 345 -5.19 26.72 -37.19
CA LEU A 345 -5.55 28.13 -37.06
C LEU A 345 -6.90 28.38 -37.69
N ASP A 346 -7.10 27.89 -38.92
CA ASP A 346 -8.36 28.09 -39.63
C ASP A 346 -9.51 27.42 -38.90
N LYS A 347 -9.22 26.28 -38.30
CA LYS A 347 -10.22 25.54 -37.56
C LYS A 347 -10.61 26.35 -36.34
N VAL A 348 -9.63 26.84 -35.58
CA VAL A 348 -9.93 27.62 -34.37
C VAL A 348 -10.72 28.88 -34.71
N LEU A 349 -10.33 29.55 -35.79
CA LEU A 349 -11.04 30.76 -36.19
C LEU A 349 -12.46 30.39 -36.63
N GLY A 350 -12.57 29.34 -37.43
CA GLY A 350 -13.89 28.91 -37.86
C GLY A 350 -14.83 28.76 -36.68
N PHE A 351 -14.32 28.28 -35.55
CA PHE A 351 -15.15 28.13 -34.35
C PHE A 351 -15.65 29.48 -33.83
N VAL A 352 -14.75 30.45 -33.70
CA VAL A 352 -15.15 31.76 -33.21
C VAL A 352 -16.22 32.35 -34.14
N ALA A 353 -16.03 32.16 -35.44
CA ALA A 353 -16.94 32.64 -36.47
C ALA A 353 -18.34 32.14 -36.22
N GLN A 354 -18.47 30.82 -36.16
CA GLN A 354 -19.78 30.24 -35.93
C GLN A 354 -20.32 30.58 -34.54
N ALA A 355 -19.44 30.97 -33.63
CA ALA A 355 -19.86 31.32 -32.28
C ALA A 355 -20.78 32.52 -32.38
N LYS A 356 -20.29 33.59 -33.00
CA LYS A 356 -21.11 34.77 -33.12
C LYS A 356 -22.32 34.52 -33.99
N LYS A 357 -22.21 33.55 -34.90
CA LYS A 357 -23.35 33.23 -35.74
C LYS A 357 -24.40 32.52 -34.91
N GLU A 358 -24.05 32.10 -33.70
CA GLU A 358 -25.02 31.42 -32.85
C GLU A 358 -25.45 32.33 -31.70
N GLY A 359 -24.95 33.56 -31.69
CA GLY A 359 -25.32 34.49 -30.65
C GLY A 359 -24.19 34.93 -29.76
N ALA A 360 -23.07 34.22 -29.85
CA ALA A 360 -21.90 34.56 -29.05
C ALA A 360 -21.53 36.02 -29.27
N ARG A 361 -20.96 36.62 -28.24
CA ARG A 361 -20.58 38.01 -28.25
C ARG A 361 -19.08 38.08 -27.94
N VAL A 362 -18.27 38.34 -28.95
CA VAL A 362 -16.82 38.44 -28.80
C VAL A 362 -16.33 39.70 -28.09
N LEU A 363 -15.78 39.57 -26.89
CA LEU A 363 -15.30 40.72 -26.14
C LEU A 363 -13.89 41.11 -26.51
N CYS A 364 -13.15 40.23 -27.19
CA CYS A 364 -11.78 40.52 -27.63
C CYS A 364 -11.12 39.35 -28.34
N GLY A 365 -10.15 39.65 -29.18
CA GLY A 365 -9.45 38.62 -29.92
C GLY A 365 -10.37 37.88 -30.86
N GLY A 366 -9.89 36.78 -31.41
CA GLY A 366 -10.71 35.98 -32.30
C GLY A 366 -10.45 36.21 -33.76
N GLU A 367 -9.36 36.90 -34.08
CA GLU A 367 -9.07 37.16 -35.48
C GLU A 367 -7.62 36.86 -35.79
N PRO A 368 -7.31 36.71 -37.09
CA PRO A 368 -5.94 36.43 -37.49
C PRO A 368 -5.07 37.53 -36.93
N LEU A 369 -3.76 37.39 -37.05
CA LEU A 369 -2.85 38.41 -36.53
C LEU A 369 -1.65 38.50 -37.47
N THR A 370 -0.86 39.56 -37.30
CA THR A 370 0.34 39.75 -38.09
C THR A 370 1.29 40.58 -37.28
N PRO A 371 2.25 39.92 -36.61
CA PRO A 371 3.26 40.58 -35.77
C PRO A 371 4.06 41.63 -36.53
N SER A 372 4.54 42.64 -35.81
CA SER A 372 5.34 43.69 -36.41
C SER A 372 6.55 43.10 -37.10
N ASP A 373 7.30 42.30 -36.35
CA ASP A 373 8.51 41.65 -36.88
C ASP A 373 8.24 41.01 -38.22
N PRO A 374 9.00 41.37 -39.23
CA PRO A 374 8.85 40.83 -40.58
C PRO A 374 8.99 39.32 -40.73
N LYS A 375 9.83 38.67 -39.93
CA LYS A 375 10.01 37.23 -40.06
C LYS A 375 8.84 36.40 -39.59
N LEU A 376 7.97 37.01 -38.79
CA LEU A 376 6.80 36.33 -38.27
C LEU A 376 5.56 36.58 -39.12
N LYS A 377 5.75 37.15 -40.31
CA LYS A 377 4.63 37.45 -41.18
C LYS A 377 3.83 36.25 -41.59
N ASN A 378 4.52 35.12 -41.76
CA ASN A 378 3.84 33.90 -42.17
C ASN A 378 3.52 32.91 -41.05
N GLY A 379 3.74 33.34 -39.82
CA GLY A 379 3.46 32.50 -38.67
C GLY A 379 1.98 32.23 -38.58
N TYR A 380 1.59 31.30 -37.71
CA TYR A 380 0.19 30.94 -37.56
C TYR A 380 -0.35 31.62 -36.32
N PHE A 381 -0.41 32.95 -36.33
CA PHE A 381 -0.91 33.69 -35.16
C PHE A 381 -2.37 34.15 -35.26
N MET A 382 -2.99 34.25 -34.08
CA MET A 382 -4.36 34.72 -33.92
C MET A 382 -4.37 35.31 -32.50
N SER A 383 -5.34 36.13 -32.18
CA SER A 383 -5.36 36.75 -30.88
C SER A 383 -6.30 36.06 -29.92
N PRO A 384 -5.84 35.82 -28.68
CA PRO A 384 -6.65 35.16 -27.65
C PRO A 384 -8.02 35.83 -27.57
N CYS A 385 -9.05 34.98 -27.71
CA CYS A 385 -10.46 35.38 -27.71
C CYS A 385 -11.24 35.02 -26.47
N VAL A 386 -12.13 35.92 -26.04
CA VAL A 386 -12.97 35.72 -24.86
C VAL A 386 -14.46 35.88 -25.24
N LEU A 387 -15.20 34.78 -25.30
CA LEU A 387 -16.61 34.85 -25.65
C LEU A 387 -17.43 35.24 -24.44
N ASP A 388 -18.63 35.73 -24.73
CA ASP A 388 -19.54 36.24 -23.72
C ASP A 388 -20.92 35.95 -24.30
N ASN A 389 -21.94 35.81 -23.46
CA ASN A 389 -23.27 35.52 -23.97
C ASN A 389 -23.33 34.12 -24.57
N CYS A 390 -22.90 33.12 -23.80
CA CYS A 390 -22.89 31.76 -24.29
C CYS A 390 -24.02 30.93 -23.70
N ARG A 391 -24.43 29.90 -24.44
CA ARG A 391 -25.50 29.01 -24.01
C ARG A 391 -25.00 27.57 -24.00
N ASP A 392 -25.47 26.77 -23.05
CA ASP A 392 -25.03 25.39 -22.94
C ASP A 392 -25.20 24.59 -24.23
N ASP A 393 -26.00 25.11 -25.14
CA ASP A 393 -26.26 24.39 -26.40
C ASP A 393 -25.43 24.85 -27.57
N MET A 394 -24.71 25.96 -27.43
CA MET A 394 -23.86 26.46 -28.53
C MET A 394 -22.70 25.50 -28.83
N THR A 395 -22.41 25.33 -30.12
CA THR A 395 -21.33 24.46 -30.53
C THR A 395 -20.02 24.77 -29.81
N CYS A 396 -19.74 26.05 -29.57
CA CYS A 396 -18.49 26.41 -28.91
C CYS A 396 -18.42 25.97 -27.43
N VAL A 397 -19.56 25.82 -26.79
CA VAL A 397 -19.55 25.42 -25.39
C VAL A 397 -19.45 23.90 -25.29
N LYS A 398 -19.92 23.21 -26.32
CA LYS A 398 -19.93 21.77 -26.32
C LYS A 398 -18.69 21.08 -26.89
N GLU A 399 -18.13 21.65 -27.95
CA GLU A 399 -16.97 21.07 -28.63
C GLU A 399 -15.60 21.50 -28.10
N GLU A 400 -14.61 20.61 -28.19
CA GLU A 400 -13.27 20.98 -27.74
C GLU A 400 -12.70 21.75 -28.94
N ILE A 401 -12.40 23.04 -28.73
CA ILE A 401 -11.87 23.89 -29.80
C ILE A 401 -10.42 23.52 -30.04
N PHE A 402 -9.65 23.66 -28.96
CA PHE A 402 -8.22 23.41 -28.90
C PHE A 402 -7.46 24.60 -29.47
N GLY A 403 -7.95 25.77 -29.10
CA GLY A 403 -7.37 27.05 -29.50
C GLY A 403 -7.62 28.01 -28.36
N PRO A 404 -7.00 29.19 -28.38
CA PRO A 404 -7.19 30.18 -27.30
C PRO A 404 -8.58 30.84 -27.30
N VAL A 405 -9.61 30.09 -26.94
CA VAL A 405 -10.96 30.64 -26.93
C VAL A 405 -11.69 30.28 -25.63
N MET A 406 -11.98 31.31 -24.83
CA MET A 406 -12.64 31.15 -23.54
C MET A 406 -14.14 31.43 -23.56
N SER A 407 -14.99 30.51 -23.11
CA SER A 407 -16.44 30.74 -23.10
C SER A 407 -16.92 31.01 -21.68
N VAL A 408 -17.32 32.25 -21.40
CA VAL A 408 -17.79 32.62 -20.07
C VAL A 408 -19.31 32.49 -20.04
N LEU A 409 -19.84 31.92 -18.95
CA LEU A 409 -21.28 31.74 -18.82
C LEU A 409 -21.66 32.00 -17.39
N PRO A 410 -22.78 32.70 -17.17
CA PRO A 410 -23.28 33.03 -15.83
C PRO A 410 -24.01 31.85 -15.21
N PHE A 411 -24.14 31.86 -13.88
CA PHE A 411 -24.86 30.81 -13.17
C PHE A 411 -25.36 31.40 -11.84
N ASP A 412 -26.38 30.78 -11.27
CA ASP A 412 -26.95 31.28 -10.02
C ASP A 412 -26.76 30.45 -8.77
N THR A 413 -27.09 29.17 -8.83
CA THR A 413 -26.94 28.30 -7.67
C THR A 413 -26.03 27.12 -7.86
N GLU A 414 -25.51 26.58 -6.75
CA GLU A 414 -24.59 25.44 -6.80
C GLU A 414 -25.18 24.22 -7.46
N GLU A 415 -26.37 23.82 -7.02
CA GLU A 415 -26.98 22.66 -7.61
C GLU A 415 -27.10 22.87 -9.12
N GLU A 416 -27.34 24.11 -9.53
CA GLU A 416 -27.49 24.44 -10.94
C GLU A 416 -26.28 24.06 -11.79
N VAL A 417 -25.15 24.72 -11.53
CA VAL A 417 -23.89 24.47 -12.26
C VAL A 417 -23.41 23.03 -12.24
N LEU A 418 -23.56 22.36 -11.10
CA LEU A 418 -23.10 20.99 -11.04
C LEU A 418 -23.77 20.17 -12.13
N GLN A 419 -25.09 20.28 -12.22
CA GLN A 419 -25.81 19.50 -13.22
C GLN A 419 -25.34 19.93 -14.60
N ARG A 420 -25.04 21.21 -14.75
CA ARG A 420 -24.58 21.74 -16.04
C ARG A 420 -23.14 21.39 -16.32
N ALA A 421 -22.30 21.44 -15.30
CA ALA A 421 -20.87 21.12 -15.40
C ALA A 421 -20.68 19.68 -15.82
N ASN A 422 -21.33 18.78 -15.07
CA ASN A 422 -21.23 17.37 -15.35
C ASN A 422 -22.03 16.97 -16.56
N ASN A 423 -22.79 17.89 -17.14
CA ASN A 423 -23.57 17.51 -18.29
C ASN A 423 -22.76 17.52 -19.58
N THR A 424 -21.86 16.56 -19.69
CA THR A 424 -20.99 16.42 -20.85
C THR A 424 -20.54 14.99 -20.95
N THR A 425 -20.12 14.60 -22.14
CA THR A 425 -19.65 13.24 -22.35
C THR A 425 -18.17 13.14 -21.93
N PHE A 426 -17.56 14.32 -21.78
CA PHE A 426 -16.18 14.49 -21.36
C PHE A 426 -16.06 14.38 -19.83
N GLY A 427 -14.83 14.32 -19.35
CA GLY A 427 -14.61 14.22 -17.92
C GLY A 427 -13.13 14.17 -17.56
N LEU A 428 -12.35 15.08 -18.12
CA LEU A 428 -10.92 15.10 -17.88
C LEU A 428 -10.56 15.93 -16.65
N ALA A 429 -10.88 17.22 -16.67
CA ALA A 429 -10.56 18.06 -15.54
C ALA A 429 -11.69 19.02 -15.19
N SER A 430 -11.44 19.85 -14.19
CA SER A 430 -12.43 20.81 -13.73
C SER A 430 -11.78 21.62 -12.61
N GLY A 431 -12.36 22.77 -12.31
CA GLY A 431 -11.79 23.61 -11.26
C GLY A 431 -12.83 24.40 -10.49
N VAL A 432 -12.45 24.90 -9.35
CA VAL A 432 -13.39 25.64 -8.58
C VAL A 432 -12.70 26.66 -7.73
N PHE A 433 -13.18 27.89 -7.81
CA PHE A 433 -12.64 28.98 -7.01
C PHE A 433 -13.71 29.42 -6.05
N THR A 434 -13.47 29.15 -4.76
CA THR A 434 -14.42 29.53 -3.73
C THR A 434 -13.61 29.60 -2.45
N ARG A 435 -14.26 29.99 -1.36
CA ARG A 435 -13.56 30.14 -0.11
C ARG A 435 -14.08 29.29 1.03
N ASP A 436 -15.27 28.75 0.85
CA ASP A 436 -15.88 27.94 1.89
C ASP A 436 -15.44 26.47 1.90
N ILE A 437 -14.74 26.09 2.97
CA ILE A 437 -14.24 24.74 3.12
C ILE A 437 -15.20 23.64 2.67
N SER A 438 -16.46 23.77 3.05
CA SER A 438 -17.40 22.76 2.66
C SER A 438 -17.73 22.76 1.18
N ARG A 439 -17.98 23.92 0.60
CA ARG A 439 -18.31 23.95 -0.80
C ARG A 439 -17.18 23.41 -1.63
N ALA A 440 -15.97 23.79 -1.28
CA ALA A 440 -14.81 23.34 -2.03
C ALA A 440 -14.82 21.82 -2.20
N HIS A 441 -14.56 21.10 -1.11
CA HIS A 441 -14.52 19.65 -1.21
C HIS A 441 -15.79 19.06 -1.79
N ARG A 442 -16.93 19.57 -1.33
CA ARG A 442 -18.23 19.10 -1.81
C ARG A 442 -18.31 19.19 -3.33
N VAL A 443 -18.01 20.36 -3.88
CA VAL A 443 -18.06 20.52 -5.33
C VAL A 443 -17.03 19.58 -5.96
N ALA A 444 -15.89 19.46 -5.31
CA ALA A 444 -14.82 18.61 -5.79
C ALA A 444 -15.35 17.19 -5.90
N ALA A 445 -15.92 16.73 -4.80
CA ALA A 445 -16.45 15.40 -4.76
C ALA A 445 -17.50 15.16 -5.83
N ASN A 446 -18.30 16.19 -6.15
CA ASN A 446 -19.40 16.04 -7.13
C ASN A 446 -19.09 16.21 -8.60
N LEU A 447 -18.01 16.89 -8.93
CA LEU A 447 -17.68 17.03 -10.32
C LEU A 447 -17.29 15.64 -10.85
N GLU A 448 -17.68 15.33 -12.07
CA GLU A 448 -17.37 14.05 -12.64
C GLU A 448 -16.20 14.12 -13.57
N ALA A 449 -15.03 14.40 -13.03
CA ALA A 449 -13.83 14.47 -13.83
C ALA A 449 -12.72 13.77 -13.08
N GLY A 450 -11.63 13.49 -13.79
CA GLY A 450 -10.51 12.80 -13.17
C GLY A 450 -9.62 13.70 -12.35
N THR A 451 -9.73 15.00 -12.57
CA THR A 451 -8.93 15.95 -11.84
C THR A 451 -9.70 17.20 -11.51
N CYS A 452 -9.50 17.68 -10.30
CA CYS A 452 -10.16 18.89 -9.88
C CYS A 452 -9.25 19.80 -9.11
N TYR A 453 -9.05 20.99 -9.68
CA TYR A 453 -8.20 21.98 -9.06
C TYR A 453 -9.05 22.84 -8.16
N ILE A 454 -8.50 23.19 -7.00
CA ILE A 454 -9.16 24.04 -6.05
C ILE A 454 -8.33 25.29 -5.83
N ASN A 455 -8.83 26.43 -6.33
CA ASN A 455 -8.18 27.75 -6.25
C ASN A 455 -6.85 27.85 -6.97
N THR A 456 -6.80 27.21 -8.12
CA THR A 456 -5.61 27.25 -8.95
C THR A 456 -6.02 26.48 -10.18
N TYR A 457 -5.08 26.22 -11.05
CA TYR A 457 -5.42 25.48 -12.24
C TYR A 457 -4.19 25.21 -13.12
N SER A 458 -4.25 24.13 -13.88
CA SER A 458 -3.19 23.72 -14.80
C SER A 458 -1.91 23.16 -14.17
N ILE A 459 -1.95 22.95 -12.86
CA ILE A 459 -0.80 22.38 -12.16
C ILE A 459 -0.85 20.88 -12.45
N SER A 460 0.28 20.29 -12.80
CA SER A 460 0.31 18.85 -13.06
C SER A 460 1.54 18.19 -12.47
N PRO A 461 1.58 18.04 -11.14
CA PRO A 461 2.69 17.42 -10.41
C PRO A 461 2.93 15.93 -10.76
N VAL A 462 4.17 15.48 -10.67
CA VAL A 462 4.46 14.07 -10.99
C VAL A 462 4.05 13.16 -9.83
N GLU A 463 4.02 13.70 -8.62
CA GLU A 463 3.64 12.92 -7.46
C GLU A 463 2.23 12.34 -7.52
N VAL A 464 1.34 12.95 -8.31
CA VAL A 464 -0.04 12.46 -8.37
C VAL A 464 -0.46 11.98 -9.74
N PRO A 465 -1.43 11.06 -9.79
CA PRO A 465 -1.97 10.45 -11.01
C PRO A 465 -2.74 11.44 -11.88
N PHE A 466 -2.83 11.15 -13.16
CA PHE A 466 -3.56 12.01 -14.06
C PHE A 466 -4.23 11.27 -15.22
N GLY A 467 -5.55 11.41 -15.33
CA GLY A 467 -6.27 10.73 -16.39
C GLY A 467 -7.72 11.17 -16.45
N GLY A 468 -8.49 10.61 -17.39
CA GLY A 468 -9.86 11.03 -17.52
C GLY A 468 -10.92 10.14 -16.91
N TYR A 469 -12.16 10.60 -17.08
CA TYR A 469 -13.37 9.93 -16.64
C TYR A 469 -14.21 9.88 -17.88
N LYS A 470 -15.25 9.06 -17.88
CA LYS A 470 -16.13 8.97 -19.05
C LYS A 470 -15.34 8.77 -20.35
N MET A 471 -15.68 9.58 -21.35
CA MET A 471 -15.02 9.48 -22.65
C MET A 471 -13.78 10.31 -22.79
N SER A 472 -13.19 10.72 -21.66
CA SER A 472 -11.94 11.47 -21.73
C SER A 472 -10.82 10.42 -21.58
N GLY A 473 -11.18 9.15 -21.47
CA GLY A 473 -10.20 8.09 -21.39
C GLY A 473 -10.16 7.36 -20.06
N PHE A 474 -9.18 6.48 -19.92
CA PHE A 474 -8.97 5.73 -18.67
C PHE A 474 -7.50 5.37 -18.57
N GLY A 475 -7.05 5.06 -17.37
CA GLY A 475 -5.65 4.76 -17.17
C GLY A 475 -5.06 6.02 -16.61
N ARG A 476 -3.84 5.97 -16.11
CA ARG A 476 -3.23 7.15 -15.53
C ARG A 476 -1.79 7.33 -15.96
N GLU A 477 -1.33 8.56 -15.86
CA GLU A 477 0.02 8.91 -16.22
C GLU A 477 0.47 9.59 -14.92
N ASN A 478 1.75 9.52 -14.59
CA ASN A 478 2.27 10.13 -13.35
C ASN A 478 1.67 9.51 -12.10
N GLY A 479 2.31 9.77 -10.97
CA GLY A 479 1.82 9.23 -9.72
C GLY A 479 2.14 7.75 -9.65
N GLN A 480 1.92 7.14 -8.49
CA GLN A 480 2.22 5.74 -8.31
C GLN A 480 1.26 4.85 -9.06
N ALA A 481 0.01 5.26 -9.09
CA ALA A 481 -1.03 4.52 -9.77
C ALA A 481 -0.58 3.93 -11.12
N THR A 482 0.06 4.77 -11.92
CA THR A 482 0.51 4.36 -13.22
C THR A 482 1.23 3.01 -13.31
N VAL A 483 2.17 2.73 -12.39
CA VAL A 483 2.92 1.48 -12.46
C VAL A 483 2.05 0.25 -12.72
N ASP A 484 0.78 0.31 -12.32
CA ASP A 484 -0.11 -0.81 -12.53
C ASP A 484 -0.54 -0.93 -13.98
N TYR A 485 -0.23 0.07 -14.81
CA TYR A 485 -0.62 0.01 -16.21
C TYR A 485 0.51 -0.45 -17.07
N TYR A 486 1.68 -0.59 -16.45
CA TYR A 486 2.84 -1.05 -17.15
C TYR A 486 3.42 -2.31 -16.49
N SER A 487 2.61 -3.00 -15.71
CA SER A 487 3.10 -4.21 -15.08
C SER A 487 1.89 -5.07 -14.87
N GLN A 488 2.11 -6.36 -14.65
CA GLN A 488 1.02 -7.28 -14.39
C GLN A 488 1.46 -8.21 -13.27
N LEU A 489 0.50 -8.79 -12.58
CA LEU A 489 0.78 -9.66 -11.46
C LEU A 489 0.54 -11.10 -11.78
N LYS A 490 1.57 -11.93 -11.62
CA LYS A 490 1.45 -13.36 -11.82
C LYS A 490 1.24 -13.91 -10.41
N THR A 491 0.25 -14.79 -10.24
CA THR A 491 -0.01 -15.39 -8.95
C THR A 491 0.67 -16.75 -8.94
N VAL A 492 1.51 -16.95 -7.92
CA VAL A 492 2.21 -18.19 -7.76
C VAL A 492 1.75 -18.76 -6.44
N ILE A 493 1.04 -19.88 -6.50
CA ILE A 493 0.53 -20.53 -5.30
C ILE A 493 1.39 -21.74 -5.05
N VAL A 494 1.89 -21.90 -3.84
CA VAL A 494 2.75 -23.02 -3.54
C VAL A 494 2.30 -23.92 -2.39
N GLU A 495 1.98 -25.15 -2.76
CA GLU A 495 1.53 -26.23 -1.88
C GLU A 495 2.73 -26.77 -1.11
N MET A 496 2.64 -26.71 0.21
CA MET A 496 3.73 -27.14 1.08
C MET A 496 3.66 -28.60 1.45
N GLY A 497 2.48 -29.20 1.25
CA GLY A 497 2.27 -30.60 1.57
C GLY A 497 1.82 -31.43 0.37
N ASP A 498 0.76 -32.21 0.57
CA ASP A 498 0.23 -33.08 -0.49
C ASP A 498 -1.03 -32.55 -1.15
N VAL A 499 -1.28 -33.00 -2.37
CA VAL A 499 -2.45 -32.55 -3.10
C VAL A 499 -3.73 -33.14 -2.61
N ASP A 500 -4.79 -32.34 -2.56
CA ASP A 500 -6.09 -32.85 -2.15
C ASP A 500 -6.79 -33.10 -3.48
N SER A 501 -6.90 -34.38 -3.82
CA SER A 501 -7.52 -34.74 -5.08
C SER A 501 -8.85 -35.46 -4.87
N LEU A 502 -9.77 -35.24 -5.80
CA LEU A 502 -11.04 -35.91 -5.74
C LEU A 502 -10.91 -37.15 -6.62
N PHE A 503 -9.68 -37.50 -7.02
CA PHE A 503 -9.49 -38.69 -7.87
C PHE A 503 -8.21 -39.46 -7.57
N ALA B 1 -36.93 -18.98 -4.79
CA ALA B 1 -36.75 -19.00 -3.30
C ALA B 1 -37.42 -20.22 -2.68
N GLN B 2 -38.69 -20.41 -3.00
CA GLN B 2 -39.44 -21.56 -2.51
C GLN B 2 -38.85 -22.78 -3.23
N LEU B 3 -38.47 -22.58 -4.50
CA LEU B 3 -37.87 -23.65 -5.26
C LEU B 3 -36.59 -24.07 -4.52
N VAL B 4 -35.91 -23.09 -3.94
CA VAL B 4 -34.67 -23.35 -3.20
C VAL B 4 -34.97 -24.12 -1.94
N ASP B 5 -36.12 -23.85 -1.33
CA ASP B 5 -36.49 -24.55 -0.11
C ASP B 5 -37.04 -25.92 -0.40
N SER B 6 -37.44 -26.16 -1.65
CA SER B 6 -37.98 -27.46 -2.04
C SER B 6 -36.86 -28.46 -2.29
N MET B 7 -35.66 -27.95 -2.50
CA MET B 7 -34.51 -28.77 -2.79
C MET B 7 -34.20 -29.97 -1.90
N PRO B 8 -34.39 -29.86 -0.58
CA PRO B 8 -34.08 -31.03 0.26
C PRO B 8 -34.64 -32.36 -0.26
N SER B 9 -35.81 -32.30 -0.90
CA SER B 9 -36.45 -33.49 -1.44
C SER B 9 -36.24 -33.60 -2.95
N ALA B 10 -35.61 -32.59 -3.53
CA ALA B 10 -35.36 -32.60 -4.97
C ALA B 10 -34.40 -33.73 -5.31
N SER B 11 -34.50 -34.21 -6.54
CA SER B 11 -33.65 -35.30 -6.99
C SER B 11 -33.53 -35.20 -8.50
N THR B 12 -32.51 -35.84 -9.06
CA THR B 12 -32.29 -35.78 -10.50
C THR B 12 -33.51 -36.21 -11.29
N GLY B 13 -33.84 -35.40 -12.30
CA GLY B 13 -34.98 -35.66 -13.17
C GLY B 13 -36.35 -35.29 -12.63
N SER B 14 -36.43 -34.83 -11.37
CA SER B 14 -37.70 -34.48 -10.75
C SER B 14 -38.07 -33.01 -10.81
N VAL B 15 -37.09 -32.14 -10.61
CA VAL B 15 -37.37 -30.71 -10.59
C VAL B 15 -37.83 -30.11 -11.91
N VAL B 16 -38.35 -28.89 -11.82
CA VAL B 16 -38.80 -28.13 -12.97
C VAL B 16 -38.96 -26.67 -12.51
N VAL B 17 -38.32 -25.76 -13.23
CA VAL B 17 -38.37 -24.34 -12.93
C VAL B 17 -39.65 -23.72 -13.46
N THR B 18 -40.18 -22.73 -12.75
CA THR B 18 -41.41 -22.08 -13.15
C THR B 18 -41.47 -20.59 -12.79
N ASP B 19 -40.43 -20.10 -12.15
CA ASP B 19 -40.38 -18.70 -11.78
C ASP B 19 -40.04 -17.90 -13.02
N ASP B 20 -40.03 -16.57 -12.90
CA ASP B 20 -39.65 -15.73 -14.02
C ASP B 20 -38.17 -15.48 -13.79
N LEU B 21 -37.38 -15.48 -14.86
CA LEU B 21 -35.94 -15.30 -14.72
C LEU B 21 -35.32 -13.91 -14.94
N ASN B 22 -36.14 -12.91 -15.26
CA ASN B 22 -35.61 -11.56 -15.43
C ASN B 22 -35.86 -10.85 -14.09
N TYR B 23 -34.90 -10.02 -13.67
CA TYR B 23 -35.03 -9.38 -12.37
C TYR B 23 -34.46 -7.98 -12.32
N TRP B 24 -35.31 -7.01 -12.05
CA TRP B 24 -34.89 -5.63 -11.90
C TRP B 24 -35.94 -4.82 -11.17
N GLY B 25 -35.54 -3.69 -10.62
CA GLY B 25 -36.49 -2.91 -9.86
C GLY B 25 -36.81 -3.64 -8.58
N GLY B 26 -35.98 -4.61 -8.23
CA GLY B 26 -36.19 -5.36 -6.99
C GLY B 26 -37.24 -6.47 -7.02
N ARG B 27 -37.59 -6.97 -8.20
CA ARG B 27 -38.57 -8.04 -8.33
C ARG B 27 -38.45 -8.78 -9.67
N ARG B 28 -39.04 -9.98 -9.75
CA ARG B 28 -39.00 -10.78 -10.97
C ARG B 28 -40.03 -10.28 -11.99
N ILE B 29 -39.58 -9.99 -13.20
CA ILE B 29 -40.45 -9.47 -14.26
C ILE B 29 -41.17 -10.58 -15.02
N LYS B 30 -42.47 -10.43 -15.20
CA LYS B 30 -43.25 -11.45 -15.89
C LYS B 30 -42.95 -11.68 -17.34
N SER B 31 -42.28 -10.73 -17.98
CA SER B 31 -41.94 -10.90 -19.41
C SER B 31 -43.11 -11.56 -20.12
N LYS B 32 -44.11 -10.75 -20.49
CA LYS B 32 -45.29 -11.28 -21.15
C LYS B 32 -45.11 -11.39 -22.67
N ASP B 33 -46.17 -11.82 -23.36
CA ASP B 33 -46.16 -11.97 -24.81
C ASP B 33 -45.25 -13.12 -25.31
N GLY B 34 -45.59 -13.68 -26.47
CA GLY B 34 -44.83 -14.75 -27.09
C GLY B 34 -43.33 -14.68 -26.85
N ALA B 35 -42.66 -13.74 -27.50
CA ALA B 35 -41.22 -13.54 -27.33
C ALA B 35 -40.41 -14.86 -27.40
N THR B 36 -39.91 -15.19 -28.59
CA THR B 36 -39.12 -16.41 -28.80
C THR B 36 -38.37 -16.79 -27.53
N THR B 37 -38.36 -18.09 -27.21
CA THR B 37 -37.66 -18.54 -26.00
C THR B 37 -36.70 -19.68 -26.26
N GLU B 38 -35.87 -19.95 -25.26
CA GLU B 38 -34.88 -21.00 -25.35
C GLU B 38 -35.02 -21.97 -24.20
N PRO B 39 -34.86 -23.26 -24.48
CA PRO B 39 -34.98 -24.28 -23.45
C PRO B 39 -33.68 -24.41 -22.65
N VAL B 40 -33.77 -24.43 -21.34
CA VAL B 40 -32.56 -24.62 -20.52
C VAL B 40 -32.69 -26.07 -20.11
N PHE B 41 -31.60 -26.81 -20.15
CA PHE B 41 -31.65 -28.24 -19.81
C PHE B 41 -31.02 -28.66 -18.49
N GLU B 42 -31.37 -29.87 -18.07
CA GLU B 42 -30.82 -30.49 -16.88
C GLU B 42 -29.79 -31.43 -17.54
N PRO B 43 -28.50 -31.09 -17.48
CA PRO B 43 -27.43 -31.89 -18.09
C PRO B 43 -27.42 -33.40 -17.79
N ALA B 44 -27.80 -33.78 -16.58
CA ALA B 44 -27.79 -35.17 -16.21
C ALA B 44 -28.93 -36.00 -16.83
N THR B 45 -29.97 -35.36 -17.33
CA THR B 45 -31.11 -36.10 -17.88
C THR B 45 -31.54 -35.70 -19.28
N GLY B 46 -31.12 -34.53 -19.71
CA GLY B 46 -31.52 -34.07 -21.03
C GLY B 46 -32.90 -33.47 -20.99
N ARG B 47 -33.50 -33.39 -19.81
CA ARG B 47 -34.84 -32.81 -19.65
C ARG B 47 -34.87 -31.29 -19.77
N VAL B 48 -36.01 -30.75 -20.21
CA VAL B 48 -36.18 -29.31 -20.31
C VAL B 48 -36.66 -28.77 -18.98
N LEU B 49 -35.80 -28.01 -18.29
CA LEU B 49 -36.15 -27.44 -16.99
C LEU B 49 -37.10 -26.28 -17.09
N CYS B 50 -37.05 -25.56 -18.21
CA CYS B 50 -37.94 -24.41 -18.43
C CYS B 50 -37.49 -23.69 -19.68
N GLN B 51 -38.21 -22.63 -20.02
CA GLN B 51 -37.84 -21.84 -21.18
C GLN B 51 -37.22 -20.56 -20.66
N MET B 52 -36.45 -19.85 -21.48
CA MET B 52 -35.88 -18.58 -21.03
C MET B 52 -36.16 -17.53 -22.11
N VAL B 53 -36.80 -16.46 -21.69
CA VAL B 53 -37.13 -15.39 -22.60
C VAL B 53 -36.07 -14.30 -22.44
N PRO B 54 -35.30 -14.07 -23.51
CA PRO B 54 -34.22 -13.09 -23.65
C PRO B 54 -34.71 -11.64 -23.63
N CYS B 55 -33.85 -10.71 -23.16
CA CYS B 55 -34.20 -9.29 -23.06
C CYS B 55 -33.78 -8.52 -24.30
N GLY B 56 -34.59 -7.55 -24.69
CA GLY B 56 -34.29 -6.71 -25.84
C GLY B 56 -33.92 -5.35 -25.31
N ALA B 57 -33.71 -4.38 -26.19
CA ALA B 57 -33.32 -3.04 -25.76
C ALA B 57 -34.23 -2.47 -24.67
N GLU B 58 -35.52 -2.58 -24.89
CA GLU B 58 -36.50 -2.08 -23.94
C GLU B 58 -36.21 -2.57 -22.53
N GLU B 59 -36.20 -3.88 -22.36
CA GLU B 59 -35.95 -4.49 -21.05
C GLU B 59 -34.60 -4.07 -20.45
N VAL B 60 -33.54 -4.37 -21.19
CA VAL B 60 -32.20 -4.04 -20.76
C VAL B 60 -32.19 -2.66 -20.14
N ASP B 61 -32.62 -1.68 -20.94
CA ASP B 61 -32.66 -0.28 -20.53
C ASP B 61 -33.33 -0.07 -19.21
N GLN B 62 -34.42 -0.77 -18.97
CA GLN B 62 -35.10 -0.63 -17.70
C GLN B 62 -34.17 -1.13 -16.59
N ALA B 63 -33.48 -2.24 -16.85
CA ALA B 63 -32.56 -2.84 -15.90
C ALA B 63 -31.56 -1.79 -15.51
N VAL B 64 -30.90 -1.24 -16.53
CA VAL B 64 -29.92 -0.21 -16.31
C VAL B 64 -30.47 0.97 -15.49
N GLN B 65 -31.58 1.54 -15.94
CA GLN B 65 -32.21 2.65 -15.23
C GLN B 65 -32.46 2.32 -13.79
N SER B 66 -32.82 1.07 -13.55
CA SER B 66 -33.05 0.60 -12.21
C SER B 66 -31.77 0.69 -11.42
N ALA B 67 -30.72 0.12 -11.97
CA ALA B 67 -29.43 0.14 -11.30
C ALA B 67 -29.05 1.59 -11.06
N GLN B 68 -29.10 2.37 -12.13
CA GLN B 68 -28.79 3.78 -12.11
C GLN B 68 -29.38 4.48 -10.88
N ALA B 69 -30.68 4.29 -10.64
CA ALA B 69 -31.32 4.91 -9.51
C ALA B 69 -30.66 4.51 -8.21
N ALA B 70 -30.62 3.21 -7.96
CA ALA B 70 -30.04 2.64 -6.74
C ALA B 70 -28.60 3.06 -6.49
N TYR B 71 -27.81 3.12 -7.55
CA TYR B 71 -26.44 3.55 -7.41
C TYR B 71 -26.41 4.89 -6.67
N LEU B 72 -27.18 5.86 -7.15
CA LEU B 72 -27.24 7.18 -6.54
C LEU B 72 -27.30 7.13 -5.04
N LYS B 73 -28.06 6.19 -4.51
CA LYS B 73 -28.18 6.03 -3.07
C LYS B 73 -27.00 5.24 -2.47
N TRP B 74 -26.75 4.06 -3.02
CA TRP B 74 -25.70 3.16 -2.55
C TRP B 74 -24.32 3.77 -2.58
N SER B 75 -24.05 4.58 -3.60
CA SER B 75 -22.73 5.21 -3.72
C SER B 75 -22.53 6.27 -2.65
N LYS B 76 -23.62 6.70 -2.02
CA LYS B 76 -23.52 7.71 -0.99
C LYS B 76 -23.20 7.10 0.36
N MET B 77 -23.34 5.80 0.48
CA MET B 77 -23.05 5.15 1.74
C MET B 77 -21.57 4.94 1.85
N ALA B 78 -21.08 4.97 3.08
CA ALA B 78 -19.67 4.78 3.33
C ALA B 78 -19.31 3.30 3.29
N GLY B 79 -18.03 3.02 3.09
CA GLY B 79 -17.59 1.63 3.04
C GLY B 79 -18.09 0.84 4.24
N ILE B 80 -17.86 1.38 5.43
CA ILE B 80 -18.26 0.75 6.67
C ILE B 80 -19.74 0.40 6.59
N GLU B 81 -20.51 1.26 5.93
CA GLU B 81 -21.95 1.07 5.74
C GLU B 81 -22.30 0.04 4.66
N ARG B 82 -21.65 0.10 3.50
CA ARG B 82 -21.95 -0.90 2.48
C ARG B 82 -21.53 -2.29 3.00
N SER B 83 -20.56 -2.30 3.91
CA SER B 83 -20.02 -3.51 4.51
C SER B 83 -21.07 -4.32 5.25
N ARG B 84 -21.84 -3.65 6.12
CA ARG B 84 -22.91 -4.28 6.90
C ARG B 84 -23.87 -5.10 6.05
N VAL B 85 -24.43 -4.49 5.01
CA VAL B 85 -25.39 -5.17 4.15
C VAL B 85 -24.78 -6.43 3.54
N MET B 86 -23.59 -6.27 2.99
CA MET B 86 -22.89 -7.38 2.35
C MET B 86 -22.63 -8.54 3.29
N LEU B 87 -22.14 -8.24 4.50
CA LEU B 87 -21.90 -9.29 5.50
C LEU B 87 -23.15 -10.13 5.71
N GLU B 88 -24.30 -9.50 5.64
CA GLU B 88 -25.56 -10.20 5.82
C GLU B 88 -25.88 -11.04 4.61
N ALA B 89 -25.67 -10.47 3.43
CA ALA B 89 -25.95 -11.18 2.19
C ALA B 89 -25.20 -12.51 2.20
N ALA B 90 -24.01 -12.51 2.78
CA ALA B 90 -23.22 -13.72 2.86
C ALA B 90 -23.87 -14.67 3.84
N ARG B 91 -23.95 -14.22 5.09
CA ARG B 91 -24.59 -14.99 6.15
C ARG B 91 -25.83 -15.72 5.63
N ILE B 92 -26.51 -15.13 4.66
CA ILE B 92 -27.71 -15.77 4.11
C ILE B 92 -27.30 -16.89 3.19
N ILE B 93 -26.46 -16.58 2.20
CA ILE B 93 -26.01 -17.61 1.29
C ILE B 93 -25.44 -18.77 2.13
N ARG B 94 -24.76 -18.41 3.22
CA ARG B 94 -24.16 -19.40 4.12
C ARG B 94 -25.24 -20.35 4.63
N GLU B 95 -26.34 -19.78 5.10
CA GLU B 95 -27.44 -20.54 5.65
C GLU B 95 -28.26 -21.30 4.62
N ARG B 96 -28.01 -21.12 3.35
CA ARG B 96 -28.79 -21.85 2.34
C ARG B 96 -27.79 -22.53 1.40
N ARG B 97 -26.56 -22.64 1.89
CA ARG B 97 -25.46 -23.24 1.15
C ARG B 97 -25.96 -24.45 0.36
N ASP B 98 -26.39 -25.48 1.08
CA ASP B 98 -26.83 -26.71 0.44
C ASP B 98 -27.91 -26.56 -0.61
N ASN B 99 -29.11 -26.19 -0.19
CA ASN B 99 -30.21 -26.02 -1.16
C ASN B 99 -29.76 -25.31 -2.45
N ILE B 100 -29.03 -24.20 -2.31
CA ILE B 100 -28.57 -23.50 -3.49
C ILE B 100 -27.64 -24.41 -4.30
N ALA B 101 -26.70 -25.06 -3.61
CA ALA B 101 -25.73 -25.96 -4.25
C ALA B 101 -26.43 -27.04 -5.05
N LYS B 102 -27.44 -27.62 -4.42
CA LYS B 102 -28.20 -28.68 -5.04
C LYS B 102 -28.83 -28.18 -6.34
N LEU B 103 -29.46 -27.01 -6.30
CA LEU B 103 -30.11 -26.44 -7.48
C LEU B 103 -29.07 -26.14 -8.54
N GLU B 104 -27.91 -25.65 -8.09
CA GLU B 104 -26.80 -25.33 -9.01
C GLU B 104 -26.48 -26.58 -9.85
N VAL B 105 -26.41 -27.73 -9.17
CA VAL B 105 -26.13 -28.97 -9.84
C VAL B 105 -27.13 -29.28 -10.95
N ILE B 106 -28.41 -29.23 -10.63
CA ILE B 106 -29.44 -29.54 -11.61
C ILE B 106 -29.36 -28.81 -12.94
N ASN B 107 -28.96 -27.54 -12.94
CA ASN B 107 -28.90 -26.82 -14.21
C ASN B 107 -27.50 -26.91 -14.82
N ASN B 108 -26.48 -26.88 -13.98
CA ASN B 108 -25.11 -26.92 -14.46
C ASN B 108 -24.58 -28.30 -14.85
N GLY B 109 -24.80 -29.28 -13.96
CA GLY B 109 -24.35 -30.61 -14.28
C GLY B 109 -23.18 -31.10 -13.45
N LYS B 110 -22.45 -30.19 -12.81
CA LYS B 110 -21.32 -30.61 -12.00
C LYS B 110 -21.85 -31.36 -10.76
N THR B 111 -21.00 -32.19 -10.16
CA THR B 111 -21.37 -32.99 -8.99
C THR B 111 -21.58 -32.09 -7.77
N ILE B 112 -22.48 -32.46 -6.87
CA ILE B 112 -22.67 -31.64 -5.67
C ILE B 112 -21.40 -31.57 -4.84
N THR B 113 -20.57 -32.61 -4.89
CA THR B 113 -19.35 -32.56 -4.11
C THR B 113 -18.60 -31.30 -4.50
N GLU B 114 -18.64 -30.95 -5.78
CA GLU B 114 -18.01 -29.73 -6.26
C GLU B 114 -18.91 -28.52 -5.97
N ALA B 115 -20.15 -28.60 -6.45
CA ALA B 115 -21.12 -27.54 -6.25
C ALA B 115 -21.02 -26.90 -4.87
N GLU B 116 -20.97 -27.71 -3.83
CA GLU B 116 -20.87 -27.16 -2.48
C GLU B 116 -19.71 -26.19 -2.32
N TYR B 117 -18.53 -26.59 -2.78
CA TYR B 117 -17.37 -25.72 -2.73
C TYR B 117 -17.64 -24.43 -3.49
N ASP B 118 -18.22 -24.57 -4.67
CA ASP B 118 -18.56 -23.44 -5.53
C ASP B 118 -19.30 -22.35 -4.76
N ILE B 119 -20.25 -22.77 -3.94
CA ILE B 119 -21.01 -21.81 -3.18
C ILE B 119 -20.24 -21.27 -2.00
N ASP B 120 -19.59 -22.10 -1.19
CA ASP B 120 -18.80 -21.54 -0.10
C ASP B 120 -17.91 -20.49 -0.74
N ALA B 121 -17.37 -20.81 -1.91
CA ALA B 121 -16.50 -19.87 -2.61
C ALA B 121 -17.20 -18.55 -2.88
N ALA B 122 -18.50 -18.64 -3.14
CA ALA B 122 -19.32 -17.48 -3.46
C ALA B 122 -19.50 -16.56 -2.25
N TRP B 123 -19.93 -17.13 -1.12
CA TRP B 123 -20.15 -16.31 0.06
C TRP B 123 -18.86 -15.83 0.70
N GLN B 124 -17.75 -16.51 0.45
CA GLN B 124 -16.49 -16.06 1.02
C GLN B 124 -16.05 -14.81 0.30
N CYS B 125 -16.26 -14.82 -1.01
CA CYS B 125 -15.89 -13.71 -1.88
C CYS B 125 -16.60 -12.45 -1.44
N ILE B 126 -17.87 -12.60 -1.08
CA ILE B 126 -18.66 -11.46 -0.66
C ILE B 126 -18.18 -11.01 0.68
N GLU B 127 -18.04 -11.96 1.60
CA GLU B 127 -17.61 -11.65 2.97
C GLU B 127 -16.22 -11.03 2.98
N TYR B 128 -15.44 -11.33 1.96
CA TYR B 128 -14.09 -10.82 1.84
C TYR B 128 -14.12 -9.34 1.41
N TYR B 129 -14.76 -9.07 0.28
CA TYR B 129 -14.87 -7.71 -0.23
C TYR B 129 -15.61 -6.81 0.73
N ALA B 130 -16.54 -7.39 1.47
CA ALA B 130 -17.27 -6.64 2.45
C ALA B 130 -16.27 -6.09 3.47
N GLY B 131 -15.46 -6.97 4.02
CA GLY B 131 -14.48 -6.53 5.01
C GLY B 131 -13.45 -5.62 4.37
N LEU B 132 -13.49 -5.57 3.06
CA LEU B 132 -12.51 -4.75 2.38
C LEU B 132 -13.04 -3.35 2.04
N ALA B 133 -14.35 -3.17 2.07
CA ALA B 133 -14.94 -1.89 1.73
C ALA B 133 -14.48 -0.71 2.59
N PRO B 134 -14.37 -0.88 3.93
CA PRO B 134 -13.95 0.17 4.87
C PRO B 134 -12.49 0.57 4.71
N THR B 135 -11.82 -0.15 3.82
CA THR B 135 -10.41 0.02 3.53
C THR B 135 -10.20 0.89 2.34
N LEU B 136 -11.21 0.91 1.47
CA LEU B 136 -11.18 1.71 0.26
C LEU B 136 -10.74 3.13 0.55
N SER B 137 -9.63 3.56 -0.08
CA SER B 137 -9.11 4.91 0.16
C SER B 137 -8.24 5.46 -0.96
N GLY B 138 -7.87 6.73 -0.79
CA GLY B 138 -7.03 7.43 -1.74
C GLY B 138 -5.87 7.98 -0.94
N GLN B 139 -5.05 8.84 -1.56
CA GLN B 139 -3.88 9.42 -0.93
C GLN B 139 -3.94 10.91 -0.61
N HIS B 140 -2.99 11.36 0.21
CA HIS B 140 -2.85 12.76 0.58
C HIS B 140 -1.35 13.05 0.50
N ILE B 141 -0.97 13.89 -0.45
CA ILE B 141 0.43 14.21 -0.64
C ILE B 141 0.67 15.70 -0.46
N GLN B 142 1.80 16.03 0.16
CA GLN B 142 2.17 17.42 0.40
C GLN B 142 3.02 17.83 -0.80
N LEU B 143 2.63 18.93 -1.44
CA LEU B 143 3.31 19.42 -2.62
C LEU B 143 4.21 20.60 -2.32
N PRO B 144 5.07 20.96 -3.29
CA PRO B 144 5.97 22.11 -3.13
C PRO B 144 5.20 23.39 -2.85
N GLY B 145 5.79 24.27 -2.03
CA GLY B 145 5.19 25.56 -1.71
C GLY B 145 3.87 25.61 -0.98
N GLY B 146 3.73 24.76 0.03
CA GLY B 146 2.49 24.75 0.81
C GLY B 146 1.25 24.07 0.26
N ALA B 147 1.10 24.00 -1.07
CA ALA B 147 -0.08 23.34 -1.64
C ALA B 147 -0.08 21.83 -1.35
N PHE B 148 -1.26 21.20 -1.44
CA PHE B 148 -1.34 19.77 -1.21
C PHE B 148 -2.37 19.15 -2.12
N ALA B 149 -2.22 17.85 -2.38
CA ALA B 149 -3.16 17.17 -3.25
C ALA B 149 -3.74 15.96 -2.57
N TYR B 150 -4.84 15.44 -3.08
CA TYR B 150 -5.40 14.25 -2.51
C TYR B 150 -6.30 13.59 -3.53
N THR B 151 -6.33 12.26 -3.50
CA THR B 151 -7.14 11.50 -4.43
C THR B 151 -8.33 10.89 -3.72
N ARG B 152 -9.46 10.79 -4.42
CA ARG B 152 -10.66 10.19 -3.84
C ARG B 152 -10.87 8.90 -4.64
N ARG B 153 -11.13 7.79 -3.96
CA ARG B 153 -11.36 6.57 -4.70
C ARG B 153 -12.88 6.53 -4.89
N GLU B 154 -13.33 6.76 -6.13
CA GLU B 154 -14.77 6.80 -6.42
C GLU B 154 -15.26 5.62 -7.27
N PRO B 155 -16.53 5.26 -7.11
CA PRO B 155 -17.14 4.17 -7.85
C PRO B 155 -17.25 4.57 -9.29
N LEU B 156 -17.39 3.58 -10.17
CA LEU B 156 -17.50 3.83 -11.60
C LEU B 156 -18.88 4.28 -12.09
N GLY B 157 -19.93 3.69 -11.52
CA GLY B 157 -21.28 4.00 -11.93
C GLY B 157 -22.01 2.68 -12.03
N VAL B 158 -22.54 2.36 -13.21
CA VAL B 158 -23.25 1.10 -13.40
C VAL B 158 -22.38 0.13 -14.17
N CYS B 159 -22.06 -0.96 -13.48
CA CYS B 159 -21.21 -2.05 -13.96
C CYS B 159 -22.00 -3.21 -14.54
N ALA B 160 -21.67 -3.60 -15.76
CA ALA B 160 -22.35 -4.72 -16.42
C ALA B 160 -21.48 -5.98 -16.41
N GLY B 161 -22.05 -7.10 -15.98
CA GLY B 161 -21.30 -8.33 -15.97
C GLY B 161 -21.89 -9.31 -16.95
N ILE B 162 -21.04 -9.91 -17.79
CA ILE B 162 -21.50 -10.90 -18.76
C ILE B 162 -20.85 -12.22 -18.35
N LEU B 163 -21.65 -13.11 -17.76
CA LEU B 163 -21.18 -14.39 -17.21
C LEU B 163 -21.03 -15.60 -18.16
N ALA B 164 -20.48 -16.68 -17.59
CA ALA B 164 -20.26 -17.92 -18.33
C ALA B 164 -21.01 -19.03 -17.61
N TRP B 165 -21.09 -20.21 -18.22
CA TRP B 165 -21.85 -21.27 -17.58
C TRP B 165 -21.14 -22.30 -16.74
N ASN B 166 -19.83 -22.37 -16.77
CA ASN B 166 -19.21 -23.41 -15.98
C ASN B 166 -19.30 -23.23 -14.47
N TYR B 167 -19.49 -22.01 -13.99
CA TYR B 167 -19.66 -21.73 -12.54
C TYR B 167 -20.67 -20.61 -12.40
N PRO B 168 -21.95 -20.89 -12.68
CA PRO B 168 -23.00 -19.87 -12.61
C PRO B 168 -23.05 -19.00 -11.35
N PHE B 169 -23.30 -19.59 -10.19
CA PHE B 169 -23.43 -18.81 -8.97
C PHE B 169 -22.10 -18.20 -8.54
N MET B 170 -21.01 -18.95 -8.70
CA MET B 170 -19.73 -18.44 -8.27
C MET B 170 -19.22 -17.24 -9.04
N ILE B 171 -19.25 -17.31 -10.36
CA ILE B 171 -18.77 -16.20 -11.16
C ILE B 171 -19.61 -14.91 -10.98
N ALA B 172 -20.93 -15.04 -10.87
CA ALA B 172 -21.78 -13.88 -10.66
C ALA B 172 -21.35 -13.20 -9.34
N ALA B 173 -21.14 -14.01 -8.31
CA ALA B 173 -20.71 -13.50 -7.01
C ALA B 173 -19.36 -12.80 -7.13
N TRP B 174 -18.47 -13.40 -7.90
CA TRP B 174 -17.15 -12.86 -8.09
C TRP B 174 -17.16 -11.51 -8.81
N LYS B 175 -18.23 -11.19 -9.51
CA LYS B 175 -18.29 -9.90 -10.18
C LYS B 175 -19.04 -8.89 -9.33
N CYS B 176 -20.13 -9.30 -8.70
CA CYS B 176 -20.88 -8.40 -7.85
C CYS B 176 -20.10 -7.99 -6.60
N ALA B 177 -19.54 -8.98 -5.90
CA ALA B 177 -18.79 -8.73 -4.66
C ALA B 177 -17.90 -7.50 -4.74
N PRO B 178 -16.84 -7.54 -5.56
CA PRO B 178 -16.04 -6.33 -5.60
C PRO B 178 -16.83 -5.10 -6.10
N ALA B 179 -17.65 -5.26 -7.14
CA ALA B 179 -18.45 -4.16 -7.71
C ALA B 179 -19.19 -3.35 -6.65
N LEU B 180 -19.95 -4.05 -5.82
CA LEU B 180 -20.69 -3.41 -4.75
C LEU B 180 -19.77 -2.89 -3.66
N ALA B 181 -18.80 -3.68 -3.23
CA ALA B 181 -17.90 -3.22 -2.19
C ALA B 181 -17.39 -1.82 -2.55
N CYS B 182 -17.24 -1.57 -3.85
CA CYS B 182 -16.75 -0.29 -4.32
C CYS B 182 -17.79 0.81 -4.51
N GLY B 183 -19.06 0.48 -4.31
CA GLY B 183 -20.09 1.48 -4.45
C GLY B 183 -20.82 1.50 -5.76
N ASN B 184 -20.49 0.59 -6.66
CA ASN B 184 -21.15 0.52 -7.97
C ASN B 184 -22.49 -0.19 -7.89
N ALA B 185 -23.25 -0.09 -8.97
CA ALA B 185 -24.53 -0.77 -9.09
C ALA B 185 -24.24 -1.85 -10.14
N VAL B 186 -24.91 -2.98 -10.06
CA VAL B 186 -24.63 -4.05 -11.02
C VAL B 186 -25.82 -4.53 -11.84
N VAL B 187 -25.55 -4.87 -13.10
CA VAL B 187 -26.54 -5.47 -13.99
C VAL B 187 -25.83 -6.62 -14.69
N PHE B 188 -26.16 -7.86 -14.37
CA PHE B 188 -25.48 -8.96 -15.06
C PHE B 188 -26.40 -9.89 -15.86
N LYS B 189 -25.81 -10.55 -16.86
CA LYS B 189 -26.54 -11.44 -17.74
C LYS B 189 -25.94 -12.82 -17.69
N PRO B 190 -26.61 -13.75 -17.01
CA PRO B 190 -26.12 -15.13 -16.90
C PRO B 190 -26.15 -15.82 -18.26
N SER B 191 -25.44 -16.94 -18.37
CA SER B 191 -25.41 -17.70 -19.61
C SER B 191 -26.80 -18.28 -19.81
N PRO B 192 -27.37 -18.10 -21.01
CA PRO B 192 -28.70 -18.61 -21.30
C PRO B 192 -28.94 -20.08 -20.94
N MET B 193 -27.86 -20.85 -20.84
CA MET B 193 -27.95 -22.25 -20.48
C MET B 193 -28.14 -22.43 -18.98
N THR B 194 -27.71 -21.44 -18.21
CA THR B 194 -27.79 -21.48 -16.74
C THR B 194 -28.32 -20.16 -16.13
N PRO B 195 -29.56 -19.76 -16.49
CA PRO B 195 -30.15 -18.52 -15.99
C PRO B 195 -30.75 -18.54 -14.61
N VAL B 196 -31.07 -19.73 -14.12
CA VAL B 196 -31.72 -19.85 -12.83
C VAL B 196 -30.97 -19.40 -11.53
N THR B 197 -29.90 -20.07 -11.11
CA THR B 197 -29.27 -19.63 -9.86
C THR B 197 -28.84 -18.16 -9.74
N GLY B 198 -28.61 -17.51 -10.87
CA GLY B 198 -28.16 -16.13 -10.81
C GLY B 198 -29.14 -15.24 -10.08
N VAL B 199 -30.37 -15.19 -10.58
CA VAL B 199 -31.35 -14.34 -9.97
C VAL B 199 -31.46 -14.56 -8.45
N ILE B 200 -31.17 -15.77 -7.99
CA ILE B 200 -31.24 -16.08 -6.55
C ILE B 200 -30.34 -15.12 -5.78
N LEU B 201 -29.09 -15.06 -6.21
CA LEU B 201 -28.12 -14.20 -5.58
C LEU B 201 -28.71 -12.78 -5.50
N ALA B 202 -29.22 -12.31 -6.64
CA ALA B 202 -29.82 -10.99 -6.75
C ALA B 202 -30.86 -10.79 -5.65
N GLU B 203 -31.83 -11.68 -5.57
CA GLU B 203 -32.81 -11.54 -4.54
C GLU B 203 -32.13 -11.45 -3.17
N ILE B 204 -31.16 -12.31 -2.92
CA ILE B 204 -30.52 -12.30 -1.61
C ILE B 204 -29.96 -10.95 -1.23
N PHE B 205 -29.27 -10.28 -2.16
CA PHE B 205 -28.72 -8.97 -1.87
C PHE B 205 -29.84 -8.03 -1.45
N HIS B 206 -30.96 -8.07 -2.17
CA HIS B 206 -32.09 -7.23 -1.81
C HIS B 206 -32.53 -7.59 -0.40
N GLU B 207 -32.67 -8.88 -0.15
CA GLU B 207 -33.08 -9.36 1.16
C GLU B 207 -32.08 -8.90 2.23
N ALA B 208 -30.81 -8.82 1.86
CA ALA B 208 -29.81 -8.38 2.82
C ALA B 208 -30.03 -6.92 3.22
N GLY B 209 -30.58 -6.11 2.32
CA GLY B 209 -30.80 -4.71 2.64
C GLY B 209 -30.21 -3.73 1.65
N VAL B 210 -29.96 -4.22 0.45
CA VAL B 210 -29.40 -3.41 -0.58
C VAL B 210 -30.48 -2.49 -1.16
N PRO B 211 -30.11 -1.26 -1.56
CA PRO B 211 -31.11 -0.35 -2.13
C PRO B 211 -31.76 -1.01 -3.34
N VAL B 212 -33.07 -0.91 -3.40
CA VAL B 212 -33.82 -1.51 -4.48
C VAL B 212 -33.27 -1.15 -5.83
N GLY B 213 -32.89 -2.20 -6.59
CA GLY B 213 -32.37 -2.00 -7.92
C GLY B 213 -30.87 -2.09 -8.09
N LEU B 214 -30.13 -2.15 -6.99
CA LEU B 214 -28.66 -2.20 -7.05
C LEU B 214 -28.14 -3.41 -7.81
N VAL B 215 -28.80 -4.55 -7.68
CA VAL B 215 -28.35 -5.72 -8.39
C VAL B 215 -29.48 -6.16 -9.27
N ASN B 216 -29.26 -6.11 -10.57
CA ASN B 216 -30.28 -6.52 -11.53
C ASN B 216 -29.80 -7.72 -12.36
N VAL B 217 -30.73 -8.39 -13.04
CA VAL B 217 -30.39 -9.53 -13.87
C VAL B 217 -31.22 -9.57 -15.15
N VAL B 218 -30.57 -9.69 -16.29
CA VAL B 218 -31.30 -9.78 -17.54
C VAL B 218 -30.85 -11.05 -18.19
N GLN B 219 -31.80 -11.83 -18.68
CA GLN B 219 -31.44 -13.07 -19.35
C GLN B 219 -31.29 -12.83 -20.87
N GLY B 220 -30.69 -13.79 -21.55
CA GLY B 220 -30.49 -13.68 -23.00
C GLY B 220 -29.07 -14.04 -23.43
N GLY B 221 -28.78 -13.83 -24.71
CA GLY B 221 -27.45 -14.16 -25.23
C GLY B 221 -26.74 -13.04 -25.95
N ALA B 222 -26.18 -13.36 -27.12
CA ALA B 222 -25.44 -12.40 -27.92
C ALA B 222 -26.13 -11.05 -28.03
N GLU B 223 -27.33 -11.03 -28.58
CA GLU B 223 -28.08 -9.78 -28.76
C GLU B 223 -28.08 -8.99 -27.46
N THR B 224 -28.55 -9.64 -26.40
CA THR B 224 -28.61 -9.00 -25.10
C THR B 224 -27.27 -8.46 -24.66
N GLY B 225 -26.29 -9.35 -24.53
CA GLY B 225 -24.97 -8.95 -24.10
C GLY B 225 -24.49 -7.71 -24.86
N SER B 226 -24.85 -7.62 -26.13
CA SER B 226 -24.44 -6.49 -26.95
C SER B 226 -25.07 -5.22 -26.45
N LEU B 227 -26.37 -5.28 -26.24
CA LEU B 227 -27.08 -4.13 -25.73
C LEU B 227 -26.36 -3.58 -24.50
N LEU B 228 -25.88 -4.47 -23.63
CA LEU B 228 -25.16 -4.03 -22.44
C LEU B 228 -23.91 -3.24 -22.78
N CYS B 229 -23.13 -3.73 -23.74
CA CYS B 229 -21.89 -3.07 -24.16
C CYS B 229 -22.10 -1.74 -24.85
N HIS B 230 -23.24 -1.60 -25.50
CA HIS B 230 -23.54 -0.36 -26.20
C HIS B 230 -24.25 0.63 -25.33
N HIS B 231 -24.99 0.17 -24.34
CA HIS B 231 -25.73 1.10 -23.51
C HIS B 231 -24.83 2.21 -22.96
N PRO B 232 -25.22 3.47 -23.20
CA PRO B 232 -24.50 4.66 -22.77
C PRO B 232 -24.46 4.91 -21.27
N ASN B 233 -25.19 4.14 -20.49
CA ASN B 233 -25.14 4.41 -19.07
C ASN B 233 -24.40 3.36 -18.24
N VAL B 234 -23.74 2.46 -18.96
CA VAL B 234 -22.96 1.40 -18.36
C VAL B 234 -21.56 1.96 -18.43
N ALA B 235 -20.91 2.06 -17.27
CA ALA B 235 -19.57 2.62 -17.22
C ALA B 235 -18.51 1.54 -17.39
N LYS B 236 -18.85 0.31 -17.02
CA LYS B 236 -17.90 -0.79 -17.13
C LYS B 236 -18.51 -2.11 -17.56
N VAL B 237 -17.75 -2.88 -18.34
CA VAL B 237 -18.16 -4.23 -18.77
C VAL B 237 -17.11 -5.22 -18.22
N SER B 238 -17.59 -6.27 -17.57
CA SER B 238 -16.71 -7.30 -17.00
C SER B 238 -17.12 -8.60 -17.68
N PHE B 239 -16.30 -9.02 -18.63
CA PHE B 239 -16.59 -10.22 -19.41
C PHE B 239 -15.81 -11.50 -19.07
N THR B 240 -16.49 -12.62 -19.14
CA THR B 240 -15.86 -13.92 -18.92
C THR B 240 -16.40 -14.88 -19.98
N GLY B 241 -15.52 -15.43 -20.81
CA GLY B 241 -15.98 -16.33 -21.83
C GLY B 241 -14.85 -16.62 -22.78
N SER B 242 -15.21 -17.02 -24.01
CA SER B 242 -14.23 -17.35 -25.03
C SER B 242 -13.44 -16.15 -25.55
N VAL B 243 -12.27 -16.43 -26.11
CA VAL B 243 -11.43 -15.39 -26.65
C VAL B 243 -12.16 -14.67 -27.78
N PRO B 244 -12.69 -15.43 -28.73
CA PRO B 244 -13.40 -14.82 -29.85
C PRO B 244 -14.40 -13.75 -29.43
N THR B 245 -15.20 -14.06 -28.42
CA THR B 245 -16.20 -13.12 -27.95
C THR B 245 -15.54 -11.98 -27.19
N GLY B 246 -14.62 -12.31 -26.29
CA GLY B 246 -13.91 -11.27 -25.55
C GLY B 246 -13.48 -10.20 -26.52
N LYS B 247 -12.98 -10.61 -27.68
CA LYS B 247 -12.56 -9.68 -28.72
C LYS B 247 -13.71 -8.80 -29.21
N LYS B 248 -14.89 -9.38 -29.45
CA LYS B 248 -16.01 -8.57 -29.90
C LYS B 248 -16.45 -7.60 -28.81
N VAL B 249 -16.56 -8.11 -27.58
CA VAL B 249 -16.96 -7.28 -26.46
C VAL B 249 -16.08 -6.05 -26.33
N MET B 250 -14.77 -6.26 -26.44
CA MET B 250 -13.86 -5.13 -26.30
C MET B 250 -14.09 -4.09 -27.38
N GLU B 251 -14.44 -4.54 -28.59
CA GLU B 251 -14.66 -3.61 -29.70
C GLU B 251 -15.88 -2.75 -29.52
N MET B 252 -16.96 -3.36 -29.09
CA MET B 252 -18.18 -2.63 -28.89
C MET B 252 -17.99 -1.65 -27.75
N SER B 253 -17.26 -2.08 -26.71
CA SER B 253 -17.03 -1.23 -25.55
C SER B 253 -16.28 0.04 -25.93
N ALA B 254 -15.52 -0.02 -27.00
CA ALA B 254 -14.72 1.11 -27.43
C ALA B 254 -15.57 2.30 -27.88
N LYS B 255 -16.72 2.02 -28.50
CA LYS B 255 -17.55 3.08 -29.01
C LYS B 255 -17.96 4.08 -27.96
N THR B 256 -17.80 3.72 -26.70
CA THR B 256 -18.16 4.59 -25.60
C THR B 256 -17.01 4.82 -24.64
N VAL B 257 -15.91 4.15 -24.88
CA VAL B 257 -14.74 4.31 -24.03
C VAL B 257 -15.01 3.68 -22.66
N LYS B 258 -15.78 2.58 -22.65
CA LYS B 258 -16.07 1.85 -21.44
C LYS B 258 -14.86 1.15 -20.82
N HIS B 259 -14.83 1.03 -19.49
CA HIS B 259 -13.75 0.31 -18.83
C HIS B 259 -14.05 -1.15 -19.13
N VAL B 260 -13.02 -1.93 -19.40
CA VAL B 260 -13.24 -3.33 -19.71
C VAL B 260 -12.24 -4.25 -19.03
N THR B 261 -12.67 -5.46 -18.72
CA THR B 261 -11.79 -6.48 -18.16
C THR B 261 -12.26 -7.78 -18.80
N LEU B 262 -11.31 -8.58 -19.26
CA LEU B 262 -11.65 -9.84 -19.89
C LEU B 262 -10.91 -11.01 -19.28
N GLU B 263 -11.65 -12.00 -18.80
CA GLU B 263 -11.10 -13.22 -18.23
C GLU B 263 -11.49 -14.24 -19.32
N LEU B 264 -10.71 -14.28 -20.40
CA LEU B 264 -10.94 -15.19 -21.52
C LEU B 264 -10.51 -16.64 -21.20
N GLY B 265 -10.34 -17.47 -22.22
CA GLY B 265 -9.94 -18.84 -21.96
C GLY B 265 -8.45 -19.14 -21.81
N GLY B 266 -8.07 -20.37 -22.12
CA GLY B 266 -6.67 -20.78 -22.05
C GLY B 266 -6.38 -22.23 -22.41
N LYS B 267 -5.10 -22.52 -22.66
CA LYS B 267 -4.61 -23.87 -22.99
C LYS B 267 -3.34 -23.97 -22.15
N SER B 268 -3.54 -23.94 -20.84
CA SER B 268 -2.46 -23.94 -19.87
C SER B 268 -1.68 -25.24 -19.71
N PRO B 269 -0.37 -25.13 -19.58
CA PRO B 269 0.57 -26.23 -19.42
C PRO B 269 0.89 -26.66 -17.98
N LEU B 270 0.95 -27.97 -17.76
CA LEU B 270 1.32 -28.53 -16.46
C LEU B 270 2.65 -29.23 -16.66
N LEU B 271 3.66 -28.83 -15.88
CA LEU B 271 5.00 -29.39 -16.03
C LEU B 271 5.39 -30.35 -14.91
N ILE B 272 5.75 -31.57 -15.30
CA ILE B 272 6.14 -32.62 -14.35
C ILE B 272 7.61 -33.00 -14.50
N PHE B 273 8.43 -32.69 -13.50
CA PHE B 273 9.83 -33.04 -13.59
C PHE B 273 10.08 -34.36 -12.89
N LYS B 274 11.10 -35.07 -13.34
CA LYS B 274 11.42 -36.40 -12.80
C LYS B 274 11.71 -36.47 -11.30
N ASP B 275 12.02 -35.33 -10.68
CA ASP B 275 12.30 -35.33 -9.25
C ASP B 275 11.06 -35.05 -8.41
N CYS B 276 9.89 -35.05 -9.02
CA CYS B 276 8.67 -34.77 -8.29
C CYS B 276 8.28 -35.95 -7.42
N GLU B 277 7.05 -35.95 -6.90
CA GLU B 277 6.50 -37.04 -6.08
C GLU B 277 5.28 -37.54 -6.86
N LEU B 278 5.47 -38.58 -7.67
CA LEU B 278 4.40 -39.11 -8.49
C LEU B 278 2.95 -38.99 -7.99
N GLU B 279 2.67 -39.46 -6.78
CA GLU B 279 1.27 -39.40 -6.31
C GLU B 279 0.69 -38.00 -6.42
N ASN B 280 1.37 -37.03 -5.79
CA ASN B 280 0.90 -35.66 -5.83
C ASN B 280 0.83 -35.18 -7.26
N ALA B 281 1.81 -35.56 -8.07
CA ALA B 281 1.84 -35.19 -9.48
C ALA B 281 0.65 -35.80 -10.24
N VAL B 282 0.32 -37.03 -9.92
CA VAL B 282 -0.78 -37.68 -10.56
C VAL B 282 -2.05 -36.92 -10.21
N ARG B 283 -2.19 -36.61 -8.93
CA ARG B 283 -3.35 -35.86 -8.44
C ARG B 283 -3.46 -34.53 -9.16
N GLY B 284 -2.34 -33.83 -9.27
CA GLY B 284 -2.32 -32.56 -9.96
C GLY B 284 -2.91 -32.73 -11.34
N ALA B 285 -2.27 -33.55 -12.18
CA ALA B 285 -2.71 -33.78 -13.56
C ALA B 285 -4.19 -34.06 -13.58
N LEU B 286 -4.59 -34.83 -12.58
CA LEU B 286 -5.97 -35.24 -12.43
C LEU B 286 -6.86 -34.04 -12.10
N MET B 287 -6.57 -33.39 -10.98
CA MET B 287 -7.31 -32.22 -10.52
C MET B 287 -7.27 -31.10 -11.55
N ALA B 288 -6.19 -31.06 -12.32
CA ALA B 288 -6.01 -30.03 -13.35
C ALA B 288 -6.77 -30.32 -14.63
N ASN B 289 -7.47 -31.44 -14.68
CA ASN B 289 -8.15 -31.85 -15.91
C ASN B 289 -9.59 -32.28 -15.86
N PHE B 290 -10.06 -32.76 -14.71
CA PHE B 290 -11.43 -33.27 -14.66
C PHE B 290 -12.45 -32.71 -13.67
N LEU B 291 -12.25 -31.48 -13.20
CA LEU B 291 -13.23 -30.88 -12.29
C LEU B 291 -14.35 -30.35 -13.20
N THR B 292 -15.58 -30.35 -12.71
CA THR B 292 -16.69 -29.85 -13.51
C THR B 292 -16.62 -30.35 -14.98
N GLN B 293 -16.60 -31.66 -15.12
CA GLN B 293 -16.56 -32.27 -16.44
C GLN B 293 -15.42 -31.72 -17.31
N GLY B 294 -14.37 -31.22 -16.67
CA GLY B 294 -13.24 -30.70 -17.44
C GLY B 294 -13.58 -29.42 -18.20
N GLN B 295 -14.67 -28.78 -17.82
CA GLN B 295 -15.12 -27.54 -18.46
C GLN B 295 -14.63 -26.35 -17.66
N VAL B 296 -13.37 -26.42 -17.25
CA VAL B 296 -12.74 -25.36 -16.47
C VAL B 296 -11.65 -24.64 -17.28
N CYS B 297 -11.79 -23.33 -17.41
CA CYS B 297 -10.84 -22.51 -18.15
C CYS B 297 -9.39 -22.61 -17.68
N THR B 298 -9.14 -22.79 -16.38
CA THR B 298 -7.76 -22.86 -15.88
C THR B 298 -7.09 -24.24 -15.90
N ASN B 299 -7.72 -25.22 -16.55
CA ASN B 299 -7.20 -26.57 -16.62
C ASN B 299 -5.90 -26.74 -17.38
N GLY B 300 -4.97 -27.50 -16.76
CA GLY B 300 -3.67 -27.78 -17.36
C GLY B 300 -3.85 -28.93 -18.31
N THR B 301 -4.62 -28.66 -19.38
CA THR B 301 -4.96 -29.63 -20.41
C THR B 301 -3.78 -30.06 -21.32
N ARG B 302 -2.63 -29.46 -21.11
CA ARG B 302 -1.45 -29.74 -21.90
C ARG B 302 -0.36 -30.13 -20.90
N VAL B 303 -0.35 -31.41 -20.53
CA VAL B 303 0.58 -31.96 -19.54
C VAL B 303 1.93 -32.43 -20.05
N PHE B 304 3.01 -31.78 -19.62
CA PHE B 304 4.35 -32.17 -20.01
C PHE B 304 5.01 -32.99 -18.92
N VAL B 305 5.34 -34.23 -19.25
CA VAL B 305 5.99 -35.11 -18.29
C VAL B 305 7.39 -35.42 -18.76
N GLN B 306 8.36 -35.25 -17.85
CA GLN B 306 9.76 -35.51 -18.19
C GLN B 306 9.94 -36.99 -18.53
N ARG B 307 10.46 -37.25 -19.73
CA ARG B 307 10.63 -38.59 -20.27
C ARG B 307 10.92 -39.77 -19.34
N GLU B 308 11.90 -39.64 -18.44
CA GLU B 308 12.24 -40.75 -17.53
C GLU B 308 11.06 -41.34 -16.78
N ILE B 309 10.14 -40.49 -16.30
CA ILE B 309 8.99 -40.97 -15.55
C ILE B 309 7.71 -41.15 -16.38
N MET B 310 7.78 -40.81 -17.66
CA MET B 310 6.63 -40.92 -18.56
C MET B 310 5.78 -42.18 -18.35
N PRO B 311 6.41 -43.39 -18.35
CA PRO B 311 5.73 -44.67 -18.16
C PRO B 311 4.95 -44.82 -16.87
N GLN B 312 5.66 -44.93 -15.74
CA GLN B 312 5.00 -45.09 -14.45
C GLN B 312 3.97 -44.00 -14.18
N PHE B 313 4.22 -42.79 -14.65
CA PHE B 313 3.25 -41.70 -14.49
C PHE B 313 2.00 -42.04 -15.30
N LEU B 314 2.19 -42.18 -16.60
CA LEU B 314 1.13 -42.46 -17.54
C LEU B 314 0.31 -43.70 -17.18
N GLU B 315 0.92 -44.64 -16.46
CA GLU B 315 0.23 -45.86 -16.05
C GLU B 315 -0.82 -45.58 -14.98
N GLU B 316 -0.35 -45.07 -13.84
CA GLU B 316 -1.18 -44.72 -12.69
C GLU B 316 -2.27 -43.69 -13.00
N VAL B 317 -1.99 -42.79 -13.92
CA VAL B 317 -2.96 -41.77 -14.26
C VAL B 317 -4.07 -42.29 -15.17
N VAL B 318 -3.78 -43.30 -16.00
CA VAL B 318 -4.81 -43.89 -16.88
C VAL B 318 -5.78 -44.74 -16.03
N LYS B 319 -5.20 -45.41 -15.05
CA LYS B 319 -5.95 -46.24 -14.11
C LYS B 319 -6.92 -45.32 -13.38
N ARG B 320 -6.37 -44.27 -12.76
CA ARG B 320 -7.14 -43.29 -11.99
C ARG B 320 -8.26 -42.61 -12.77
N THR B 321 -7.99 -42.26 -14.02
CA THR B 321 -9.01 -41.65 -14.85
C THR B 321 -10.14 -42.63 -15.14
N LYS B 322 -9.79 -43.91 -15.26
CA LYS B 322 -10.79 -44.94 -15.53
C LYS B 322 -11.61 -45.20 -14.28
N ALA B 323 -10.99 -44.97 -13.13
CA ALA B 323 -11.65 -45.17 -11.85
C ALA B 323 -12.61 -44.02 -11.49
N ILE B 324 -12.84 -43.08 -12.41
CA ILE B 324 -13.73 -41.96 -12.12
C ILE B 324 -15.18 -42.40 -12.35
N VAL B 325 -16.04 -42.15 -11.36
CA VAL B 325 -17.45 -42.53 -11.43
C VAL B 325 -18.35 -41.52 -12.15
N VAL B 326 -18.86 -41.89 -13.31
CA VAL B 326 -19.74 -40.99 -14.02
C VAL B 326 -21.17 -41.42 -13.79
N GLY B 327 -22.04 -40.47 -13.41
CA GLY B 327 -23.42 -40.81 -13.17
C GLY B 327 -24.30 -39.69 -12.64
N ASP B 328 -25.17 -40.00 -11.67
CA ASP B 328 -26.03 -38.98 -11.11
C ASP B 328 -25.19 -37.97 -10.34
N PRO B 329 -25.18 -36.72 -10.82
CA PRO B 329 -24.43 -35.60 -10.25
C PRO B 329 -24.85 -35.25 -8.81
N LEU B 330 -26.10 -35.53 -8.48
CA LEU B 330 -26.64 -35.24 -7.17
C LEU B 330 -26.26 -36.32 -6.16
N LEU B 331 -25.40 -37.24 -6.59
CA LEU B 331 -24.91 -38.33 -5.75
C LEU B 331 -23.53 -37.96 -5.21
N THR B 332 -23.27 -38.23 -3.95
CA THR B 332 -21.99 -37.86 -3.36
C THR B 332 -20.81 -38.69 -3.85
N GLU B 333 -21.04 -39.93 -4.25
CA GLU B 333 -19.94 -40.75 -4.73
C GLU B 333 -19.64 -40.50 -6.21
N THR B 334 -20.51 -39.74 -6.88
CA THR B 334 -20.27 -39.43 -8.29
C THR B 334 -19.08 -38.46 -8.42
N ARG B 335 -18.24 -38.66 -9.42
CA ARG B 335 -17.11 -37.76 -9.58
C ARG B 335 -17.14 -36.96 -10.87
N MET B 336 -18.17 -37.20 -11.67
CA MET B 336 -18.34 -36.45 -12.92
C MET B 336 -19.76 -36.55 -13.42
N GLY B 337 -20.34 -35.40 -13.76
CA GLY B 337 -21.70 -35.37 -14.25
C GLY B 337 -21.66 -35.31 -15.76
N GLY B 338 -22.76 -34.84 -16.35
CA GLY B 338 -22.83 -34.74 -17.79
C GLY B 338 -22.36 -33.35 -18.18
N LEU B 339 -21.99 -33.15 -19.45
CA LEU B 339 -21.53 -31.84 -19.88
C LEU B 339 -22.74 -30.89 -19.95
N ILE B 340 -22.50 -29.64 -20.29
CA ILE B 340 -23.53 -28.63 -20.28
C ILE B 340 -24.61 -28.78 -21.33
N SER B 341 -24.26 -29.20 -22.53
CA SER B 341 -25.26 -29.36 -23.57
C SER B 341 -24.83 -30.41 -24.58
N LYS B 342 -25.78 -30.85 -25.40
CA LYS B 342 -25.55 -31.85 -26.43
C LYS B 342 -24.49 -31.31 -27.35
N PRO B 343 -24.70 -30.10 -27.89
CA PRO B 343 -23.70 -29.53 -28.80
C PRO B 343 -22.29 -29.59 -28.24
N GLN B 344 -22.14 -29.26 -26.95
CA GLN B 344 -20.83 -29.29 -26.32
C GLN B 344 -20.27 -30.70 -26.30
N LEU B 345 -21.12 -31.67 -25.97
CA LEU B 345 -20.70 -33.06 -25.94
C LEU B 345 -20.18 -33.47 -27.32
N ASP B 346 -20.94 -33.16 -28.37
CA ASP B 346 -20.54 -33.51 -29.74
C ASP B 346 -19.26 -32.81 -30.13
N LYS B 347 -19.11 -31.59 -29.65
CA LYS B 347 -17.91 -30.83 -29.95
C LYS B 347 -16.72 -31.49 -29.27
N VAL B 348 -16.86 -31.81 -27.99
CA VAL B 348 -15.74 -32.44 -27.27
C VAL B 348 -15.35 -33.78 -27.89
N LEU B 349 -16.35 -34.56 -28.27
CA LEU B 349 -16.08 -35.85 -28.90
C LEU B 349 -15.41 -35.62 -30.25
N GLY B 350 -15.95 -34.69 -31.03
CA GLY B 350 -15.37 -34.39 -32.33
C GLY B 350 -13.87 -34.14 -32.19
N PHE B 351 -13.45 -33.50 -31.10
CA PHE B 351 -12.02 -33.23 -30.89
C PHE B 351 -11.24 -34.52 -30.71
N VAL B 352 -11.72 -35.41 -29.85
CA VAL B 352 -11.02 -36.67 -29.62
C VAL B 352 -10.89 -37.43 -30.95
N ALA B 353 -11.96 -37.40 -31.74
CA ALA B 353 -12.02 -38.07 -33.03
C ALA B 353 -10.89 -37.61 -33.91
N GLN B 354 -10.83 -36.30 -34.14
CA GLN B 354 -9.78 -35.76 -34.99
C GLN B 354 -8.39 -35.96 -34.36
N ALA B 355 -8.35 -36.17 -33.05
CA ALA B 355 -7.07 -36.36 -32.37
C ALA B 355 -6.43 -37.61 -32.95
N LYS B 356 -7.14 -38.73 -32.88
CA LYS B 356 -6.60 -39.96 -33.39
C LYS B 356 -6.38 -39.89 -34.88
N LYS B 357 -7.14 -39.04 -35.56
CA LYS B 357 -6.96 -38.89 -37.00
C LYS B 357 -5.67 -38.13 -37.26
N GLU B 358 -5.09 -37.55 -36.23
CA GLU B 358 -3.85 -36.81 -36.42
C GLU B 358 -2.68 -37.59 -35.80
N GLY B 359 -2.96 -38.78 -35.29
CA GLY B 359 -1.90 -39.58 -34.71
C GLY B 359 -2.04 -39.84 -33.23
N ALA B 360 -2.93 -39.10 -32.59
CA ALA B 360 -3.16 -39.26 -31.16
C ALA B 360 -3.51 -40.72 -30.87
N ARG B 361 -3.14 -41.14 -29.67
CA ARG B 361 -3.34 -42.50 -29.23
C ARG B 361 -4.15 -42.45 -27.93
N VAL B 362 -5.44 -42.80 -28.03
CA VAL B 362 -6.35 -42.79 -26.89
C VAL B 362 -6.12 -43.93 -25.87
N LEU B 363 -5.65 -43.60 -24.67
CA LEU B 363 -5.40 -44.62 -23.66
C LEU B 363 -6.64 -44.97 -22.87
N CYS B 364 -7.68 -44.16 -22.94
CA CYS B 364 -8.93 -44.44 -22.23
C CYS B 364 -9.96 -43.32 -22.40
N GLY B 365 -11.23 -43.67 -22.26
CA GLY B 365 -12.31 -42.72 -22.41
C GLY B 365 -12.36 -42.16 -23.80
N GLY B 366 -13.16 -41.11 -23.98
CA GLY B 366 -13.25 -40.49 -25.29
C GLY B 366 -14.47 -40.89 -26.09
N GLU B 367 -15.41 -41.55 -25.45
CA GLU B 367 -16.60 -41.98 -26.17
C GLU B 367 -17.85 -41.66 -25.41
N PRO B 368 -18.99 -41.66 -26.10
CA PRO B 368 -20.26 -41.35 -25.44
C PRO B 368 -20.41 -42.33 -24.29
N LEU B 369 -21.44 -42.14 -23.47
CA LEU B 369 -21.64 -43.03 -22.33
C LEU B 369 -23.14 -43.18 -22.11
N THR B 370 -23.52 -44.16 -21.29
CA THR B 370 -24.91 -44.39 -20.97
C THR B 370 -24.97 -45.05 -19.62
N PRO B 371 -25.20 -44.26 -18.56
CA PRO B 371 -25.27 -44.75 -17.19
C PRO B 371 -26.32 -45.85 -17.00
N SER B 372 -26.09 -46.72 -16.03
CA SER B 372 -27.01 -47.80 -15.76
C SER B 372 -28.39 -47.24 -15.45
N ASP B 373 -28.43 -46.31 -14.50
CA ASP B 373 -29.69 -45.68 -14.09
C ASP B 373 -30.49 -45.23 -15.31
N PRO B 374 -31.73 -45.69 -15.40
CA PRO B 374 -32.60 -45.33 -16.52
C PRO B 374 -32.90 -43.85 -16.72
N LYS B 375 -32.95 -43.06 -15.65
CA LYS B 375 -33.26 -41.64 -15.80
C LYS B 375 -32.15 -40.82 -16.42
N LEU B 376 -30.93 -41.36 -16.40
CA LEU B 376 -29.78 -40.68 -16.96
C LEU B 376 -29.50 -41.11 -18.40
N LYS B 377 -30.44 -41.82 -19.01
CA LYS B 377 -30.26 -42.29 -20.37
C LYS B 377 -30.06 -41.19 -21.38
N ASN B 378 -30.71 -40.06 -21.15
CA ASN B 378 -30.60 -38.95 -22.08
C ASN B 378 -29.64 -37.84 -21.66
N GLY B 379 -28.89 -38.09 -20.59
CA GLY B 379 -27.93 -37.12 -20.11
C GLY B 379 -26.83 -36.92 -21.13
N TYR B 380 -26.00 -35.90 -20.93
CA TYR B 380 -24.93 -35.61 -21.85
C TYR B 380 -23.63 -36.15 -21.30
N PHE B 381 -23.52 -37.47 -21.17
CA PHE B 381 -22.30 -38.07 -20.62
C PHE B 381 -21.31 -38.62 -21.65
N MET B 382 -20.05 -38.60 -21.28
CA MET B 382 -18.93 -39.13 -22.07
C MET B 382 -17.89 -39.51 -21.02
N SER B 383 -16.94 -40.34 -21.39
CA SER B 383 -15.96 -40.78 -20.40
C SER B 383 -14.66 -40.02 -20.50
N PRO B 384 -14.12 -39.60 -19.34
CA PRO B 384 -12.86 -38.86 -19.30
C PRO B 384 -11.79 -39.56 -20.13
N CYS B 385 -11.22 -38.82 -21.06
CA CYS B 385 -10.21 -39.28 -22.01
C CYS B 385 -8.79 -38.80 -21.75
N VAL B 386 -7.83 -39.69 -21.97
CA VAL B 386 -6.41 -39.37 -21.78
C VAL B 386 -5.62 -39.67 -23.07
N LEU B 387 -5.21 -38.63 -23.78
CA LEU B 387 -4.46 -38.81 -25.01
C LEU B 387 -3.00 -39.08 -24.71
N ASP B 388 -2.34 -39.68 -25.69
CA ASP B 388 -0.96 -40.09 -25.59
C ASP B 388 -0.41 -39.95 -26.99
N ASN B 389 0.89 -39.76 -27.15
CA ASN B 389 1.45 -39.61 -28.49
C ASN B 389 0.99 -38.31 -29.13
N CYS B 390 1.18 -37.20 -28.42
CA CYS B 390 0.76 -35.91 -28.93
C CYS B 390 1.92 -35.07 -29.44
N ARG B 391 1.61 -34.17 -30.37
CA ARG B 391 2.63 -33.30 -30.95
C ARG B 391 2.20 -31.84 -30.77
N ASP B 392 3.16 -30.94 -30.54
CA ASP B 392 2.85 -29.54 -30.34
C ASP B 392 2.02 -28.93 -31.46
N ASP B 393 1.95 -29.60 -32.60
CA ASP B 393 1.22 -29.08 -33.74
C ASP B 393 -0.18 -29.65 -33.91
N MET B 394 -0.52 -30.68 -33.15
CA MET B 394 -1.87 -31.27 -33.23
C MET B 394 -2.96 -30.30 -32.76
N THR B 395 -4.09 -30.29 -33.46
CA THR B 395 -5.19 -29.43 -33.09
C THR B 395 -5.58 -29.57 -31.64
N CYS B 396 -5.53 -30.79 -31.10
CA CYS B 396 -5.92 -30.99 -29.70
C CYS B 396 -4.95 -30.35 -28.68
N VAL B 397 -3.70 -30.18 -29.07
CA VAL B 397 -2.74 -29.60 -28.16
C VAL B 397 -2.81 -28.09 -28.20
N LYS B 398 -3.26 -27.57 -29.34
CA LYS B 398 -3.33 -26.13 -29.53
C LYS B 398 -4.64 -25.46 -29.15
N GLU B 399 -5.75 -26.13 -29.40
CA GLU B 399 -7.09 -25.59 -29.13
C GLU B 399 -7.65 -25.87 -27.73
N GLU B 400 -8.46 -24.95 -27.21
CA GLU B 400 -9.07 -25.18 -25.90
C GLU B 400 -10.27 -26.07 -26.21
N ILE B 401 -10.26 -27.30 -25.69
CA ILE B 401 -11.34 -28.25 -25.96
C ILE B 401 -12.56 -27.84 -25.14
N PHE B 402 -12.32 -27.80 -23.83
CA PHE B 402 -13.31 -27.47 -22.80
C PHE B 402 -14.17 -28.68 -22.52
N GLY B 403 -13.50 -29.82 -22.44
CA GLY B 403 -14.12 -31.09 -22.15
C GLY B 403 -13.09 -31.92 -21.41
N PRO B 404 -13.46 -33.06 -20.82
CA PRO B 404 -12.51 -33.91 -20.08
C PRO B 404 -11.50 -34.63 -20.98
N VAL B 405 -10.56 -33.91 -21.56
CA VAL B 405 -9.57 -34.51 -22.44
C VAL B 405 -8.16 -34.02 -22.11
N MET B 406 -7.33 -34.95 -21.63
CA MET B 406 -5.96 -34.66 -21.21
C MET B 406 -4.90 -35.03 -22.26
N SER B 407 -4.04 -34.10 -22.68
CA SER B 407 -3.00 -34.40 -23.66
C SER B 407 -1.64 -34.51 -22.98
N VAL B 408 -1.09 -35.72 -22.92
CA VAL B 408 0.21 -35.93 -22.28
C VAL B 408 1.29 -35.88 -23.35
N LEU B 409 2.39 -35.21 -23.05
CA LEU B 409 3.49 -35.09 -24.00
C LEU B 409 4.79 -35.18 -23.25
N PRO B 410 5.77 -35.90 -23.80
CA PRO B 410 7.09 -36.08 -23.17
C PRO B 410 7.98 -34.87 -23.42
N PHE B 411 9.01 -34.71 -22.59
CA PHE B 411 9.97 -33.61 -22.74
C PHE B 411 11.29 -34.04 -22.11
N ASP B 412 12.39 -33.42 -22.51
CA ASP B 412 13.70 -33.78 -22.00
C ASP B 412 14.40 -32.78 -21.09
N THR B 413 14.52 -31.54 -21.54
CA THR B 413 15.19 -30.52 -20.74
C THR B 413 14.34 -29.33 -20.37
N GLU B 414 14.74 -28.62 -19.32
CA GLU B 414 13.99 -27.46 -18.83
C GLU B 414 13.88 -26.36 -19.88
N GLU B 415 14.99 -25.97 -20.47
CA GLU B 415 14.94 -24.93 -21.46
C GLU B 415 13.96 -25.34 -22.57
N GLU B 416 13.91 -26.64 -22.86
CA GLU B 416 13.04 -27.16 -23.90
C GLU B 416 11.56 -26.84 -23.68
N VAL B 417 10.98 -27.38 -22.61
CA VAL B 417 9.58 -27.16 -22.26
C VAL B 417 9.17 -25.73 -22.09
N LEU B 418 10.04 -24.91 -21.49
CA LEU B 418 9.69 -23.52 -21.30
C LEU B 418 9.34 -22.89 -22.64
N GLN B 419 10.21 -23.08 -23.63
CA GLN B 419 9.96 -22.48 -24.93
C GLN B 419 8.68 -23.05 -25.49
N ARG B 420 8.43 -24.33 -25.21
CA ARG B 420 7.22 -25.01 -25.72
C ARG B 420 5.99 -24.61 -24.94
N ALA B 421 6.14 -24.48 -23.62
CA ALA B 421 5.03 -24.11 -22.73
C ALA B 421 4.52 -22.71 -23.07
N ASN B 422 5.45 -21.77 -23.13
CA ASN B 422 5.11 -20.40 -23.44
C ASN B 422 4.79 -20.21 -24.90
N ASN B 423 4.97 -21.24 -25.71
CA ASN B 423 4.68 -21.05 -27.12
C ASN B 423 3.21 -21.19 -27.43
N THR B 424 2.44 -20.21 -26.99
CA THR B 424 1.00 -20.18 -27.20
C THR B 424 0.52 -18.74 -27.13
N THR B 425 -0.64 -18.50 -27.71
CA THR B 425 -1.19 -17.15 -27.71
C THR B 425 -1.94 -16.92 -26.37
N PHE B 426 -2.20 -18.03 -25.69
CA PHE B 426 -2.86 -18.06 -24.40
C PHE B 426 -1.87 -17.75 -23.26
N GLY B 427 -2.39 -17.57 -22.06
CA GLY B 427 -1.53 -17.28 -20.92
C GLY B 427 -2.32 -17.09 -19.64
N LEU B 428 -3.22 -18.02 -19.35
CA LEU B 428 -4.05 -17.94 -18.17
C LEU B 428 -3.39 -18.58 -16.96
N ALA B 429 -3.11 -19.86 -17.03
CA ALA B 429 -2.49 -20.54 -15.91
C ALA B 429 -1.39 -21.51 -16.34
N SER B 430 -0.81 -22.18 -15.36
CA SER B 430 0.27 -23.12 -15.62
C SER B 430 0.66 -23.74 -14.29
N GLY B 431 1.34 -24.88 -14.33
CA GLY B 431 1.73 -25.54 -13.11
C GLY B 431 3.05 -26.27 -13.20
N VAL B 432 3.62 -26.60 -12.07
CA VAL B 432 4.87 -27.28 -12.10
C VAL B 432 5.05 -28.13 -10.89
N PHE B 433 5.39 -29.40 -11.13
CA PHE B 433 5.64 -30.34 -10.05
C PHE B 433 7.09 -30.70 -10.08
N THR B 434 7.83 -30.25 -9.07
CA THR B 434 9.24 -30.54 -8.97
C THR B 434 9.60 -30.40 -7.50
N ARG B 435 10.84 -30.68 -7.16
CA ARG B 435 11.24 -30.62 -5.76
C ARG B 435 12.38 -29.67 -5.46
N ASP B 436 13.05 -29.23 -6.51
CA ASP B 436 14.17 -28.30 -6.32
C ASP B 436 13.79 -26.83 -6.19
N ILE B 437 14.03 -26.28 -5.00
CA ILE B 437 13.71 -24.89 -4.72
C ILE B 437 14.01 -23.93 -5.86
N SER B 438 15.17 -24.07 -6.46
CA SER B 438 15.49 -23.17 -7.55
C SER B 438 14.67 -23.38 -8.79
N ARG B 439 14.51 -24.62 -9.22
CA ARG B 439 13.75 -24.86 -10.43
C ARG B 439 12.34 -24.36 -10.28
N ALA B 440 11.76 -24.64 -9.12
CA ALA B 440 10.39 -24.21 -8.87
C ALA B 440 10.19 -22.73 -9.20
N HIS B 441 10.73 -21.86 -8.36
CA HIS B 441 10.55 -20.45 -8.58
C HIS B 441 11.00 -20.00 -9.96
N ARG B 442 12.15 -20.52 -10.39
CA ARG B 442 12.70 -20.17 -11.70
C ARG B 442 11.69 -20.47 -12.80
N VAL B 443 11.15 -21.68 -12.82
CA VAL B 443 10.17 -22.03 -13.84
C VAL B 443 8.95 -21.13 -13.67
N ALA B 444 8.60 -20.87 -12.43
CA ALA B 444 7.45 -20.02 -12.11
C ALA B 444 7.67 -18.67 -12.75
N ALA B 445 8.82 -18.10 -12.44
CA ALA B 445 9.15 -16.81 -12.97
C ALA B 445 9.12 -16.76 -14.49
N ASN B 446 9.51 -17.87 -15.15
CA ASN B 446 9.57 -17.90 -16.62
C ASN B 446 8.33 -18.25 -17.39
N LEU B 447 7.38 -18.92 -16.76
CA LEU B 447 6.16 -19.21 -17.48
C LEU B 447 5.45 -17.89 -17.75
N GLU B 448 4.84 -17.77 -18.92
CA GLU B 448 4.14 -16.55 -19.26
C GLU B 448 2.66 -16.68 -19.06
N ALA B 449 2.24 -16.83 -17.81
CA ALA B 449 0.83 -16.93 -17.51
C ALA B 449 0.54 -16.09 -16.29
N GLY B 450 -0.74 -15.85 -16.05
CA GLY B 450 -1.13 -15.03 -14.92
C GLY B 450 -1.13 -15.75 -13.60
N THR B 451 -1.13 -17.08 -13.67
CA THR B 451 -1.12 -17.88 -12.47
C THR B 451 -0.27 -19.11 -12.62
N CYS B 452 0.47 -19.42 -11.57
CA CYS B 452 1.30 -20.59 -11.60
C CYS B 452 1.25 -21.36 -10.31
N TYR B 453 0.78 -22.59 -10.40
CA TYR B 453 0.67 -23.44 -9.24
C TYR B 453 1.96 -24.21 -9.10
N ILE B 454 2.41 -24.38 -7.86
CA ILE B 454 3.60 -25.14 -7.56
C ILE B 454 3.24 -26.30 -6.66
N ASN B 455 3.30 -27.53 -7.21
CA ASN B 455 2.98 -28.78 -6.52
C ASN B 455 1.54 -28.90 -6.07
N THR B 456 0.64 -28.42 -6.91
CA THR B 456 -0.79 -28.51 -6.63
C THR B 456 -1.39 -27.93 -7.88
N TYR B 457 -2.70 -27.74 -7.84
CA TYR B 457 -3.34 -27.18 -9.00
C TYR B 457 -4.84 -26.96 -8.77
N SER B 458 -5.40 -25.98 -9.49
CA SER B 458 -6.82 -25.65 -9.43
C SER B 458 -7.29 -24.95 -8.16
N ILE B 459 -6.36 -24.57 -7.30
CA ILE B 459 -6.71 -23.85 -6.08
C ILE B 459 -6.95 -22.40 -6.52
N SER B 460 -8.04 -21.80 -6.03
CA SER B 460 -8.32 -20.41 -6.38
C SER B 460 -8.80 -19.62 -5.20
N PRO B 461 -7.89 -19.29 -4.26
CA PRO B 461 -8.19 -18.52 -3.04
C PRO B 461 -8.69 -17.08 -3.31
N VAL B 462 -9.53 -16.55 -2.42
CA VAL B 462 -10.03 -15.19 -2.62
C VAL B 462 -8.99 -14.15 -2.22
N GLU B 463 -8.07 -14.54 -1.34
CA GLU B 463 -7.02 -13.62 -0.91
C GLU B 463 -6.10 -13.15 -2.03
N VAL B 464 -6.00 -13.89 -3.13
CA VAL B 464 -5.11 -13.48 -4.21
C VAL B 464 -5.81 -13.22 -5.52
N PRO B 465 -5.22 -12.36 -6.36
CA PRO B 465 -5.73 -11.96 -7.67
C PRO B 465 -5.75 -13.08 -8.69
N PHE B 466 -6.62 -12.97 -9.68
CA PHE B 466 -6.69 -13.98 -10.71
C PHE B 466 -7.08 -13.43 -12.09
N GLY B 467 -6.23 -13.66 -13.07
CA GLY B 467 -6.51 -13.17 -14.41
C GLY B 467 -5.51 -13.69 -15.42
N GLY B 468 -5.67 -13.30 -16.68
CA GLY B 468 -4.77 -13.80 -17.70
C GLY B 468 -3.64 -12.90 -18.15
N TYR B 469 -2.87 -13.43 -19.09
CA TYR B 469 -1.74 -12.79 -19.72
C TYR B 469 -2.04 -12.95 -21.19
N LYS B 470 -1.35 -12.19 -22.03
CA LYS B 470 -1.57 -12.31 -23.47
C LYS B 470 -3.06 -12.23 -23.85
N MET B 471 -3.48 -13.18 -24.67
CA MET B 471 -4.86 -13.22 -25.12
C MET B 471 -5.79 -14.00 -24.23
N SER B 472 -5.38 -14.22 -22.98
CA SER B 472 -6.27 -14.90 -22.03
C SER B 472 -7.02 -13.80 -21.27
N GLY B 473 -6.74 -12.53 -21.62
CA GLY B 473 -7.43 -11.41 -21.00
C GLY B 473 -6.57 -10.52 -20.15
N PHE B 474 -7.20 -9.58 -19.46
CA PHE B 474 -6.51 -8.67 -18.56
C PHE B 474 -7.49 -8.22 -17.50
N GLY B 475 -6.97 -7.72 -16.38
CA GLY B 475 -7.85 -7.32 -15.29
C GLY B 475 -7.78 -8.48 -14.32
N ARG B 476 -8.28 -8.29 -13.11
CA ARG B 476 -8.24 -9.36 -12.12
C ARG B 476 -9.55 -9.51 -11.37
N GLU B 477 -9.73 -10.69 -10.82
CA GLU B 477 -10.91 -11.01 -10.07
C GLU B 477 -10.27 -11.48 -8.76
N ASN B 478 -10.94 -11.30 -7.64
CA ASN B 478 -10.39 -11.71 -6.33
C ASN B 478 -9.13 -10.96 -5.97
N GLY B 479 -8.75 -11.05 -4.69
CA GLY B 479 -7.55 -10.37 -4.25
C GLY B 479 -7.80 -8.88 -4.18
N GLN B 480 -6.86 -8.14 -3.59
CA GLN B 480 -7.02 -6.70 -3.44
C GLN B 480 -6.94 -5.97 -4.76
N ALA B 481 -6.06 -6.47 -5.61
CA ALA B 481 -5.85 -5.87 -6.92
C ALA B 481 -7.15 -5.44 -7.61
N THR B 482 -8.13 -6.34 -7.60
CA THR B 482 -9.39 -6.08 -8.24
C THR B 482 -10.03 -4.72 -7.96
N VAL B 483 -10.05 -4.27 -6.70
CA VAL B 483 -10.70 -3.00 -6.38
C VAL B 483 -10.34 -1.86 -7.33
N ASP B 484 -9.17 -1.95 -7.95
CA ASP B 484 -8.74 -0.91 -8.87
C ASP B 484 -9.49 -1.00 -10.20
N TYR B 485 -10.24 -2.08 -10.42
CA TYR B 485 -10.96 -2.23 -11.67
C TYR B 485 -12.39 -1.83 -11.53
N TYR B 486 -12.77 -1.54 -10.29
CA TYR B 486 -14.11 -1.11 -10.01
C TYR B 486 -14.12 0.25 -9.31
N SER B 487 -13.04 0.99 -9.43
CA SER B 487 -13.01 2.29 -8.81
C SER B 487 -12.05 3.11 -9.63
N GLN B 488 -12.13 4.43 -9.50
CA GLN B 488 -11.23 5.31 -10.21
C GLN B 488 -10.79 6.41 -9.23
N LEU B 489 -9.65 7.02 -9.52
CA LEU B 489 -9.13 8.03 -8.65
C LEU B 489 -9.25 9.41 -9.24
N LYS B 490 -9.90 10.31 -8.49
CA LYS B 490 -10.04 11.69 -8.91
C LYS B 490 -8.93 12.42 -8.15
N THR B 491 -8.17 13.25 -8.86
CA THR B 491 -7.09 14.00 -8.22
C THR B 491 -7.64 15.39 -7.91
N VAL B 492 -7.53 15.77 -6.64
CA VAL B 492 -7.97 17.05 -6.19
C VAL B 492 -6.75 17.76 -5.67
N ILE B 493 -6.35 18.82 -6.36
CA ILE B 493 -5.18 19.60 -5.98
C ILE B 493 -5.68 20.88 -5.36
N VAL B 494 -5.17 21.21 -4.18
CA VAL B 494 -5.63 22.41 -3.51
C VAL B 494 -4.55 23.43 -3.15
N GLU B 495 -4.66 24.59 -3.80
CA GLU B 495 -3.78 25.75 -3.64
C GLU B 495 -4.11 26.44 -2.32
N MET B 496 -3.11 26.56 -1.47
CA MET B 496 -3.28 27.15 -0.15
C MET B 496 -3.04 28.64 -0.14
N GLY B 497 -2.39 29.15 -1.19
CA GLY B 497 -2.11 30.56 -1.31
C GLY B 497 -2.68 31.20 -2.56
N ASP B 498 -1.84 31.95 -3.28
CA ASP B 498 -2.26 32.63 -4.49
C ASP B 498 -1.81 31.95 -5.77
N VAL B 499 -2.53 32.23 -6.86
CA VAL B 499 -2.20 31.63 -8.13
C VAL B 499 -0.99 32.21 -8.79
N ASP B 500 -0.16 31.37 -9.39
CA ASP B 500 1.01 31.85 -10.10
C ASP B 500 0.56 31.90 -11.55
N SER B 501 0.31 33.10 -12.04
CA SER B 501 -0.16 33.27 -13.39
C SER B 501 0.87 33.93 -14.28
N LEU B 502 0.87 33.54 -15.55
CA LEU B 502 1.77 34.14 -16.49
C LEU B 502 0.99 35.27 -17.18
N PHE B 503 -0.18 35.63 -16.64
CA PHE B 503 -0.98 36.70 -17.23
C PHE B 503 -1.72 37.57 -16.21
N ALA C 1 38.42 16.19 4.58
CA ALA C 1 38.18 16.32 3.10
C ALA C 1 39.49 16.23 2.33
N GLN C 2 40.46 17.04 2.73
CA GLN C 2 41.78 17.02 2.10
C GLN C 2 42.42 15.69 2.50
N LEU C 3 42.15 15.26 3.73
CA LEU C 3 42.67 14.00 4.20
C LEU C 3 42.12 12.90 3.28
N VAL C 4 40.88 13.08 2.83
CA VAL C 4 40.24 12.12 1.95
C VAL C 4 40.92 12.14 0.59
N ASP C 5 41.37 13.31 0.16
CA ASP C 5 42.02 13.43 -1.12
C ASP C 5 43.46 12.96 -1.05
N SER C 6 44.01 12.89 0.15
CA SER C 6 45.39 12.44 0.33
C SER C 6 45.49 10.92 0.26
N MET C 7 44.36 10.26 0.46
CA MET C 7 44.31 8.81 0.45
C MET C 7 44.95 8.03 -0.69
N PRO C 8 44.87 8.52 -1.93
CA PRO C 8 45.49 7.74 -3.00
C PRO C 8 46.92 7.27 -2.70
N SER C 9 47.67 8.08 -1.95
CA SER C 9 49.04 7.75 -1.60
C SER C 9 49.14 7.21 -0.18
N ALA C 10 48.01 7.22 0.54
CA ALA C 10 48.00 6.72 1.91
C ALA C 10 48.31 5.24 1.93
N SER C 11 48.86 4.78 3.04
CA SER C 11 49.20 3.39 3.18
C SER C 11 49.20 3.05 4.66
N THR C 12 49.11 1.76 4.98
CA THR C 12 49.06 1.34 6.37
C THR C 12 50.23 1.87 7.17
N GLY C 13 49.90 2.42 8.35
CA GLY C 13 50.89 2.96 9.25
C GLY C 13 51.41 4.36 8.94
N SER C 14 50.99 4.94 7.82
CA SER C 14 51.47 6.26 7.41
C SER C 14 50.56 7.42 7.78
N VAL C 15 49.25 7.23 7.67
CA VAL C 15 48.32 8.30 7.96
C VAL C 15 48.26 8.75 9.42
N VAL C 16 47.65 9.90 9.61
CA VAL C 16 47.45 10.49 10.93
C VAL C 16 46.36 11.58 10.78
N VAL C 17 45.33 11.49 11.61
CA VAL C 17 44.23 12.45 11.60
C VAL C 17 44.60 13.71 12.38
N THR C 18 44.09 14.84 11.92
CA THR C 18 44.41 16.11 12.55
C THR C 18 43.26 17.11 12.52
N ASP C 19 42.16 16.74 11.88
CA ASP C 19 41.02 17.62 11.79
C ASP C 19 40.30 17.59 13.12
N ASP C 20 39.26 18.40 13.26
CA ASP C 20 38.46 18.39 14.49
C ASP C 20 37.34 17.44 14.17
N LEU C 21 36.93 16.63 15.14
CA LEU C 21 35.88 15.64 14.89
C LEU C 21 34.44 15.96 15.31
N ASN C 22 34.20 17.11 15.92
CA ASN C 22 32.85 17.49 16.28
C ASN C 22 32.32 18.37 15.15
N TYR C 23 31.05 18.22 14.80
CA TYR C 23 30.51 18.96 13.68
C TYR C 23 29.06 19.37 13.84
N TRP C 24 28.82 20.67 13.86
CA TRP C 24 27.47 21.20 13.94
C TRP C 24 27.44 22.65 13.49
N GLY C 25 26.26 23.14 13.13
CA GLY C 25 26.17 24.49 12.65
C GLY C 25 26.82 24.55 11.30
N GLY C 26 27.03 23.40 10.66
CA GLY C 26 27.62 23.36 9.34
C GLY C 26 29.14 23.50 9.25
N ARG C 27 29.85 23.23 10.34
CA ARG C 27 31.31 23.33 10.35
C ARG C 27 31.93 22.51 11.50
N ARG C 28 33.24 22.24 11.40
CA ARG C 28 33.94 21.47 12.44
C ARG C 28 34.30 22.37 13.62
N ILE C 29 33.90 21.95 14.82
CA ILE C 29 34.14 22.72 16.03
C ILE C 29 35.53 22.45 16.62
N LYS C 30 36.24 23.52 16.97
CA LYS C 30 37.58 23.38 17.51
C LYS C 30 37.70 22.71 18.86
N SER C 31 36.62 22.64 19.60
CA SER C 31 36.67 21.98 20.92
C SER C 31 37.98 22.35 21.61
N LYS C 32 38.01 23.53 22.21
CA LYS C 32 39.21 24.00 22.88
C LYS C 32 39.32 23.49 24.32
N ASP C 33 40.39 23.91 25.01
CA ASP C 33 40.65 23.52 26.40
C ASP C 33 41.00 22.02 26.57
N GLY C 34 41.76 21.72 27.63
CA GLY C 34 42.17 20.36 27.94
C GLY C 34 41.16 19.30 27.57
N ALA C 35 40.07 19.22 28.33
CA ALA C 35 39.00 18.25 28.06
C ALA C 35 39.52 16.82 27.79
N THR C 36 39.57 16.00 28.84
CA THR C 36 40.03 14.61 28.72
C THR C 36 39.75 14.05 27.33
N THR C 37 40.71 13.33 26.76
CA THR C 37 40.51 12.76 25.43
C THR C 37 40.82 11.28 25.35
N GLU C 38 40.42 10.67 24.25
CA GLU C 38 40.61 9.26 24.03
C GLU C 38 41.34 9.01 22.73
N PRO C 39 42.27 8.06 22.73
CA PRO C 39 43.03 7.74 21.53
C PRO C 39 42.25 6.82 20.61
N VAL C 40 42.20 7.15 19.32
CA VAL C 40 41.51 6.26 18.38
C VAL C 40 42.68 5.57 17.69
N PHE C 41 42.58 4.27 17.48
CA PHE C 41 43.67 3.51 16.88
C PHE C 41 43.49 3.04 15.44
N GLU C 42 44.61 2.68 14.83
CA GLU C 42 44.63 2.11 13.49
C GLU C 42 44.78 0.62 13.85
N PRO C 43 43.69 -0.17 13.73
CA PRO C 43 43.72 -1.59 14.06
C PRO C 43 44.85 -2.45 13.47
N ALA C 44 45.25 -2.15 12.25
CA ALA C 44 46.31 -2.92 11.61
C ALA C 44 47.72 -2.66 12.16
N THR C 45 47.92 -1.57 12.89
CA THR C 45 49.25 -1.24 13.39
C THR C 45 49.34 -0.94 14.87
N GLY C 46 48.21 -0.66 15.49
CA GLY C 46 48.23 -0.33 16.89
C GLY C 46 48.63 1.11 17.12
N ARG C 47 48.83 1.85 16.04
CA ARG C 47 49.20 3.27 16.13
C ARG C 47 48.06 4.19 16.55
N VAL C 48 48.40 5.30 17.20
CA VAL C 48 47.40 6.28 17.61
C VAL C 48 47.15 7.24 16.47
N LEU C 49 45.97 7.17 15.85
CA LEU C 49 45.61 8.03 14.73
C LEU C 49 45.33 9.45 15.14
N CYS C 50 44.85 9.63 16.37
CA CYS C 50 44.52 10.95 16.91
C CYS C 50 43.82 10.79 18.22
N GLN C 51 43.47 11.92 18.84
CA GLN C 51 42.74 11.88 20.09
C GLN C 51 41.31 12.28 19.77
N MET C 52 40.35 11.94 20.63
CA MET C 52 38.97 12.36 20.38
C MET C 52 38.43 12.98 21.68
N VAL C 53 37.96 14.21 21.53
CA VAL C 53 37.43 14.92 22.67
C VAL C 53 35.90 14.79 22.63
N PRO C 54 35.35 14.12 23.64
CA PRO C 54 33.92 13.85 23.86
C PRO C 54 33.10 15.11 24.17
N CYS C 55 31.81 15.10 23.82
CA CYS C 55 30.91 16.23 24.04
C CYS C 55 30.17 16.11 25.35
N GLY C 56 29.96 17.26 26.01
CA GLY C 56 29.23 17.30 27.27
C GLY C 56 27.89 17.94 26.99
N ALA C 57 27.10 18.18 28.01
CA ALA C 57 25.78 18.77 27.82
C ALA C 57 25.80 20.04 26.96
N GLU C 58 26.71 20.93 27.27
CA GLU C 58 26.85 22.18 26.56
C GLU C 58 26.92 21.94 25.04
N GLU C 59 27.91 21.17 24.61
CA GLU C 59 28.11 20.87 23.20
C GLU C 59 26.89 20.20 22.56
N VAL C 60 26.52 19.05 23.11
CA VAL C 60 25.38 18.31 22.63
C VAL C 60 24.24 19.25 22.30
N ASP C 61 23.83 20.01 23.31
CA ASP C 61 22.73 20.97 23.20
C ASP C 61 22.87 21.88 22.01
N GLN C 62 24.08 22.36 21.76
CA GLN C 62 24.27 23.21 20.60
C GLN C 62 23.96 22.42 19.33
N ALA C 63 24.42 21.17 19.31
CA ALA C 63 24.22 20.28 18.16
C ALA C 63 22.75 20.21 17.89
N VAL C 64 22.01 19.84 18.92
CA VAL C 64 20.57 19.74 18.83
C VAL C 64 19.93 21.04 18.31
N GLN C 65 20.23 22.16 18.96
CA GLN C 65 19.70 23.46 18.57
C GLN C 65 19.97 23.73 17.11
N SER C 66 21.14 23.30 16.66
CA SER C 66 21.53 23.48 15.29
C SER C 66 20.59 22.69 14.41
N ALA C 67 20.42 21.42 14.74
CA ALA C 67 19.54 20.57 13.97
C ALA C 67 18.15 21.20 13.96
N GLN C 68 17.68 21.49 15.17
CA GLN C 68 16.39 22.11 15.41
C GLN C 68 16.11 23.23 14.40
N ALA C 69 17.04 24.16 14.27
CA ALA C 69 16.86 25.27 13.33
C ALA C 69 16.63 24.77 11.94
N ALA C 70 17.59 24.01 11.43
CA ALA C 70 17.55 23.46 10.06
C ALA C 70 16.30 22.65 9.77
N TYR C 71 15.87 21.86 10.72
CA TYR C 71 14.67 21.09 10.54
C TYR C 71 13.53 22.02 10.07
N LEU C 72 13.31 23.10 10.81
CA LEU C 72 12.26 24.07 10.48
C LEU C 72 12.20 24.39 9.02
N LYS C 73 13.35 24.51 8.39
CA LYS C 73 13.42 24.79 6.97
C LYS C 73 13.25 23.54 6.10
N TRP C 74 14.05 22.51 6.39
CA TRP C 74 14.04 21.26 5.64
C TRP C 74 12.71 20.54 5.66
N SER C 75 12.01 20.63 6.78
CA SER C 75 10.71 19.96 6.90
C SER C 75 9.66 20.66 6.05
N LYS C 76 9.95 21.89 5.63
CA LYS C 76 9.01 22.62 4.81
C LYS C 76 9.16 22.28 3.34
N MET C 77 10.25 21.63 2.98
CA MET C 77 10.43 21.26 1.59
C MET C 77 9.66 20.01 1.29
N ALA C 78 9.23 19.90 0.06
CA ALA C 78 8.46 18.75 -0.36
C ALA C 78 9.39 17.58 -0.65
N GLY C 79 8.84 16.37 -0.65
CA GLY C 79 9.63 15.18 -0.91
C GLY C 79 10.45 15.34 -2.17
N ILE C 80 9.78 15.72 -3.27
CA ILE C 80 10.40 15.90 -4.56
C ILE C 80 11.60 16.82 -4.40
N GLU C 81 11.48 17.80 -3.51
CA GLU C 81 12.54 18.77 -3.22
C GLU C 81 13.66 18.20 -2.33
N ARG C 82 13.32 17.50 -1.25
CA ARG C 82 14.37 16.93 -0.43
C ARG C 82 15.13 15.86 -1.26
N SER C 83 14.45 15.29 -2.23
CA SER C 83 14.99 14.27 -3.11
C SER C 83 16.22 14.74 -3.90
N ARG C 84 16.09 15.91 -4.53
CA ARG C 84 17.18 16.52 -5.32
C ARG C 84 18.50 16.60 -4.55
N VAL C 85 18.47 17.18 -3.35
CA VAL C 85 19.67 17.34 -2.56
C VAL C 85 20.32 16.01 -2.28
N MET C 86 19.51 15.06 -1.82
CA MET C 86 19.99 13.73 -1.49
C MET C 86 20.63 13.01 -2.66
N LEU C 87 19.99 13.06 -3.83
CA LEU C 87 20.54 12.44 -5.04
C LEU C 87 21.97 12.94 -5.28
N GLU C 88 22.20 14.21 -4.98
CA GLU C 88 23.53 14.79 -5.17
C GLU C 88 24.48 14.29 -4.12
N ALA C 89 24.03 14.23 -2.88
CA ALA C 89 24.87 13.78 -1.79
C ALA C 89 25.42 12.41 -2.13
N ALA C 90 24.62 11.60 -2.81
CA ALA C 90 25.06 10.27 -3.20
C ALA C 90 26.12 10.40 -4.28
N ARG C 91 25.70 10.99 -5.40
CA ARG C 91 26.59 11.22 -6.53
C ARG C 91 27.98 11.64 -6.04
N ILE C 92 28.04 12.34 -4.92
CA ILE C 92 29.33 12.76 -4.39
C ILE C 92 30.04 11.58 -3.74
N ILE C 93 29.37 10.92 -2.81
CA ILE C 93 29.97 9.77 -2.17
C ILE C 93 30.42 8.81 -3.26
N ARG C 94 29.62 8.71 -4.32
CA ARG C 94 29.92 7.84 -5.46
C ARG C 94 31.28 8.20 -6.03
N GLU C 95 31.48 9.49 -6.28
CA GLU C 95 32.72 9.98 -6.85
C GLU C 95 33.92 9.97 -5.92
N ARG C 96 33.73 9.63 -4.66
CA ARG C 96 34.88 9.58 -3.75
C ARG C 96 34.87 8.21 -3.06
N ARG C 97 34.14 7.29 -3.68
CA ARG C 97 33.99 5.94 -3.20
C ARG C 97 35.30 5.44 -2.60
N ASP C 98 36.31 5.29 -3.48
CA ASP C 98 37.60 4.77 -3.05
C ASP C 98 38.26 5.48 -1.90
N ASN C 99 38.68 6.73 -2.10
CA ASN C 99 39.33 7.47 -1.02
C ASN C 99 38.62 7.29 0.34
N ILE C 100 37.30 7.42 0.34
CA ILE C 100 36.57 7.25 1.59
C ILE C 100 36.77 5.83 2.10
N ALA C 101 36.62 4.85 1.21
CA ALA C 101 36.76 3.44 1.56
C ALA C 101 38.12 3.15 2.20
N LYS C 102 39.13 3.71 1.58
CA LYS C 102 40.49 3.55 2.03
C LYS C 102 40.62 4.07 3.48
N LEU C 103 40.10 5.27 3.73
CA LEU C 103 40.18 5.88 5.05
C LEU C 103 39.39 5.03 6.05
N GLU C 104 38.25 4.52 5.59
CA GLU C 104 37.39 3.68 6.43
C GLU C 104 38.23 2.52 6.97
N VAL C 105 39.01 1.90 6.08
CA VAL C 105 39.87 0.80 6.47
C VAL C 105 40.84 1.17 7.58
N ILE C 106 41.57 2.26 7.40
CA ILE C 106 42.55 2.68 8.40
C ILE C 106 42.05 2.77 9.84
N ASN C 107 40.83 3.24 10.04
CA ASN C 107 40.35 3.36 11.42
C ASN C 107 39.60 2.11 11.86
N ASN C 108 38.85 1.51 10.94
CA ASN C 108 38.07 0.32 11.27
C ASN C 108 38.84 -0.99 11.31
N GLY C 109 39.65 -1.23 10.30
CA GLY C 109 40.43 -2.45 10.29
C GLY C 109 40.00 -3.48 9.28
N LYS C 110 38.79 -3.38 8.75
CA LYS C 110 38.34 -4.34 7.76
C LYS C 110 39.12 -4.13 6.47
N THR C 111 39.17 -5.16 5.64
CA THR C 111 39.91 -5.12 4.36
C THR C 111 39.24 -4.18 3.37
N ILE C 112 40.01 -3.52 2.51
CA ILE C 112 39.38 -2.64 1.52
C ILE C 112 38.45 -3.42 0.60
N THR C 113 38.74 -4.70 0.36
CA THR C 113 37.85 -5.45 -0.50
C THR C 113 36.45 -5.35 0.04
N GLU C 114 36.34 -5.36 1.37
CA GLU C 114 35.03 -5.21 2.02
C GLU C 114 34.65 -3.73 2.06
N ALA C 115 35.52 -2.92 2.63
CA ALA C 115 35.29 -1.49 2.75
C ALA C 115 34.60 -0.90 1.52
N GLU C 116 35.10 -1.22 0.33
CA GLU C 116 34.49 -0.70 -0.89
C GLU C 116 32.99 -0.98 -0.96
N TYR C 117 32.61 -2.22 -0.71
CA TYR C 117 31.20 -2.59 -0.71
C TYR C 117 30.44 -1.76 0.32
N ASP C 118 31.02 -1.63 1.51
CA ASP C 118 30.44 -0.85 2.60
C ASP C 118 29.99 0.52 2.14
N ILE C 119 30.84 1.17 1.34
CA ILE C 119 30.51 2.49 0.87
C ILE C 119 29.48 2.45 -0.25
N ASP C 120 29.65 1.61 -1.27
CA ASP C 120 28.63 1.55 -2.29
C ASP C 120 27.30 1.37 -1.56
N ALA C 121 27.32 0.53 -0.53
CA ALA C 121 26.12 0.28 0.25
C ALA C 121 25.55 1.56 0.85
N ALA C 122 26.47 2.46 1.21
CA ALA C 122 26.11 3.73 1.83
C ALA C 122 25.40 4.66 0.84
N TRP C 123 26.01 4.88 -0.33
CA TRP C 123 25.40 5.77 -1.29
C TRP C 123 24.17 5.20 -1.94
N GLN C 124 24.02 3.88 -1.94
CA GLN C 124 22.83 3.30 -2.54
C GLN C 124 21.64 3.55 -1.63
N CYS C 125 21.90 3.46 -0.34
CA CYS C 125 20.90 3.66 0.68
C CYS C 125 20.33 5.05 0.59
N ILE C 126 21.21 6.02 0.33
CA ILE C 126 20.78 7.39 0.22
C ILE C 126 20.00 7.57 -1.04
N GLU C 127 20.56 7.07 -2.15
CA GLU C 127 19.93 7.19 -3.46
C GLU C 127 18.58 6.50 -3.49
N TYR C 128 18.42 5.51 -2.63
CA TYR C 128 17.19 4.75 -2.54
C TYR C 128 16.10 5.57 -1.83
N TYR C 129 16.40 6.00 -0.61
CA TYR C 129 15.46 6.81 0.17
C TYR C 129 15.15 8.12 -0.52
N ALA C 130 16.11 8.63 -1.27
CA ALA C 130 15.90 9.85 -2.00
C ALA C 130 14.75 9.60 -2.98
N GLY C 131 14.86 8.56 -3.77
CA GLY C 131 13.82 8.27 -4.74
C GLY C 131 12.53 7.89 -4.04
N LEU C 132 12.63 7.69 -2.75
CA LEU C 132 11.46 7.28 -2.02
C LEU C 132 10.73 8.47 -1.36
N ALA C 133 11.42 9.60 -1.23
CA ALA C 133 10.82 10.75 -0.59
C ALA C 133 9.54 11.28 -1.24
N PRO C 134 9.48 11.36 -2.59
CA PRO C 134 8.31 11.85 -3.34
C PRO C 134 7.11 10.94 -3.25
N THR C 135 7.33 9.80 -2.60
CA THR C 135 6.34 8.76 -2.42
C THR C 135 5.64 8.88 -1.10
N LEU C 136 6.34 9.51 -0.15
CA LEU C 136 5.82 9.72 1.18
C LEU C 136 4.41 10.29 1.14
N SER C 137 3.45 9.57 1.72
CA SER C 137 2.05 10.02 1.70
C SER C 137 1.19 9.45 2.82
N GLY C 138 -0.04 9.97 2.88
CA GLY C 138 -1.03 9.55 3.86
C GLY C 138 -2.25 9.14 3.07
N GLN C 139 -3.36 8.90 3.76
CA GLN C 139 -4.62 8.47 3.13
C GLN C 139 -5.76 9.48 3.13
N HIS C 140 -6.78 9.18 2.33
CA HIS C 140 -7.99 9.99 2.23
C HIS C 140 -9.13 8.98 2.22
N ILE C 141 -9.95 9.00 3.28
CA ILE C 141 -11.04 8.08 3.38
C ILE C 141 -12.36 8.83 3.47
N GLN C 142 -13.40 8.27 2.83
CA GLN C 142 -14.72 8.87 2.82
C GLN C 142 -15.45 8.23 3.98
N LEU C 143 -16.01 9.05 4.86
CA LEU C 143 -16.70 8.58 6.05
C LEU C 143 -18.21 8.66 5.91
N PRO C 144 -18.94 8.03 6.84
CA PRO C 144 -20.40 8.04 6.81
C PRO C 144 -20.94 9.47 6.87
N GLY C 145 -22.06 9.70 6.19
CA GLY C 145 -22.72 11.01 6.19
C GLY C 145 -21.99 12.20 5.62
N GLY C 146 -21.34 12.02 4.48
CA GLY C 146 -20.63 13.11 3.84
C GLY C 146 -19.28 13.56 4.37
N ALA C 147 -19.01 13.36 5.66
CA ALA C 147 -17.71 13.76 6.21
C ALA C 147 -16.56 12.91 5.63
N PHE C 148 -15.33 13.42 5.71
CA PHE C 148 -14.19 12.67 5.21
C PHE C 148 -12.99 12.91 6.07
N ALA C 149 -12.04 11.97 6.05
CA ALA C 149 -10.85 12.11 6.87
C ALA C 149 -9.61 11.97 6.02
N TYR C 150 -8.47 12.41 6.53
CA TYR C 150 -7.26 12.24 5.79
C TYR C 150 -6.09 12.33 6.74
N THR C 151 -5.04 11.56 6.46
CA THR C 151 -3.86 11.54 7.29
C THR C 151 -2.71 12.24 6.59
N ARG C 152 -1.87 12.92 7.37
CA ARG C 152 -0.69 13.60 6.80
C ARG C 152 0.50 12.82 7.35
N ARG C 153 1.47 12.49 6.49
CA ARG C 153 2.63 11.79 7.00
C ARG C 153 3.63 12.90 7.32
N GLU C 154 3.85 13.14 8.62
CA GLU C 154 4.75 14.21 9.05
C GLU C 154 6.04 13.72 9.70
N PRO C 155 7.10 14.51 9.60
CA PRO C 155 8.40 14.18 10.17
C PRO C 155 8.29 14.22 11.67
N LEU C 156 9.22 13.55 12.34
CA LEU C 156 9.23 13.50 13.80
C LEU C 156 9.80 14.75 14.50
N GLY C 157 10.86 15.31 13.94
CA GLY C 157 11.50 16.47 14.53
C GLY C 157 12.99 16.21 14.44
N VAL C 158 13.68 16.21 15.57
CA VAL C 158 15.12 15.94 15.58
C VAL C 158 15.38 14.54 16.05
N CYS C 159 15.98 13.78 15.13
CA CYS C 159 16.33 12.37 15.31
C CYS C 159 17.77 12.16 15.72
N ALA C 160 17.99 11.42 16.80
CA ALA C 160 19.34 11.15 17.30
C ALA C 160 19.76 9.72 16.93
N GLY C 161 20.95 9.58 16.37
CA GLY C 161 21.42 8.25 16.03
C GLY C 161 22.66 7.92 16.86
N ILE C 162 22.66 6.74 17.47
CA ILE C 162 23.81 6.30 18.27
C ILE C 162 24.38 5.09 17.54
N LEU C 163 25.51 5.29 16.87
CA LEU C 163 26.17 4.27 16.04
C LEU C 163 27.10 3.24 16.70
N ALA C 164 27.54 2.28 15.88
CA ALA C 164 28.43 1.21 16.34
C ALA C 164 29.69 1.26 15.49
N TRP C 165 30.71 0.50 15.86
CA TRP C 165 31.95 0.58 15.11
C TRP C 165 32.23 -0.42 14.01
N ASN C 166 31.46 -1.49 13.90
CA ASN C 166 31.81 -2.43 12.85
C ASN C 166 31.58 -1.95 11.43
N TYR C 167 30.70 -0.97 11.22
CA TYR C 167 30.46 -0.39 9.88
C TYR C 167 30.21 1.11 10.06
N PRO C 168 31.26 1.86 10.41
CA PRO C 168 31.12 3.30 10.64
C PRO C 168 30.36 4.12 9.60
N PHE C 169 30.87 4.19 8.38
CA PHE C 169 30.23 5.00 7.34
C PHE C 169 28.88 4.42 6.92
N MET C 170 28.80 3.11 6.82
CA MET C 170 27.56 2.50 6.37
C MET C 170 26.38 2.68 7.31
N ILE C 171 26.58 2.39 8.58
CA ILE C 171 25.49 2.54 9.54
C ILE C 171 25.00 3.99 9.70
N ALA C 172 25.92 4.96 9.70
CA ALA C 172 25.52 6.36 9.81
C ALA C 172 24.62 6.69 8.61
N ALA C 173 25.02 6.25 7.43
CA ALA C 173 24.24 6.48 6.22
C ALA C 173 22.86 5.84 6.33
N TRP C 174 22.84 4.64 6.88
CA TRP C 174 21.60 3.89 7.04
C TRP C 174 20.63 4.57 8.01
N LYS C 175 21.13 5.46 8.87
CA LYS C 175 20.22 6.14 9.78
C LYS C 175 19.83 7.50 9.21
N CYS C 176 20.78 8.22 8.64
CA CYS C 176 20.47 9.51 8.06
C CYS C 176 19.55 9.40 6.85
N ALA C 177 19.88 8.52 5.91
CA ALA C 177 19.12 8.33 4.67
C ALA C 177 17.62 8.38 4.91
N PRO C 178 17.07 7.37 5.60
CA PRO C 178 15.63 7.46 5.80
C PRO C 178 15.22 8.72 6.59
N ALA C 179 15.96 9.05 7.67
CA ALA C 179 15.66 10.21 8.52
C ALA C 179 15.39 11.49 7.71
N LEU C 180 16.33 11.82 6.85
CA LEU C 180 16.21 12.99 6.00
C LEU C 180 15.12 12.82 4.94
N ALA C 181 15.09 11.66 4.28
CA ALA C 181 14.07 11.46 3.26
C ALA C 181 12.70 11.83 3.84
N CYS C 182 12.53 11.61 5.14
CA CYS C 182 11.27 11.91 5.80
C CYS C 182 11.10 13.33 6.31
N GLY C 183 12.12 14.15 6.18
CA GLY C 183 12.01 15.53 6.61
C GLY C 183 12.57 15.85 7.98
N ASN C 184 13.16 14.85 8.64
CA ASN C 184 13.75 15.05 9.96
C ASN C 184 15.13 15.70 9.87
N ALA C 185 15.62 16.13 11.03
CA ALA C 185 16.96 16.68 11.13
C ALA C 185 17.71 15.60 11.93
N VAL C 186 19.01 15.44 11.69
CA VAL C 186 19.74 14.40 12.39
C VAL C 186 20.94 14.86 13.21
N VAL C 187 21.15 14.20 14.34
CA VAL C 187 22.32 14.43 15.19
C VAL C 187 22.82 13.04 15.57
N PHE C 188 23.97 12.62 15.04
CA PHE C 188 24.45 11.29 15.44
C PHE C 188 25.83 11.28 16.12
N LYS C 189 26.06 10.24 16.91
CA LYS C 189 27.28 10.08 17.67
C LYS C 189 27.98 8.80 17.28
N PRO C 190 29.05 8.89 16.50
CA PRO C 190 29.80 7.71 16.08
C PRO C 190 30.48 7.05 17.27
N SER C 191 30.91 5.80 17.08
CA SER C 191 31.60 5.07 18.15
C SER C 191 32.93 5.75 18.36
N PRO C 192 33.26 6.06 19.62
CA PRO C 192 34.53 6.73 19.94
C PRO C 192 35.77 6.11 19.32
N MET C 193 35.68 4.82 18.97
CA MET C 193 36.79 4.12 18.35
C MET C 193 36.91 4.46 16.87
N THR C 194 35.79 4.88 16.27
CA THR C 194 35.75 5.21 14.83
C THR C 194 35.01 6.54 14.55
N PRO C 195 35.49 7.66 15.11
CA PRO C 195 34.87 8.97 14.93
C PRO C 195 35.13 9.69 13.63
N VAL C 196 36.20 9.32 12.95
CA VAL C 196 36.58 10.02 11.72
C VAL C 196 35.66 9.97 10.47
N THR C 197 35.46 8.82 9.83
CA THR C 197 34.61 8.85 8.63
C THR C 197 33.18 9.42 8.77
N GLY C 198 32.64 9.41 9.97
CA GLY C 198 31.29 9.90 10.15
C GLY C 198 31.14 11.34 9.71
N VAL C 199 31.91 12.22 10.32
CA VAL C 199 31.82 13.62 9.99
C VAL C 199 31.92 13.87 8.48
N ILE C 200 32.64 13.02 7.75
CA ILE C 200 32.78 13.17 6.30
C ILE C 200 31.39 13.21 5.64
N LEU C 201 30.62 12.19 5.95
CA LEU C 201 29.27 12.08 5.42
C LEU C 201 28.55 13.41 5.67
N ALA C 202 28.60 13.85 6.94
CA ALA C 202 27.97 15.09 7.36
C ALA C 202 28.37 16.25 6.43
N GLU C 203 29.66 16.46 6.27
CA GLU C 203 30.07 17.51 5.39
C GLU C 203 29.45 17.32 4.01
N ILE C 204 29.48 16.11 3.49
CA ILE C 204 28.94 15.88 2.16
C ILE C 204 27.52 16.34 2.01
N PHE C 205 26.66 16.02 2.97
CA PHE C 205 25.27 16.44 2.88
C PHE C 205 25.20 17.95 2.77
N HIS C 206 25.99 18.65 3.58
CA HIS C 206 26.02 20.10 3.51
C HIS C 206 26.44 20.51 2.11
N GLU C 207 27.50 19.89 1.62
CA GLU C 207 28.01 20.18 0.29
C GLU C 207 26.93 19.89 -0.76
N ALA C 208 26.11 18.89 -0.52
CA ALA C 208 25.05 18.57 -1.45
C ALA C 208 24.03 19.71 -1.55
N GLY C 209 23.82 20.43 -0.45
CA GLY C 209 22.85 21.51 -0.46
C GLY C 209 21.81 21.44 0.64
N VAL C 210 22.14 20.71 1.68
CA VAL C 210 21.25 20.56 2.80
C VAL C 210 21.29 21.84 3.64
N PRO C 211 20.15 22.21 4.24
CA PRO C 211 20.10 23.41 5.08
C PRO C 211 21.14 23.28 6.20
N VAL C 212 21.89 24.35 6.41
CA VAL C 212 22.92 24.35 7.42
C VAL C 212 22.43 23.85 8.75
N GLY C 213 23.06 22.79 9.25
CA GLY C 213 22.72 22.24 10.53
C GLY C 213 21.86 21.00 10.53
N LEU C 214 21.34 20.60 9.37
CA LEU C 214 20.47 19.41 9.28
C LEU C 214 21.16 18.14 9.73
N VAL C 215 22.44 18.00 9.44
CA VAL C 215 23.12 16.80 9.85
C VAL C 215 24.25 17.23 10.74
N ASN C 216 24.20 16.83 12.00
CA ASN C 216 25.25 17.18 12.94
C ASN C 216 25.95 15.92 13.47
N VAL C 217 27.11 16.10 14.09
CA VAL C 217 27.87 14.99 14.65
C VAL C 217 28.53 15.36 15.97
N VAL C 218 28.32 14.54 16.99
CA VAL C 218 28.96 14.81 18.26
C VAL C 218 29.72 13.56 18.60
N GLN C 219 30.97 13.72 19.03
CA GLN C 219 31.77 12.56 19.40
C GLN C 219 31.63 12.30 20.91
N GLY C 220 32.06 11.11 21.33
CA GLY C 220 31.98 10.74 22.73
C GLY C 220 31.41 9.34 22.95
N GLY C 221 31.18 8.97 24.22
CA GLY C 221 30.66 7.66 24.51
C GLY C 221 29.41 7.63 25.38
N ALA C 222 29.42 6.76 26.39
CA ALA C 222 28.29 6.62 27.30
C ALA C 222 27.69 7.94 27.73
N GLU C 223 28.47 8.78 28.40
CA GLU C 223 27.99 10.06 28.89
C GLU C 223 27.26 10.81 27.78
N THR C 224 27.95 10.98 26.67
CA THR C 224 27.38 11.68 25.54
C THR C 224 26.08 11.05 25.08
N GLY C 225 26.15 9.78 24.67
CA GLY C 225 24.96 9.10 24.22
C GLY C 225 23.78 9.31 25.14
N SER C 226 24.05 9.40 26.44
CA SER C 226 22.99 9.59 27.42
C SER C 226 22.37 10.95 27.24
N LEU C 227 23.20 11.96 27.15
CA LEU C 227 22.71 13.30 26.96
C LEU C 227 21.72 13.32 25.79
N LEU C 228 22.02 12.59 24.72
CA LEU C 228 21.12 12.53 23.57
C LEU C 228 19.76 11.97 23.93
N CYS C 229 19.74 10.88 24.71
CA CYS C 229 18.49 10.23 25.11
C CYS C 229 17.66 11.05 26.08
N HIS C 230 18.32 11.90 26.85
CA HIS C 230 17.62 12.73 27.81
C HIS C 230 17.21 14.05 27.22
N HIS C 231 17.95 14.55 26.23
CA HIS C 231 17.60 15.84 25.69
C HIS C 231 16.14 15.94 25.28
N PRO C 232 15.43 16.93 25.80
CA PRO C 232 14.00 17.19 25.55
C PRO C 232 13.66 17.61 24.13
N ASN C 233 14.63 17.86 23.29
CA ASN C 233 14.26 18.27 21.95
C ASN C 233 14.53 17.23 20.87
N VAL C 234 14.90 16.03 21.32
CA VAL C 234 15.16 14.92 20.44
C VAL C 234 13.86 14.15 20.49
N ALA C 235 13.26 13.95 19.32
CA ALA C 235 11.99 13.25 19.24
C ALA C 235 12.18 11.75 19.10
N LYS C 236 13.31 11.34 18.52
CA LYS C 236 13.57 9.92 18.32
C LYS C 236 15.01 9.52 18.54
N VAL C 237 15.21 8.31 19.06
CA VAL C 237 16.55 7.73 19.26
C VAL C 237 16.61 6.44 18.42
N SER C 238 17.67 6.31 17.63
CA SER C 238 17.86 5.12 16.78
C SER C 238 19.18 4.53 17.23
N PHE C 239 19.09 3.44 17.99
CA PHE C 239 20.27 2.79 18.55
C PHE C 239 20.74 1.48 17.89
N THR C 240 22.04 1.32 17.79
CA THR C 240 22.63 0.09 17.27
C THR C 240 23.81 -0.28 18.16
N GLY C 241 23.76 -1.45 18.77
CA GLY C 241 24.84 -1.84 19.64
C GLY C 241 24.45 -3.09 20.40
N SER C 242 25.10 -3.30 21.55
CA SER C 242 24.83 -4.45 22.39
C SER C 242 23.46 -4.44 23.05
N VAL C 243 22.99 -5.62 23.42
CA VAL C 243 21.71 -5.77 24.07
C VAL C 243 21.71 -4.99 25.39
N PRO C 244 22.72 -5.23 26.22
CA PRO C 244 22.79 -4.53 27.51
C PRO C 244 22.56 -3.03 27.41
N THR C 245 23.21 -2.39 26.44
CA THR C 245 23.06 -0.96 26.26
C THR C 245 21.69 -0.64 25.69
N GLY C 246 21.28 -1.37 24.65
CA GLY C 246 19.98 -1.15 24.07
C GLY C 246 18.97 -1.02 25.19
N LYS C 247 19.08 -1.90 26.18
CA LYS C 247 18.19 -1.87 27.34
C LYS C 247 18.27 -0.55 28.10
N LYS C 248 19.48 -0.03 28.33
CA LYS C 248 19.59 1.24 29.05
C LYS C 248 19.03 2.36 28.21
N VAL C 249 19.37 2.40 26.93
CA VAL C 249 18.88 3.44 26.05
C VAL C 249 17.37 3.51 26.07
N MET C 250 16.71 2.36 26.01
CA MET C 250 15.26 2.36 26.00
C MET C 250 14.70 2.94 27.28
N GLU C 251 15.37 2.70 28.41
CA GLU C 251 14.90 3.21 29.70
C GLU C 251 14.97 4.71 29.82
N MET C 252 16.09 5.26 29.38
CA MET C 252 16.28 6.69 29.45
C MET C 252 15.29 7.35 28.50
N SER C 253 15.07 6.74 27.35
CA SER C 253 14.14 7.30 26.36
C SER C 253 12.74 7.42 26.89
N ALA C 254 12.42 6.57 27.86
CA ALA C 254 11.08 6.54 28.43
C ALA C 254 10.73 7.82 29.18
N LYS C 255 11.71 8.42 29.84
CA LYS C 255 11.46 9.61 30.64
C LYS C 255 10.85 10.74 29.84
N THR C 256 10.91 10.64 28.53
CA THR C 256 10.37 11.67 27.67
C THR C 256 9.36 11.12 26.66
N VAL C 257 9.22 9.80 26.65
CA VAL C 257 8.29 9.18 25.74
C VAL C 257 8.83 9.27 24.30
N LYS C 258 10.15 9.21 24.17
CA LYS C 258 10.79 9.24 22.85
C LYS C 258 10.51 8.00 22.00
N HIS C 259 10.46 8.18 20.67
CA HIS C 259 10.29 7.04 19.78
C HIS C 259 11.63 6.34 19.81
N VAL C 260 11.61 5.01 19.82
CA VAL C 260 12.86 4.29 19.87
C VAL C 260 12.88 3.10 18.92
N THR C 261 14.07 2.76 18.43
CA THR C 261 14.25 1.58 17.59
C THR C 261 15.61 1.03 18.01
N LEU C 262 15.68 -0.28 18.21
CA LEU C 262 16.93 -0.90 18.61
C LEU C 262 17.31 -2.05 17.71
N GLU C 263 18.50 -1.97 17.12
CA GLU C 263 19.04 -3.02 16.26
C GLU C 263 20.18 -3.56 17.16
N LEU C 264 19.81 -4.40 18.13
CA LEU C 264 20.77 -5.00 19.07
C LEU C 264 21.59 -6.14 18.42
N GLY C 265 22.22 -6.97 19.24
CA GLY C 265 23.01 -8.05 18.68
C GLY C 265 22.30 -9.35 18.32
N GLY C 266 23.04 -10.45 18.35
CA GLY C 266 22.47 -11.76 18.05
C GLY C 266 23.45 -12.94 18.09
N LYS C 267 22.90 -14.14 18.16
CA LYS C 267 23.67 -15.40 18.16
C LYS C 267 22.87 -16.28 17.18
N SER C 268 22.85 -15.84 15.94
CA SER C 268 22.08 -16.49 14.88
C SER C 268 22.59 -17.83 14.40
N PRO C 269 21.66 -18.76 14.17
CA PRO C 269 21.92 -20.12 13.69
C PRO C 269 21.92 -20.33 12.18
N LEU C 270 22.87 -21.12 11.70
CA LEU C 270 22.96 -21.49 10.29
C LEU C 270 22.68 -22.98 10.21
N LEU C 271 21.67 -23.36 9.44
CA LEU C 271 21.28 -24.77 9.33
C LEU C 271 21.67 -25.41 8.01
N ILE C 272 22.42 -26.51 8.12
CA ILE C 272 22.90 -27.25 6.94
C ILE C 272 22.30 -28.65 6.87
N PHE C 273 21.45 -28.89 5.88
CA PHE C 273 20.85 -30.21 5.75
C PHE C 273 21.65 -31.05 4.78
N LYS C 274 21.61 -32.37 4.98
CA LYS C 274 22.38 -33.29 4.15
C LYS C 274 22.12 -33.26 2.66
N ASP C 275 20.98 -32.68 2.25
CA ASP C 275 20.68 -32.61 0.82
C ASP C 275 21.15 -31.32 0.18
N CYS C 276 21.95 -30.55 0.90
CA CYS C 276 22.43 -29.29 0.36
C CYS C 276 23.50 -29.52 -0.69
N GLU C 277 24.22 -28.46 -1.06
CA GLU C 277 25.33 -28.52 -2.03
C GLU C 277 26.55 -28.04 -1.25
N LEU C 278 27.31 -28.98 -0.68
CA LEU C 278 28.48 -28.64 0.12
C LEU C 278 29.24 -27.34 -0.20
N GLU C 279 29.68 -27.16 -1.44
CA GLU C 279 30.46 -25.96 -1.76
C GLU C 279 29.75 -24.69 -1.32
N ASN C 280 28.52 -24.50 -1.80
CA ASN C 280 27.74 -23.32 -1.44
C ASN C 280 27.55 -23.26 0.05
N ALA C 281 27.31 -24.42 0.67
CA ALA C 281 27.14 -24.50 2.11
C ALA C 281 28.42 -24.10 2.85
N VAL C 282 29.55 -24.52 2.32
CA VAL C 282 30.81 -24.18 2.93
C VAL C 282 30.98 -22.67 2.87
N ARG C 283 30.71 -22.11 1.69
CA ARG C 283 30.80 -20.67 1.48
C ARG C 283 29.92 -19.93 2.45
N GLY C 284 28.67 -20.40 2.58
CA GLY C 284 27.75 -19.79 3.51
C GLY C 284 28.38 -19.71 4.89
N ALA C 285 28.68 -20.87 5.47
CA ALA C 285 29.27 -20.95 6.82
C ALA C 285 30.42 -19.97 6.93
N LEU C 286 31.17 -19.93 5.84
CA LEU C 286 32.34 -19.07 5.75
C LEU C 286 31.94 -17.60 5.76
N MET C 287 31.16 -17.21 4.76
CA MET C 287 30.66 -15.84 4.62
C MET C 287 29.85 -15.40 5.85
N ALA C 288 29.22 -16.37 6.50
CA ALA C 288 28.42 -16.09 7.68
C ALA C 288 29.23 -15.94 8.95
N ASN C 289 30.55 -16.08 8.85
CA ASN C 289 31.40 -16.05 10.04
C ASN C 289 32.63 -15.18 10.04
N PHE C 290 33.19 -14.88 8.87
CA PHE C 290 34.43 -14.12 8.86
C PHE C 290 34.55 -12.79 8.11
N LEU C 291 33.43 -12.12 7.86
CA LEU C 291 33.49 -10.81 7.20
C LEU C 291 33.87 -9.81 8.29
N THR C 292 34.60 -8.76 7.94
CA THR C 292 34.98 -7.77 8.93
C THR C 292 35.45 -8.40 10.26
N GLN C 293 36.47 -9.24 10.14
CA GLN C 293 37.04 -9.91 11.30
C GLN C 293 35.99 -10.64 12.13
N GLY C 294 34.87 -11.01 11.52
CA GLY C 294 33.84 -11.71 12.25
C GLY C 294 33.13 -10.85 13.28
N GLN C 295 33.28 -9.53 13.15
CA GLN C 295 32.67 -8.57 14.06
C GLN C 295 31.36 -8.08 13.47
N VAL C 296 30.58 -9.01 12.92
CA VAL C 296 29.30 -8.71 12.32
C VAL C 296 28.14 -9.28 13.15
N CYS C 297 27.22 -8.41 13.54
CA CYS C 297 26.06 -8.80 14.33
C CYS C 297 25.18 -9.89 13.70
N THR C 298 25.05 -9.93 12.38
CA THR C 298 24.20 -10.94 11.74
C THR C 298 24.83 -12.29 11.42
N ASN C 299 26.05 -12.52 11.92
CA ASN C 299 26.79 -13.74 11.66
C ASN C 299 26.18 -15.01 12.24
N GLY C 300 26.12 -16.06 11.41
CA GLY C 300 25.59 -17.35 11.80
C GLY C 300 26.69 -18.10 12.53
N THR C 301 27.04 -17.56 13.69
CA THR C 301 28.10 -18.09 14.55
C THR C 301 27.78 -19.43 15.23
N ARG C 302 26.58 -19.93 15.02
CA ARG C 302 26.13 -21.16 15.63
C ARG C 302 25.66 -22.03 14.46
N VAL C 303 26.62 -22.74 13.85
CA VAL C 303 26.36 -23.59 12.68
C VAL C 303 25.93 -25.03 12.95
N PHE C 304 24.71 -25.38 12.55
CA PHE C 304 24.20 -26.72 12.74
C PHE C 304 24.32 -27.52 11.44
N VAL C 305 25.12 -28.58 11.48
CA VAL C 305 25.28 -29.42 10.31
C VAL C 305 24.69 -30.79 10.56
N GLN C 306 23.88 -31.25 9.62
CA GLN C 306 23.23 -32.56 9.76
C GLN C 306 24.29 -33.65 9.78
N ARG C 307 24.28 -34.45 10.85
CA ARG C 307 25.26 -35.50 11.10
C ARG C 307 25.91 -36.26 9.93
N GLU C 308 25.11 -36.75 8.97
CA GLU C 308 25.67 -37.49 7.84
C GLU C 308 26.80 -36.78 7.11
N ILE C 309 26.68 -35.47 6.90
CA ILE C 309 27.70 -34.72 6.18
C ILE C 309 28.71 -34.01 7.09
N MET C 310 28.52 -34.11 8.40
CA MET C 310 29.42 -33.46 9.36
C MET C 310 30.90 -33.53 8.99
N PRO C 311 31.44 -34.74 8.69
CA PRO C 311 32.85 -34.95 8.33
C PRO C 311 33.33 -34.17 7.11
N GLN C 312 32.86 -34.55 5.92
CA GLN C 312 33.27 -33.90 4.68
C GLN C 312 33.06 -32.40 4.75
N PHE C 313 32.00 -31.95 5.42
CA PHE C 313 31.77 -30.51 5.56
C PHE C 313 32.88 -29.90 6.42
N LEU C 314 32.98 -30.40 7.64
CA LEU C 314 33.96 -29.93 8.61
C LEU C 314 35.40 -29.97 8.09
N GLU C 315 35.67 -30.86 7.14
CA GLU C 315 37.01 -30.98 6.57
C GLU C 315 37.35 -29.79 5.69
N GLU C 316 36.56 -29.61 4.63
CA GLU C 316 36.70 -28.53 3.66
C GLU C 316 36.62 -27.14 4.27
N VAL C 317 35.82 -26.99 5.32
CA VAL C 317 35.67 -25.70 5.95
C VAL C 317 36.87 -25.33 6.84
N VAL C 318 37.54 -26.33 7.43
CA VAL C 318 38.72 -26.06 8.27
C VAL C 318 39.90 -25.67 7.37
N LYS C 319 39.98 -26.32 6.21
CA LYS C 319 40.99 -26.04 5.22
C LYS C 319 40.83 -24.59 4.79
N ARG C 320 39.61 -24.26 4.33
CA ARG C 320 39.26 -22.92 3.85
C ARG C 320 39.51 -21.81 4.86
N THR C 321 39.19 -22.06 6.11
CA THR C 321 39.43 -21.07 7.14
C THR C 321 40.92 -20.85 7.36
N LYS C 322 41.70 -21.90 7.17
CA LYS C 322 43.16 -21.80 7.34
C LYS C 322 43.75 -21.08 6.16
N ALA C 323 43.08 -21.18 5.02
CA ALA C 323 43.53 -20.54 3.79
C ALA C 323 43.21 -19.03 3.76
N ILE C 324 42.71 -18.48 4.86
CA ILE C 324 42.37 -17.05 4.90
C ILE C 324 43.64 -16.25 5.18
N VAL C 325 43.89 -15.24 4.35
CA VAL C 325 45.07 -14.38 4.48
C VAL C 325 44.93 -13.23 5.46
N VAL C 326 45.65 -13.28 6.58
CA VAL C 326 45.55 -12.20 7.53
C VAL C 326 46.76 -11.30 7.36
N GLY C 327 46.54 -10.00 7.27
CA GLY C 327 47.65 -9.08 7.10
C GLY C 327 47.28 -7.62 6.90
N ASP C 328 47.98 -6.94 5.97
CA ASP C 328 47.68 -5.55 5.71
C ASP C 328 46.28 -5.43 5.09
N PRO C 329 45.36 -4.78 5.80
CA PRO C 329 43.97 -4.57 5.38
C PRO C 329 43.82 -3.76 4.09
N LEU C 330 44.80 -2.90 3.84
CA LEU C 330 44.79 -2.03 2.67
C LEU C 330 45.30 -2.77 1.43
N LEU C 331 45.51 -4.09 1.59
CA LEU C 331 45.98 -4.94 0.51
C LEU C 331 44.76 -5.68 -0.08
N THR C 332 44.71 -5.79 -1.40
CA THR C 332 43.55 -6.45 -2.02
C THR C 332 43.49 -7.95 -1.83
N GLU C 333 44.64 -8.60 -1.66
CA GLU C 333 44.62 -10.04 -1.47
C GLU C 333 44.39 -10.41 0.00
N THR C 334 44.42 -9.43 0.89
CA THR C 334 44.16 -9.71 2.31
C THR C 334 42.67 -10.07 2.51
N ARG C 335 42.38 -11.04 3.36
CA ARG C 335 40.99 -11.40 3.57
C ARG C 335 40.52 -11.16 4.99
N MET C 336 41.42 -10.66 5.84
CA MET C 336 41.06 -10.34 7.22
C MET C 336 42.08 -9.40 7.82
N GLY C 337 41.58 -8.33 8.44
CA GLY C 337 42.45 -7.36 9.06
C GLY C 337 42.53 -7.64 10.54
N GLY C 338 42.91 -6.64 11.32
CA GLY C 338 43.01 -6.80 12.76
C GLY C 338 41.67 -6.42 13.36
N LEU C 339 41.39 -6.84 14.60
CA LEU C 339 40.14 -6.50 15.24
C LEU C 339 40.17 -5.00 15.60
N ILE C 340 39.08 -4.51 16.16
CA ILE C 340 38.95 -3.09 16.46
C ILE C 340 39.84 -2.55 17.56
N SER C 341 40.05 -3.33 18.60
CA SER C 341 40.89 -2.85 19.69
C SER C 341 41.54 -4.02 20.42
N LYS C 342 42.55 -3.71 21.23
CA LYS C 342 43.27 -4.70 22.02
C LYS C 342 42.27 -5.38 22.92
N PRO C 343 41.53 -4.60 23.70
CA PRO C 343 40.55 -5.20 24.60
C PRO C 343 39.65 -6.23 23.90
N GLN C 344 39.19 -5.88 22.71
CA GLN C 344 38.33 -6.79 21.95
C GLN C 344 39.07 -8.06 21.59
N LEU C 345 40.32 -7.93 21.17
CA LEU C 345 41.14 -9.08 20.83
C LEU C 345 41.25 -10.01 22.03
N ASP C 346 41.58 -9.44 23.20
CA ASP C 346 41.74 -10.23 24.42
C ASP C 346 40.43 -10.88 24.81
N LYS C 347 39.34 -10.17 24.57
CA LYS C 347 38.03 -10.70 24.89
C LYS C 347 37.73 -11.87 23.98
N VAL C 348 37.95 -11.71 22.68
CA VAL C 348 37.66 -12.80 21.74
C VAL C 348 38.52 -14.03 22.05
N LEU C 349 39.79 -13.80 22.36
CA LEU C 349 40.66 -14.92 22.70
C LEU C 349 40.20 -15.57 24.00
N GLY C 350 39.90 -14.75 24.99
CA GLY C 350 39.41 -15.28 26.25
C GLY C 350 38.28 -16.26 26.03
N PHE C 351 37.41 -15.98 25.05
CA PHE C 351 36.29 -16.87 24.74
C PHE C 351 36.78 -18.23 24.25
N VAL C 352 37.69 -18.22 23.27
CA VAL C 352 38.21 -19.47 22.74
C VAL C 352 38.84 -20.30 23.86
N ALA C 353 39.57 -19.61 24.75
CA ALA C 353 40.23 -20.23 25.88
C ALA C 353 39.25 -21.00 26.72
N GLN C 354 38.22 -20.31 27.20
CA GLN C 354 37.22 -20.96 28.02
C GLN C 354 36.45 -22.03 27.24
N ALA C 355 36.47 -21.93 25.92
CA ALA C 355 35.76 -22.89 25.09
C ALA C 355 36.37 -24.25 25.34
N LYS C 356 37.67 -24.36 25.12
CA LYS C 356 38.33 -25.63 25.33
C LYS C 356 38.28 -26.06 26.78
N LYS C 357 38.16 -25.09 27.68
CA LYS C 357 38.07 -25.43 29.09
C LYS C 357 36.70 -26.02 29.37
N GLU C 358 35.78 -25.92 28.42
CA GLU C 358 34.46 -26.47 28.63
C GLU C 358 34.27 -27.72 27.76
N GLY C 359 35.32 -28.11 27.04
CA GLY C 359 35.22 -29.30 26.22
C GLY C 359 35.37 -29.05 24.74
N ALA C 360 35.29 -27.78 24.36
CA ALA C 360 35.43 -27.41 22.95
C ALA C 360 36.74 -27.97 22.41
N ARG C 361 36.73 -28.26 21.12
CA ARG C 361 37.86 -28.85 20.44
C ARG C 361 38.23 -27.92 19.27
N VAL C 362 39.30 -27.16 19.43
CA VAL C 362 39.76 -26.23 18.40
C VAL C 362 40.40 -26.88 17.16
N LEU C 363 39.75 -26.80 16.01
CA LEU C 363 40.28 -27.40 14.80
C LEU C 363 41.26 -26.51 14.07
N CYS C 364 41.29 -25.22 14.41
CA CYS C 364 42.22 -24.28 13.78
C CYS C 364 42.03 -22.84 14.28
N GLY C 365 43.08 -22.05 14.20
CA GLY C 365 43.02 -20.67 14.64
C GLY C 365 42.76 -20.57 16.11
N GLY C 366 42.46 -19.37 16.57
CA GLY C 366 42.16 -19.18 17.97
C GLY C 366 43.30 -18.64 18.80
N GLU C 367 44.35 -18.17 18.14
CA GLU C 367 45.50 -17.67 18.88
C GLU C 367 45.95 -16.35 18.33
N PRO C 368 46.73 -15.60 19.11
CA PRO C 368 47.23 -14.30 18.65
C PRO C 368 47.97 -14.55 17.35
N LEU C 369 48.39 -13.48 16.69
CA LEU C 369 49.10 -13.62 15.43
C LEU C 369 50.14 -12.51 15.33
N THR C 370 51.06 -12.64 14.38
CA THR C 370 52.08 -11.64 14.15
C THR C 370 52.50 -11.73 12.71
N PRO C 371 51.94 -10.86 11.86
CA PRO C 371 52.23 -10.82 10.43
C PRO C 371 53.71 -10.63 10.13
N SER C 372 54.16 -11.14 8.99
CA SER C 372 55.55 -11.02 8.59
C SER C 372 55.95 -9.56 8.54
N ASP C 373 55.16 -8.77 7.81
CA ASP C 373 55.43 -7.35 7.67
C ASP C 373 55.69 -6.70 9.02
N PRO C 374 56.83 -6.04 9.15
CA PRO C 374 57.21 -5.36 10.38
C PRO C 374 56.27 -4.29 10.90
N LYS C 375 55.58 -3.56 10.01
CA LYS C 375 54.69 -2.49 10.49
C LYS C 375 53.42 -2.99 11.13
N LEU C 376 53.07 -4.25 10.89
CA LEU C 376 51.87 -4.85 11.46
C LEU C 376 52.17 -5.61 12.75
N LYS C 377 53.36 -5.43 13.30
CA LYS C 377 53.74 -6.13 14.51
C LYS C 377 52.86 -5.82 15.69
N ASN C 378 52.37 -4.59 15.76
CA ASN C 378 51.53 -4.19 16.88
C ASN C 378 50.03 -4.18 16.59
N GLY C 379 49.66 -4.70 15.42
CA GLY C 379 48.26 -4.76 15.04
C GLY C 379 47.51 -5.69 15.98
N TYR C 380 46.19 -5.69 15.89
CA TYR C 380 45.38 -6.52 16.75
C TYR C 380 44.92 -7.74 15.97
N PHE C 381 45.87 -8.60 15.58
CA PHE C 381 45.52 -9.79 14.80
C PHE C 381 45.42 -11.09 15.60
N MET C 382 44.57 -11.98 15.12
CA MET C 382 44.36 -13.31 15.67
C MET C 382 43.91 -14.15 14.47
N SER C 383 43.99 -15.46 14.57
CA SER C 383 43.62 -16.28 13.43
C SER C 383 42.23 -16.84 13.54
N PRO C 384 41.45 -16.77 12.44
CA PRO C 384 40.09 -17.30 12.42
C PRO C 384 40.05 -18.72 12.98
N CYS C 385 39.19 -18.89 13.99
CA CYS C 385 39.02 -20.14 14.72
C CYS C 385 37.73 -20.90 14.42
N VAL C 386 37.83 -22.23 14.36
CA VAL C 386 36.68 -23.10 14.10
C VAL C 386 36.54 -24.14 15.22
N LEU C 387 35.54 -23.97 16.08
CA LEU C 387 35.33 -24.91 17.17
C LEU C 387 34.59 -26.14 16.67
N ASP C 388 34.73 -27.21 17.44
CA ASP C 388 34.18 -28.51 17.13
C ASP C 388 33.85 -29.12 18.47
N ASN C 389 32.90 -30.06 18.54
CA ASN C 389 32.58 -30.66 19.83
C ASN C 389 31.91 -29.65 20.74
N CYS C 390 30.86 -28.99 20.26
CA CYS C 390 30.17 -27.98 21.04
C CYS C 390 28.85 -28.48 21.59
N ARG C 391 28.43 -27.90 22.71
CA ARG C 391 27.17 -28.26 23.35
C ARG C 391 26.29 -27.02 23.49
N ASP C 392 24.98 -27.19 23.36
CA ASP C 392 24.06 -26.06 23.47
C ASP C 392 24.22 -25.27 24.76
N ASP C 393 24.88 -25.85 25.75
CA ASP C 393 25.05 -25.19 27.04
C ASP C 393 26.38 -24.49 27.23
N MET C 394 27.33 -24.70 26.32
CA MET C 394 28.64 -24.04 26.43
C MET C 394 28.52 -22.51 26.26
N THR C 395 29.28 -21.77 27.06
CA THR C 395 29.26 -20.33 26.97
C THR C 395 29.49 -19.81 25.56
N CYS C 396 30.35 -20.48 24.80
CA CYS C 396 30.62 -20.01 23.43
C CYS C 396 29.43 -20.19 22.48
N VAL C 397 28.55 -21.12 22.76
CA VAL C 397 27.41 -21.34 21.87
C VAL C 397 26.28 -20.37 22.24
N LYS C 398 26.27 -19.94 23.49
CA LYS C 398 25.23 -19.06 23.97
C LYS C 398 25.49 -17.57 23.86
N GLU C 399 26.73 -17.16 24.08
CA GLU C 399 27.12 -15.74 24.06
C GLU C 399 27.57 -15.20 22.69
N GLU C 400 27.31 -13.91 22.44
CA GLU C 400 27.74 -13.32 21.19
C GLU C 400 29.22 -13.00 21.44
N ILE C 401 30.11 -13.64 20.68
CA ILE C 401 31.56 -13.43 20.86
C ILE C 401 31.92 -12.08 20.25
N PHE C 402 31.62 -11.97 18.97
CA PHE C 402 31.88 -10.80 18.13
C PHE C 402 33.33 -10.80 17.69
N GLY C 403 33.78 -12.00 17.33
CA GLY C 403 35.14 -12.22 16.86
C GLY C 403 35.06 -13.38 15.86
N PRO C 404 36.12 -13.65 15.11
CA PRO C 404 36.12 -14.75 14.13
C PRO C 404 36.13 -16.14 14.76
N VAL C 405 35.02 -16.55 15.37
CA VAL C 405 34.95 -17.85 16.03
C VAL C 405 33.67 -18.59 15.64
N MET C 406 33.82 -19.69 14.91
CA MET C 406 32.70 -20.50 14.44
C MET C 406 32.41 -21.75 15.28
N SER C 407 31.20 -21.93 15.78
CA SER C 407 30.87 -23.12 16.58
C SER C 407 30.04 -24.09 15.76
N VAL C 408 30.63 -25.23 15.40
CA VAL C 408 29.93 -26.24 14.60
C VAL C 408 29.30 -27.27 15.55
N LEU C 409 28.06 -27.65 15.28
CA LEU C 409 27.38 -28.63 16.13
C LEU C 409 26.57 -29.53 15.25
N PRO C 410 26.56 -30.84 15.55
CA PRO C 410 25.81 -31.83 14.77
C PRO C 410 24.34 -31.84 15.17
N PHE C 411 23.49 -32.38 14.28
CA PHE C 411 22.06 -32.49 14.56
C PHE C 411 21.51 -33.65 13.71
N ASP C 412 20.37 -34.20 14.13
CA ASP C 412 19.78 -35.32 13.42
C ASP C 412 18.49 -35.09 12.67
N THR C 413 17.49 -34.52 13.34
CA THR C 413 16.21 -34.27 12.68
C THR C 413 15.78 -32.81 12.66
N GLU C 414 14.89 -32.49 11.73
CA GLU C 414 14.40 -31.12 11.56
C GLU C 414 13.73 -30.58 12.80
N GLU C 415 12.79 -31.33 13.34
CA GLU C 415 12.11 -30.86 14.52
C GLU C 415 13.14 -30.57 15.62
N GLU C 416 14.20 -31.37 15.65
CA GLU C 416 15.25 -31.22 16.65
C GLU C 416 15.90 -29.84 16.64
N VAL C 417 16.58 -29.50 15.55
CA VAL C 417 17.27 -28.21 15.39
C VAL C 417 16.39 -27.00 15.54
N LEU C 418 15.16 -27.06 15.05
CA LEU C 418 14.28 -25.92 15.16
C LEU C 418 14.14 -25.54 16.63
N GLN C 419 13.83 -26.51 17.47
CA GLN C 419 13.65 -26.23 18.88
C GLN C 419 14.94 -25.68 19.44
N ARG C 420 16.07 -26.21 18.95
CA ARG C 420 17.38 -25.79 19.42
C ARG C 420 17.78 -24.44 18.87
N ALA C 421 17.48 -24.22 17.59
CA ALA C 421 17.79 -22.96 16.91
C ALA C 421 17.05 -21.79 17.55
N ASN C 422 15.75 -21.95 17.72
CA ASN C 422 14.94 -20.92 18.32
C ASN C 422 15.12 -20.85 19.81
N ASN C 423 15.88 -21.78 20.38
CA ASN C 423 16.05 -21.72 21.83
C ASN C 423 17.12 -20.72 22.25
N THR C 424 16.79 -19.45 22.09
CA THR C 424 17.69 -18.37 22.43
C THR C 424 16.87 -17.13 22.71
N THR C 425 17.46 -16.19 23.43
CA THR C 425 16.76 -14.95 23.74
C THR C 425 16.93 -13.97 22.56
N PHE C 426 17.89 -14.30 21.71
CA PHE C 426 18.20 -13.55 20.50
C PHE C 426 17.24 -13.91 19.36
N GLY C 427 17.31 -13.15 18.28
CA GLY C 427 16.44 -13.41 17.14
C GLY C 427 16.68 -12.42 16.00
N LEU C 428 17.93 -12.23 15.64
CA LEU C 428 18.28 -11.30 14.57
C LEU C 428 18.23 -11.96 13.19
N ALA C 429 19.07 -12.96 12.99
CA ALA C 429 19.10 -13.62 11.70
C ALA C 429 19.20 -15.14 11.82
N SER C 430 19.28 -15.80 10.68
CA SER C 430 19.35 -17.25 10.63
C SER C 430 19.46 -17.66 9.17
N GLY C 431 19.92 -18.88 8.93
CA GLY C 431 20.06 -19.33 7.56
C GLY C 431 19.82 -20.81 7.38
N VAL C 432 19.61 -21.22 6.15
CA VAL C 432 19.37 -22.61 5.93
C VAL C 432 19.80 -23.01 4.57
N PHE C 433 20.58 -24.09 4.51
CA PHE C 433 21.06 -24.63 3.25
C PHE C 433 20.43 -25.98 3.06
N THR C 434 19.52 -26.07 2.09
CA THR C 434 18.85 -27.32 1.79
C THR C 434 18.39 -27.21 0.36
N ARG C 435 17.80 -28.28 -0.17
CA ARG C 435 17.37 -28.28 -1.54
C ARG C 435 15.89 -28.52 -1.76
N ASP C 436 15.21 -28.98 -0.72
CA ASP C 436 13.79 -29.27 -0.84
C ASP C 436 12.88 -28.05 -0.62
N ILE C 437 12.19 -27.67 -1.70
CA ILE C 437 11.29 -26.54 -1.68
C ILE C 437 10.46 -26.41 -0.41
N SER C 438 9.90 -27.51 0.05
CA SER C 438 9.10 -27.43 1.24
C SER C 438 9.89 -27.18 2.51
N ARG C 439 11.00 -27.88 2.69
CA ARG C 439 11.76 -27.68 3.89
C ARG C 439 12.25 -26.26 3.98
N ALA C 440 12.72 -25.74 2.86
CA ALA C 440 13.23 -24.38 2.84
C ALA C 440 12.24 -23.40 3.47
N HIS C 441 11.15 -23.13 2.76
CA HIS C 441 10.18 -22.18 3.28
C HIS C 441 9.68 -22.54 4.67
N ARG C 442 9.41 -23.83 4.87
CA ARG C 442 8.92 -24.31 6.16
C ARG C 442 9.88 -23.93 7.27
N VAL C 443 11.16 -24.24 7.11
CA VAL C 443 12.14 -23.89 8.14
C VAL C 443 12.20 -22.38 8.27
N ALA C 444 12.09 -21.69 7.14
CA ALA C 444 12.13 -20.24 7.11
C ALA C 444 11.00 -19.72 7.99
N ALA C 445 9.81 -20.20 7.68
CA ALA C 445 8.66 -19.80 8.42
C ALA C 445 8.79 -20.05 9.91
N ASN C 446 9.45 -21.14 10.29
CA ASN C 446 9.57 -21.51 11.71
C ASN C 446 10.69 -20.92 12.54
N LEU C 447 11.74 -20.45 11.88
CA LEU C 447 12.80 -19.84 12.63
C LEU C 447 12.25 -18.53 13.23
N GLU C 448 12.65 -18.22 14.46
CA GLU C 448 12.18 -17.02 15.10
C GLU C 448 13.19 -15.92 15.02
N ALA C 449 13.44 -15.43 13.82
CA ALA C 449 14.38 -14.35 13.65
C ALA C 449 13.79 -13.37 12.66
N GLY C 450 14.39 -12.17 12.59
CA GLY C 450 13.89 -11.15 11.69
C GLY C 450 14.33 -11.33 10.26
N THR C 451 15.36 -12.14 10.06
CA THR C 451 15.86 -12.39 8.74
C THR C 451 16.30 -13.81 8.56
N CYS C 452 15.98 -14.36 7.40
CA CYS C 452 16.37 -15.72 7.12
C CYS C 452 16.87 -15.89 5.70
N TYR C 453 18.13 -16.28 5.60
CA TYR C 453 18.74 -16.48 4.31
C TYR C 453 18.53 -17.91 3.89
N ILE C 454 18.27 -18.11 2.60
CA ILE C 454 18.07 -19.44 2.04
C ILE C 454 19.12 -19.67 0.97
N ASN C 455 20.07 -20.57 1.26
CA ASN C 455 21.18 -20.93 0.37
C ASN C 455 22.13 -19.80 0.06
N THR C 456 22.41 -18.98 1.05
CA THR C 456 23.34 -17.88 0.92
C THR C 456 23.39 -17.31 2.30
N TYR C 457 24.05 -16.17 2.43
CA TYR C 457 24.14 -15.58 3.74
C TYR C 457 24.88 -14.24 3.71
N SER C 458 24.54 -13.37 4.66
CA SER C 458 25.17 -12.05 4.81
C SER C 458 24.81 -11.01 3.74
N ILE C 459 23.84 -11.33 2.90
CA ILE C 459 23.39 -10.38 1.88
C ILE C 459 22.47 -9.41 2.62
N SER C 460 22.63 -8.12 2.37
CA SER C 460 21.77 -7.13 3.01
C SER C 460 21.34 -6.05 2.06
N PRO C 461 20.44 -6.36 1.12
CA PRO C 461 19.91 -5.42 0.12
C PRO C 461 19.14 -4.22 0.71
N VAL C 462 19.16 -3.07 0.03
CA VAL C 462 18.45 -1.92 0.54
C VAL C 462 16.96 -2.02 0.25
N GLU C 463 16.59 -2.78 -0.77
CA GLU C 463 15.19 -2.95 -1.11
C GLU C 463 14.35 -3.60 -0.02
N VAL C 464 14.97 -4.34 0.90
CA VAL C 464 14.19 -5.01 1.94
C VAL C 464 14.55 -4.58 3.35
N PRO C 465 13.59 -4.69 4.28
CA PRO C 465 13.72 -4.31 5.69
C PRO C 465 14.70 -5.16 6.45
N PHE C 466 15.24 -4.63 7.52
CA PHE C 466 16.18 -5.39 8.34
C PHE C 466 16.13 -5.03 9.83
N GLY C 467 15.85 -6.03 10.66
CA GLY C 467 15.77 -5.78 12.09
C GLY C 467 15.65 -7.07 12.88
N GLY C 468 15.55 -6.96 14.20
CA GLY C 468 15.48 -8.16 15.01
C GLY C 468 14.12 -8.58 15.52
N TYR C 469 14.13 -9.69 16.24
CA TYR C 469 12.98 -10.30 16.88
C TYR C 469 13.43 -10.46 18.30
N LYS C 470 12.49 -10.71 19.20
CA LYS C 470 12.85 -10.89 20.61
C LYS C 470 13.77 -9.79 21.13
N MET C 471 14.84 -10.19 21.80
CA MET C 471 15.78 -9.23 22.37
C MET C 471 16.89 -8.80 21.43
N SER C 472 16.68 -9.01 20.13
CA SER C 472 17.67 -8.54 19.16
C SER C 472 17.21 -7.14 18.71
N GLY C 473 16.10 -6.66 19.28
CA GLY C 473 15.61 -5.33 18.95
C GLY C 473 14.30 -5.29 18.22
N PHE C 474 13.90 -4.10 17.80
CA PHE C 474 12.68 -3.90 17.02
C PHE C 474 12.84 -2.66 16.17
N GLY C 475 12.03 -2.54 15.13
CA GLY C 475 12.16 -1.41 14.24
C GLY C 475 12.92 -1.95 13.06
N ARG C 476 12.99 -1.21 11.96
CA ARG C 476 13.69 -1.69 10.78
C ARG C 476 14.56 -0.62 10.14
N GLU C 477 15.54 -1.08 9.40
CA GLU C 477 16.46 -0.21 8.73
C GLU C 477 16.29 -0.73 7.28
N ASN C 478 16.47 0.12 6.28
CA ASN C 478 16.33 -0.28 4.88
C ASN C 478 14.93 -0.75 4.55
N GLY C 479 14.63 -0.83 3.25
CA GLY C 479 13.31 -1.25 2.84
C GLY C 479 12.31 -0.15 3.08
N GLN C 480 11.09 -0.31 2.58
CA GLN C 480 10.07 0.70 2.72
C GLN C 480 9.57 0.81 4.15
N ALA C 481 9.48 -0.34 4.79
CA ALA C 481 9.01 -0.39 6.16
C ALA C 481 9.56 0.73 7.05
N THR C 482 10.86 0.93 6.95
CA THR C 482 11.51 1.95 7.76
C THR C 482 10.84 3.32 7.82
N VAL C 483 10.39 3.86 6.68
CA VAL C 483 9.78 5.19 6.68
C VAL C 483 8.76 5.40 7.81
N ASP C 484 8.15 4.32 8.26
CA ASP C 484 7.17 4.43 9.34
C ASP C 484 7.82 4.68 10.69
N TYR C 485 9.15 4.57 10.75
CA TYR C 485 9.83 4.79 12.02
C TYR C 485 10.41 6.18 12.11
N TYR C 486 10.31 6.89 10.98
CA TYR C 486 10.80 8.23 10.93
C TYR C 486 9.69 9.19 10.52
N SER C 487 8.43 8.78 10.67
CA SER C 487 7.35 9.67 10.32
C SER C 487 6.20 9.26 11.19
N GLN C 488 5.21 10.14 11.32
CA GLN C 488 4.03 9.83 12.11
C GLN C 488 2.83 10.34 11.33
N LEU C 489 1.66 9.78 11.62
CA LEU C 489 0.46 10.14 10.92
C LEU C 489 -0.48 10.95 11.77
N LYS C 490 -0.82 12.15 11.29
CA LYS C 490 -1.78 13.01 11.98
C LYS C 490 -3.10 12.73 11.28
N THR C 491 -4.15 12.50 12.05
CA THR C 491 -5.47 12.25 11.47
C THR C 491 -6.24 13.57 11.50
N VAL C 492 -6.71 13.97 10.32
CA VAL C 492 -7.47 15.17 10.18
C VAL C 492 -8.84 14.75 9.70
N ILE C 493 -9.85 14.95 10.54
CA ILE C 493 -11.21 14.60 10.21
C ILE C 493 -11.95 15.87 9.90
N VAL C 494 -12.63 15.91 8.77
CA VAL C 494 -13.34 17.13 8.39
C VAL C 494 -14.83 16.98 8.14
N GLU C 495 -15.60 17.63 9.01
CA GLU C 495 -17.06 17.67 9.00
C GLU C 495 -17.52 18.61 7.88
N MET C 496 -18.31 18.08 6.98
CA MET C 496 -18.79 18.82 5.82
C MET C 496 -20.10 19.55 6.08
N GLY C 497 -20.79 19.13 7.14
CA GLY C 497 -22.07 19.74 7.50
C GLY C 497 -22.07 20.31 8.91
N ASP C 498 -23.11 19.98 9.67
CA ASP C 498 -23.27 20.47 11.04
C ASP C 498 -22.90 19.46 12.11
N VAL C 499 -22.58 19.96 13.29
CA VAL C 499 -22.18 19.10 14.38
C VAL C 499 -23.34 18.37 15.02
N ASP C 500 -23.14 17.10 15.36
CA ASP C 500 -24.18 16.34 16.04
C ASP C 500 -23.80 16.43 17.49
N SER C 501 -24.53 17.25 18.23
CA SER C 501 -24.25 17.44 19.63
C SER C 501 -25.31 16.86 20.53
N LEU C 502 -24.90 16.38 21.69
CA LEU C 502 -25.85 15.85 22.63
C LEU C 502 -26.16 16.99 23.61
N PHE C 503 -25.76 18.22 23.26
CA PHE C 503 -26.03 19.37 24.14
C PHE C 503 -26.34 20.67 23.38
N ALA D 1 -23.09 -13.29 32.24
CA ALA D 1 -23.95 -13.64 31.06
C ALA D 1 -25.44 -13.57 31.42
N GLN D 2 -25.80 -14.28 32.49
CA GLN D 2 -27.18 -14.27 32.98
C GLN D 2 -27.42 -12.87 33.54
N LEU D 3 -26.40 -12.30 34.15
CA LEU D 3 -26.50 -10.95 34.68
C LEU D 3 -26.81 -10.02 33.50
N VAL D 4 -26.24 -10.32 32.35
CA VAL D 4 -26.46 -9.52 31.15
C VAL D 4 -27.90 -9.68 30.67
N ASP D 5 -28.44 -10.87 30.85
CA ASP D 5 -29.81 -11.13 30.43
C ASP D 5 -30.81 -10.58 31.42
N SER D 6 -30.36 -10.32 32.64
CA SER D 6 -31.23 -9.78 33.67
C SER D 6 -31.44 -8.27 33.50
N MET D 7 -30.54 -7.66 32.76
CA MET D 7 -30.58 -6.23 32.52
C MET D 7 -31.89 -5.57 32.09
N PRO D 8 -32.67 -6.22 31.21
CA PRO D 8 -33.91 -5.57 30.80
C PRO D 8 -34.74 -4.98 31.96
N SER D 9 -34.69 -5.64 33.11
CA SER D 9 -35.45 -5.20 34.28
C SER D 9 -34.53 -4.47 35.28
N ALA D 10 -33.25 -4.44 34.98
CA ALA D 10 -32.29 -3.78 35.86
C ALA D 10 -32.59 -2.29 35.90
N SER D 11 -32.21 -1.66 37.01
CA SER D 11 -32.44 -0.23 37.17
C SER D 11 -31.42 0.29 38.15
N THR D 12 -31.21 1.61 38.14
CA THR D 12 -30.22 2.20 39.02
C THR D 12 -30.44 1.85 40.48
N GLY D 13 -29.36 1.44 41.14
CA GLY D 13 -29.39 1.07 42.54
C GLY D 13 -29.91 -0.32 42.87
N SER D 14 -30.37 -1.07 41.87
CA SER D 14 -30.92 -2.41 42.08
C SER D 14 -29.94 -3.56 41.87
N VAL D 15 -29.11 -3.44 40.84
CA VAL D 15 -28.19 -4.51 40.53
C VAL D 15 -27.10 -4.78 41.57
N VAL D 16 -26.45 -5.93 41.42
CA VAL D 16 -25.36 -6.34 42.27
C VAL D 16 -24.63 -7.50 41.56
N VAL D 17 -23.31 -7.35 41.40
CA VAL D 17 -22.50 -8.35 40.75
C VAL D 17 -22.15 -9.48 41.71
N THR D 18 -22.04 -10.69 41.19
CA THR D 18 -21.75 -11.85 42.02
C THR D 18 -20.90 -12.91 41.32
N ASP D 19 -20.60 -12.68 40.05
CA ASP D 19 -19.80 -13.62 39.30
C ASP D 19 -18.35 -13.46 39.73
N ASP D 20 -17.47 -14.30 39.20
CA ASP D 20 -16.05 -14.17 39.50
C ASP D 20 -15.52 -13.33 38.36
N LEU D 21 -14.60 -12.41 38.64
CA LEU D 21 -14.07 -11.52 37.60
C LEU D 21 -12.74 -11.86 36.92
N ASN D 22 -12.09 -12.94 37.32
CA ASN D 22 -10.85 -13.35 36.69
C ASN D 22 -11.21 -14.39 35.64
N TYR D 23 -10.56 -14.35 34.48
CA TYR D 23 -10.93 -15.27 33.42
C TYR D 23 -9.77 -15.72 32.58
N TRP D 24 -9.52 -17.02 32.58
CA TRP D 24 -8.46 -17.61 31.77
C TRP D 24 -8.69 -19.10 31.61
N GLY D 25 -8.07 -19.69 30.60
CA GLY D 25 -8.27 -21.09 30.38
C GLY D 25 -9.69 -21.30 29.89
N GLY D 26 -10.33 -20.23 29.45
CA GLY D 26 -11.69 -20.34 28.93
C GLY D 26 -12.82 -20.42 29.94
N ARG D 27 -12.58 -19.96 31.18
CA ARG D 27 -13.59 -19.97 32.22
C ARG D 27 -13.29 -18.99 33.35
N ARG D 28 -14.29 -18.65 34.17
CA ARG D 28 -14.10 -17.72 35.29
C ARG D 28 -13.47 -18.44 36.49
N ILE D 29 -12.38 -17.88 36.98
CA ILE D 29 -11.66 -18.47 38.11
C ILE D 29 -12.23 -18.06 39.46
N LYS D 30 -12.45 -19.04 40.34
CA LYS D 30 -13.02 -18.75 41.64
C LYS D 30 -12.20 -17.91 42.58
N SER D 31 -10.90 -17.79 42.34
CA SER D 31 -10.06 -16.97 43.20
C SER D 31 -10.48 -17.17 44.66
N LYS D 32 -10.01 -18.26 45.26
CA LYS D 32 -10.38 -18.57 46.63
C LYS D 32 -9.46 -17.87 47.65
N ASP D 33 -9.72 -18.14 48.94
CA ASP D 33 -8.95 -17.56 50.03
C ASP D 33 -9.16 -16.04 50.20
N GLY D 34 -8.97 -15.56 51.45
CA GLY D 34 -9.12 -14.15 51.77
C GLY D 34 -8.72 -13.19 50.65
N ALA D 35 -7.41 -13.06 50.41
CA ALA D 35 -6.91 -12.20 49.36
C ALA D 35 -7.53 -10.80 49.34
N THR D 36 -6.88 -9.84 50.00
CA THR D 36 -7.38 -8.46 50.06
C THR D 36 -8.18 -8.10 48.81
N THR D 37 -9.31 -7.42 48.99
CA THR D 37 -10.14 -7.04 47.85
C THR D 37 -10.48 -5.56 47.82
N GLU D 38 -11.01 -5.14 46.68
CA GLU D 38 -11.38 -3.75 46.48
C GLU D 38 -12.83 -3.64 46.05
N PRO D 39 -13.53 -2.65 46.58
CA PRO D 39 -14.93 -2.45 46.24
C PRO D 39 -15.07 -1.71 44.92
N VAL D 40 -15.92 -2.19 44.02
CA VAL D 40 -16.15 -1.48 42.77
C VAL D 40 -17.51 -0.83 43.03
N PHE D 41 -17.65 0.43 42.63
CA PHE D 41 -18.90 1.16 42.88
C PHE D 41 -19.79 1.43 41.68
N GLU D 42 -21.04 1.76 42.00
CA GLU D 42 -22.03 2.15 41.00
C GLU D 42 -21.97 3.67 41.15
N PRO D 43 -21.33 4.38 40.20
CA PRO D 43 -21.18 5.84 40.27
C PRO D 43 -22.45 6.67 40.54
N ALA D 44 -23.58 6.22 40.01
CA ALA D 44 -24.82 6.97 40.20
C ALA D 44 -25.41 6.86 41.61
N THR D 45 -24.99 5.87 42.41
CA THR D 45 -25.57 5.70 43.73
C THR D 45 -24.58 5.60 44.87
N GLY D 46 -23.32 5.33 44.55
CA GLY D 46 -22.33 5.21 45.59
C GLY D 46 -22.37 3.83 46.21
N ARG D 47 -23.23 2.96 45.69
CA ARG D 47 -23.35 1.59 46.21
C ARG D 47 -22.19 0.67 45.81
N VAL D 48 -21.92 -0.32 46.66
CA VAL D 48 -20.86 -1.29 46.37
C VAL D 48 -21.44 -2.41 45.52
N LEU D 49 -21.04 -2.48 44.24
CA LEU D 49 -21.52 -3.51 43.33
C LEU D 49 -20.96 -4.87 43.61
N CYS D 50 -19.74 -4.91 44.15
CA CYS D 50 -19.07 -6.17 44.47
C CYS D 50 -17.64 -5.87 44.87
N GLN D 51 -16.91 -6.91 45.20
CA GLN D 51 -15.50 -6.76 45.57
C GLN D 51 -14.69 -7.26 44.39
N MET D 52 -13.43 -6.87 44.28
CA MET D 52 -12.60 -7.39 43.19
C MET D 52 -11.28 -7.86 43.80
N VAL D 53 -10.97 -9.12 43.53
CA VAL D 53 -9.76 -9.71 44.04
C VAL D 53 -8.71 -9.66 42.93
N PRO D 54 -7.64 -8.89 43.15
CA PRO D 54 -6.49 -8.68 42.26
C PRO D 54 -5.61 -9.92 42.07
N CYS D 55 -4.96 -10.02 40.92
CA CYS D 55 -4.10 -11.16 40.59
C CYS D 55 -2.66 -10.92 40.97
N GLY D 56 -1.98 -11.98 41.44
CA GLY D 56 -0.58 -11.89 41.82
C GLY D 56 0.21 -12.63 40.75
N ALA D 57 1.52 -12.78 40.95
CA ALA D 57 2.34 -13.46 39.96
C ALA D 57 1.80 -14.82 39.53
N GLU D 58 1.42 -15.61 40.52
CA GLU D 58 0.88 -16.94 40.28
C GLU D 58 -0.24 -16.90 39.24
N GLU D 59 -1.29 -16.14 39.53
CA GLU D 59 -2.44 -16.03 38.63
C GLU D 59 -2.05 -15.51 37.25
N VAL D 60 -1.47 -14.32 37.23
CA VAL D 60 -1.05 -13.70 35.98
C VAL D 60 -0.41 -14.74 35.08
N ASP D 61 0.62 -15.38 35.60
CA ASP D 61 1.38 -16.40 34.88
C ASP D 61 0.50 -17.45 34.26
N GLN D 62 -0.51 -17.89 34.99
CA GLN D 62 -1.40 -18.88 34.43
C GLN D 62 -2.13 -18.29 33.23
N ALA D 63 -2.54 -17.02 33.36
CA ALA D 63 -3.25 -16.31 32.31
C ALA D 63 -2.39 -16.35 31.08
N VAL D 64 -1.17 -15.88 31.22
CA VAL D 64 -0.22 -15.87 30.13
C VAL D 64 -0.06 -17.25 29.49
N GLN D 65 0.26 -18.26 30.31
CA GLN D 65 0.43 -19.63 29.83
C GLN D 65 -0.78 -20.08 29.04
N SER D 66 -1.95 -19.66 29.49
CA SER D 66 -3.18 -19.99 28.82
C SER D 66 -3.17 -19.37 27.45
N ALA D 67 -2.89 -18.09 27.40
CA ALA D 67 -2.86 -17.39 26.12
C ALA D 67 -1.84 -18.09 25.23
N GLN D 68 -0.64 -18.25 25.78
CA GLN D 68 0.48 -18.90 25.12
C GLN D 68 0.03 -20.15 24.36
N ALA D 69 -0.67 -21.05 25.04
CA ALA D 69 -1.13 -22.27 24.42
C ALA D 69 -1.98 -21.97 23.20
N ALA D 70 -3.07 -21.25 23.43
CA ALA D 70 -4.03 -20.88 22.38
C ALA D 70 -3.39 -20.19 21.19
N TYR D 71 -2.45 -19.29 21.45
CA TYR D 71 -1.77 -18.63 20.37
C TYR D 71 -1.25 -19.66 19.36
N LEU D 72 -0.51 -20.65 19.88
CA LEU D 72 0.06 -21.70 19.03
C LEU D 72 -0.91 -22.21 17.99
N LYS D 73 -2.16 -22.36 18.40
CA LYS D 73 -3.20 -22.82 17.48
C LYS D 73 -3.75 -21.70 16.59
N TRP D 74 -4.18 -20.61 17.21
CA TRP D 74 -4.77 -19.47 16.53
C TRP D 74 -3.85 -18.83 15.50
N SER D 75 -2.56 -18.79 15.81
CA SER D 75 -1.59 -18.20 14.89
C SER D 75 -1.40 -19.05 13.65
N LYS D 76 -1.83 -20.30 13.72
CA LYS D 76 -1.70 -21.19 12.59
C LYS D 76 -2.85 -21.04 11.61
N MET D 77 -3.91 -20.40 12.05
CA MET D 77 -5.05 -20.19 11.16
C MET D 77 -4.78 -19.04 10.25
N ALA D 78 -5.35 -19.11 9.06
CA ALA D 78 -5.16 -18.06 8.07
C ALA D 78 -6.09 -16.89 8.37
N GLY D 79 -5.76 -15.73 7.83
CA GLY D 79 -6.57 -14.56 8.05
C GLY D 79 -8.03 -14.83 7.75
N ILE D 80 -8.30 -15.39 6.58
CA ILE D 80 -9.65 -15.71 6.13
C ILE D 80 -10.33 -16.53 7.20
N GLU D 81 -9.56 -17.39 7.87
CA GLU D 81 -10.07 -18.25 8.94
C GLU D 81 -10.26 -17.51 10.27
N ARG D 82 -9.30 -16.69 10.69
CA ARG D 82 -9.50 -15.96 11.94
C ARG D 82 -10.68 -14.98 11.76
N SER D 83 -10.91 -14.58 10.51
CA SER D 83 -11.98 -13.65 10.15
C SER D 83 -13.37 -14.16 10.53
N ARG D 84 -13.66 -15.40 10.15
CA ARG D 84 -14.94 -16.06 10.44
C ARG D 84 -15.35 -15.96 11.92
N VAL D 85 -14.45 -16.38 12.80
CA VAL D 85 -14.73 -16.38 14.23
C VAL D 85 -15.07 -14.97 14.72
N MET D 86 -14.23 -14.02 14.34
CA MET D 86 -14.41 -12.64 14.73
C MET D 86 -15.73 -12.05 14.26
N LEU D 87 -16.10 -12.29 13.01
CA LEU D 87 -17.38 -11.80 12.47
C LEU D 87 -18.53 -12.26 13.36
N GLU D 88 -18.41 -13.45 13.91
CA GLU D 88 -19.45 -13.98 14.77
C GLU D 88 -19.42 -13.30 16.12
N ALA D 89 -18.23 -13.11 16.66
CA ALA D 89 -18.08 -12.47 17.95
C ALA D 89 -18.79 -11.13 17.92
N ALA D 90 -18.75 -10.46 16.78
CA ALA D 90 -19.41 -9.18 16.65
C ALA D 90 -20.90 -9.39 16.63
N ARG D 91 -21.37 -10.15 15.65
CA ARG D 91 -22.78 -10.48 15.51
C ARG D 91 -23.40 -10.74 16.88
N ILE D 92 -22.61 -11.28 17.81
CA ILE D 92 -23.13 -11.56 19.14
C ILE D 92 -23.25 -10.27 19.93
N ILE D 93 -22.15 -9.55 20.02
CA ILE D 93 -22.20 -8.28 20.74
C ILE D 93 -23.33 -7.46 20.17
N ARG D 94 -23.51 -7.53 18.85
CA ARG D 94 -24.59 -6.80 18.16
C ARG D 94 -25.93 -7.16 18.76
N GLU D 95 -26.17 -8.45 18.90
CA GLU D 95 -27.42 -8.97 19.43
C GLU D 95 -27.62 -8.77 20.92
N ARG D 96 -26.63 -8.27 21.63
CA ARG D 96 -26.80 -8.05 23.06
C ARG D 96 -26.39 -6.60 23.36
N ARG D 97 -26.35 -5.81 22.30
CA ARG D 97 -25.98 -4.41 22.36
C ARG D 97 -26.53 -3.77 23.62
N ASP D 98 -27.86 -3.69 23.70
CA ASP D 98 -28.50 -3.04 24.83
C ASP D 98 -28.12 -3.56 26.20
N ASN D 99 -28.49 -4.79 26.51
CA ASN D 99 -28.16 -5.37 27.81
C ASN D 99 -26.71 -5.04 28.25
N ILE D 100 -25.75 -5.24 27.34
CA ILE D 100 -24.38 -4.95 27.68
C ILE D 100 -24.24 -3.45 28.00
N ALA D 101 -24.81 -2.61 27.13
CA ALA D 101 -24.75 -1.15 27.30
C ALA D 101 -25.27 -0.73 28.66
N LYS D 102 -26.40 -1.31 29.02
CA LYS D 102 -27.05 -1.01 30.27
C LYS D 102 -26.11 -1.33 31.43
N LEU D 103 -25.50 -2.51 31.40
CA LEU D 103 -24.58 -2.93 32.46
C LEU D 103 -23.38 -2.02 32.49
N GLU D 104 -22.92 -1.63 31.30
CA GLU D 104 -21.76 -0.73 31.18
C GLU D 104 -22.04 0.55 32.00
N VAL D 105 -23.25 1.07 31.84
CA VAL D 105 -23.66 2.26 32.56
C VAL D 105 -23.54 2.09 34.08
N ILE D 106 -24.13 1.04 34.61
CA ILE D 106 -24.10 0.81 36.04
C ILE D 106 -22.73 0.87 36.71
N ASN D 107 -21.68 0.37 36.06
CA ASN D 107 -20.37 0.40 36.71
C ASN D 107 -19.60 1.67 36.32
N ASN D 108 -19.75 2.10 35.08
CA ASN D 108 -19.03 3.28 34.60
C ASN D 108 -19.62 4.62 35.01
N GLY D 109 -20.93 4.77 34.82
CA GLY D 109 -21.54 6.01 35.21
C GLY D 109 -22.02 6.87 34.06
N LYS D 110 -21.51 6.64 32.86
CA LYS D 110 -21.94 7.44 31.72
C LYS D 110 -23.40 7.10 31.39
N THR D 111 -24.07 8.02 30.72
CA THR D 111 -25.49 7.85 30.35
C THR D 111 -25.66 6.75 29.31
N ILE D 112 -26.78 6.03 29.33
CA ILE D 112 -26.96 5.00 28.31
C ILE D 112 -27.00 5.59 26.92
N THR D 113 -27.44 6.84 26.78
CA THR D 113 -27.48 7.42 25.46
C THR D 113 -26.09 7.32 24.87
N GLU D 114 -25.08 7.50 25.72
CA GLU D 114 -23.68 7.37 25.28
C GLU D 114 -23.30 5.89 25.22
N ALA D 115 -23.47 5.21 26.34
CA ALA D 115 -23.13 3.80 26.45
C ALA D 115 -23.48 3.01 25.18
N GLU D 116 -24.69 3.21 24.66
CA GLU D 116 -25.07 2.49 23.45
C GLU D 116 -24.09 2.68 22.31
N TYR D 117 -23.70 3.92 22.05
CA TYR D 117 -22.73 4.21 21.02
C TYR D 117 -21.42 3.48 21.31
N ASP D 118 -20.99 3.55 22.57
CA ASP D 118 -19.77 2.89 23.02
C ASP D 118 -19.71 1.44 22.56
N ILE D 119 -20.83 0.75 22.68
CA ILE D 119 -20.84 -0.65 22.29
C ILE D 119 -20.91 -0.81 20.78
N ASP D 120 -21.79 -0.10 20.08
CA ASP D 120 -21.79 -0.24 18.64
C ASP D 120 -20.33 -0.03 18.21
N ALA D 121 -19.68 0.94 18.83
CA ALA D 121 -18.29 1.23 18.48
C ALA D 121 -17.40 0.01 18.69
N ALA D 122 -17.74 -0.78 19.70
CA ALA D 122 -16.98 -1.98 20.04
C ALA D 122 -17.12 -3.07 18.98
N TRP D 123 -18.36 -3.40 18.62
CA TRP D 123 -18.56 -4.45 17.63
C TRP D 123 -18.16 -4.03 16.23
N GLN D 124 -18.14 -2.74 15.95
CA GLN D 124 -17.74 -2.30 14.62
C GLN D 124 -16.25 -2.50 14.46
N CYS D 125 -15.54 -2.22 15.54
CA CYS D 125 -14.09 -2.34 15.58
C CYS D 125 -13.68 -3.76 15.29
N ILE D 126 -14.43 -4.70 15.85
CA ILE D 126 -14.12 -6.10 15.65
C ILE D 126 -14.45 -6.48 14.24
N GLU D 127 -15.65 -6.11 13.79
CA GLU D 127 -16.12 -6.43 12.46
C GLU D 127 -15.22 -5.82 11.39
N TYR D 128 -14.55 -4.73 11.77
CA TYR D 128 -13.67 -4.04 10.85
C TYR D 128 -12.35 -4.81 10.69
N TYR D 129 -11.68 -5.07 11.82
CA TYR D 129 -10.41 -5.81 11.80
C TYR D 129 -10.60 -7.22 11.27
N ALA D 130 -11.79 -7.77 11.50
CA ALA D 130 -12.08 -9.08 10.98
C ALA D 130 -11.96 -9.02 9.46
N GLY D 131 -12.67 -8.10 8.85
CA GLY D 131 -12.62 -7.99 7.40
C GLY D 131 -11.24 -7.59 6.94
N LEU D 132 -10.41 -7.22 7.89
CA LEU D 132 -9.09 -6.78 7.51
C LEU D 132 -8.05 -7.91 7.62
N ALA D 133 -8.38 -8.97 8.35
CA ALA D 133 -7.44 -10.05 8.53
C ALA D 133 -6.95 -10.74 7.25
N PRO D 134 -7.86 -11.00 6.26
CA PRO D 134 -7.54 -11.65 4.98
C PRO D 134 -6.66 -10.79 4.09
N THR D 135 -6.42 -9.57 4.55
CA THR D 135 -5.65 -8.56 3.83
C THR D 135 -4.23 -8.55 4.29
N LEU D 136 -4.03 -9.01 5.52
CA LEU D 136 -2.69 -9.07 6.12
C LEU D 136 -1.70 -9.72 5.16
N SER D 137 -0.65 -8.98 4.81
CA SER D 137 0.36 -9.49 3.88
C SER D 137 1.73 -8.84 3.98
N GLY D 138 2.67 -9.40 3.22
CA GLY D 138 4.02 -8.91 3.16
C GLY D 138 4.32 -8.68 1.70
N GLN D 139 5.59 -8.40 1.37
CA GLN D 139 6.01 -8.13 -0.01
C GLN D 139 6.87 -9.19 -0.69
N HIS D 140 7.01 -9.05 -2.00
CA HIS D 140 7.85 -9.93 -2.82
C HIS D 140 8.60 -8.99 -3.76
N ILE D 141 9.92 -8.92 -3.58
CA ILE D 141 10.72 -8.05 -4.39
C ILE D 141 11.76 -8.84 -5.17
N GLN D 142 12.01 -8.44 -6.41
CA GLN D 142 12.99 -9.09 -7.27
C GLN D 142 14.28 -8.34 -7.05
N LEU D 143 15.34 -9.08 -6.72
CA LEU D 143 16.63 -8.49 -6.45
C LEU D 143 17.61 -8.66 -7.59
N PRO D 144 18.75 -7.96 -7.54
CA PRO D 144 19.77 -8.05 -8.58
C PRO D 144 20.26 -9.49 -8.73
N GLY D 145 20.59 -9.87 -9.97
CA GLY D 145 21.14 -11.19 -10.25
C GLY D 145 20.29 -12.41 -9.99
N GLY D 146 19.01 -12.34 -10.35
CA GLY D 146 18.13 -13.48 -10.16
C GLY D 146 17.56 -13.78 -8.78
N ALA D 147 18.26 -13.40 -7.71
CA ALA D 147 17.75 -13.66 -6.36
C ALA D 147 16.48 -12.83 -6.07
N PHE D 148 15.70 -13.26 -5.09
CA PHE D 148 14.50 -12.52 -4.74
C PHE D 148 14.25 -12.57 -3.25
N ALA D 149 13.52 -11.60 -2.73
CA ALA D 149 13.26 -11.57 -1.30
C ALA D 149 11.77 -11.47 -1.04
N TYR D 150 11.35 -11.78 0.17
CA TYR D 150 9.95 -11.64 0.48
C TYR D 150 9.80 -11.56 1.98
N THR D 151 8.82 -10.76 2.41
CA THR D 151 8.56 -10.58 3.83
C THR D 151 7.29 -11.30 4.25
N ARG D 152 7.28 -11.83 5.47
CA ARG D 152 6.09 -12.51 5.98
C ARG D 152 5.57 -11.61 7.11
N ARG D 153 4.27 -11.34 7.14
CA ARG D 153 3.77 -10.52 8.23
C ARG D 153 3.34 -11.52 9.30
N GLU D 154 4.11 -11.58 10.39
CA GLU D 154 3.84 -12.54 11.46
C GLU D 154 3.35 -11.89 12.75
N PRO D 155 2.57 -12.64 13.54
CA PRO D 155 2.03 -12.16 14.80
C PRO D 155 3.15 -12.01 15.78
N LEU D 156 2.93 -11.22 16.82
CA LEU D 156 3.94 -10.97 17.84
C LEU D 156 4.11 -12.08 18.88
N GLY D 157 2.99 -12.66 19.32
CA GLY D 157 3.01 -13.69 20.33
C GLY D 157 1.87 -13.36 21.28
N VAL D 158 2.19 -13.17 22.56
CA VAL D 158 1.16 -12.83 23.54
C VAL D 158 1.22 -11.37 23.87
N CYS D 159 0.12 -10.70 23.54
CA CYS D 159 -0.09 -9.26 23.73
C CYS D 159 -0.84 -8.93 25.00
N ALA D 160 -0.28 -8.05 25.82
CA ALA D 160 -0.90 -7.65 27.07
C ALA D 160 -1.53 -6.26 26.94
N GLY D 161 -2.79 -6.12 27.35
CA GLY D 161 -3.43 -4.83 27.28
C GLY D 161 -3.75 -4.32 28.67
N ILE D 162 -3.39 -3.08 28.96
CA ILE D 162 -3.66 -2.48 30.26
C ILE D 162 -4.65 -1.34 30.00
N LEU D 163 -5.90 -1.57 30.35
CA LEU D 163 -7.01 -0.63 30.10
C LEU D 163 -7.26 0.53 31.08
N ALA D 164 -8.21 1.38 30.69
CA ALA D 164 -8.58 2.55 31.49
C ALA D 164 -10.06 2.46 31.79
N TRP D 165 -10.57 3.32 32.67
CA TRP D 165 -11.98 3.20 33.02
C TRP D 165 -13.00 4.06 32.31
N ASN D 166 -12.59 5.06 31.56
CA ASN D 166 -13.62 5.87 30.95
C ASN D 166 -14.44 5.21 29.85
N TYR D 167 -13.90 4.16 29.22
CA TYR D 167 -14.65 3.38 28.20
C TYR D 167 -14.25 1.92 28.34
N PRO D 168 -14.71 1.27 29.42
CA PRO D 168 -14.38 -0.13 29.67
C PRO D 168 -14.52 -1.11 28.51
N PHE D 169 -15.74 -1.32 28.03
CA PHE D 169 -15.96 -2.29 26.96
C PHE D 169 -15.34 -1.85 25.64
N MET D 170 -15.42 -0.56 25.33
CA MET D 170 -14.89 -0.08 24.08
C MET D 170 -13.38 -0.20 23.93
N ILE D 171 -12.65 0.26 24.92
CA ILE D 171 -11.19 0.20 24.85
C ILE D 171 -10.65 -1.26 24.80
N ALA D 172 -11.26 -2.17 25.57
CA ALA D 172 -10.82 -3.56 25.56
C ALA D 172 -11.00 -4.10 24.14
N ALA D 173 -12.13 -3.79 23.52
CA ALA D 173 -12.42 -4.23 22.15
C ALA D 173 -11.40 -3.64 21.19
N TRP D 174 -11.06 -2.39 21.40
CA TRP D 174 -10.11 -1.69 20.55
C TRP D 174 -8.71 -2.29 20.63
N LYS D 175 -8.41 -3.03 21.69
CA LYS D 175 -7.09 -3.63 21.78
C LYS D 175 -7.13 -5.07 21.29
N CYS D 176 -8.18 -5.81 21.65
CA CYS D 176 -8.29 -7.18 21.19
C CYS D 176 -8.49 -7.29 19.68
N ALA D 177 -9.44 -6.51 19.15
CA ALA D 177 -9.77 -6.53 17.72
C ALA D 177 -8.53 -6.62 16.84
N PRO D 178 -7.72 -5.57 16.80
CA PRO D 178 -6.55 -5.70 15.94
C PRO D 178 -5.63 -6.87 16.38
N ALA D 179 -5.38 -7.02 17.69
CA ALA D 179 -4.51 -8.07 18.22
C ALA D 179 -4.81 -9.46 17.64
N LEU D 180 -6.06 -9.85 17.74
CA LEU D 180 -6.50 -11.12 17.22
C LEU D 180 -6.48 -11.14 15.69
N ALA D 181 -6.99 -10.10 15.05
CA ALA D 181 -7.00 -10.07 13.60
C ALA D 181 -5.60 -10.44 13.09
N CYS D 182 -4.58 -10.06 13.85
CA CYS D 182 -3.21 -10.33 13.47
C CYS D 182 -2.64 -11.69 13.89
N GLY D 183 -3.42 -12.47 14.62
CA GLY D 183 -2.96 -13.78 15.02
C GLY D 183 -2.39 -13.88 16.42
N ASN D 184 -2.39 -12.78 17.15
CA ASN D 184 -1.87 -12.77 18.53
C ASN D 184 -2.87 -13.35 19.52
N ALA D 185 -2.39 -13.59 20.73
CA ALA D 185 -3.23 -14.05 21.82
C ALA D 185 -3.28 -12.84 22.75
N VAL D 186 -4.37 -12.65 23.48
CA VAL D 186 -4.45 -11.48 24.35
C VAL D 186 -4.70 -11.78 25.83
N VAL D 187 -4.10 -10.95 26.69
CA VAL D 187 -4.31 -11.01 28.13
C VAL D 187 -4.48 -9.56 28.56
N PHE D 188 -5.68 -9.15 28.94
CA PHE D 188 -5.83 -7.76 29.39
C PHE D 188 -6.32 -7.58 30.82
N LYS D 189 -6.00 -6.43 31.40
CA LYS D 189 -6.34 -6.11 32.78
C LYS D 189 -7.17 -4.86 32.83
N PRO D 190 -8.48 -4.99 33.05
CA PRO D 190 -9.38 -3.84 33.13
C PRO D 190 -9.06 -2.98 34.35
N SER D 191 -9.55 -1.76 34.36
CA SER D 191 -9.35 -0.87 35.48
C SER D 191 -10.10 -1.44 36.66
N PRO D 192 -9.44 -1.56 37.82
CA PRO D 192 -10.07 -2.11 39.02
C PRO D 192 -11.43 -1.50 39.38
N MET D 193 -11.68 -0.29 38.89
CA MET D 193 -12.94 0.38 39.16
C MET D 193 -14.05 -0.14 38.24
N THR D 194 -13.65 -0.69 37.09
CA THR D 194 -14.60 -1.22 36.10
C THR D 194 -14.21 -2.60 35.56
N PRO D 195 -14.10 -3.61 36.44
CA PRO D 195 -13.71 -4.97 36.03
C PRO D 195 -14.77 -5.85 35.41
N VAL D 196 -16.03 -5.52 35.64
CA VAL D 196 -17.12 -6.34 35.15
C VAL D 196 -17.34 -6.51 33.61
N THR D 197 -17.71 -5.46 32.87
CA THR D 197 -17.96 -5.69 31.44
C THR D 197 -16.82 -6.32 30.60
N GLY D 198 -15.59 -6.17 31.07
CA GLY D 198 -14.47 -6.72 30.31
C GLY D 198 -14.59 -8.21 30.08
N VAL D 199 -14.67 -8.95 31.17
CA VAL D 199 -14.76 -10.38 31.06
C VAL D 199 -15.87 -10.83 30.10
N ILE D 200 -16.93 -10.04 29.98
CA ILE D 200 -18.04 -10.39 29.09
C ILE D 200 -17.53 -10.57 27.67
N LEU D 201 -16.81 -9.56 27.20
CA LEU D 201 -16.24 -9.60 25.87
C LEU D 201 -15.47 -10.92 25.71
N ALA D 202 -14.60 -11.20 26.68
CA ALA D 202 -13.79 -12.40 26.70
C ALA D 202 -14.66 -13.64 26.49
N GLU D 203 -15.67 -13.81 27.30
CA GLU D 203 -16.52 -14.95 27.11
C GLU D 203 -17.06 -14.96 25.69
N ILE D 204 -17.52 -13.83 25.19
CA ILE D 204 -18.09 -13.82 23.85
C ILE D 204 -17.15 -14.36 22.80
N PHE D 205 -15.89 -13.96 22.83
CA PHE D 205 -14.93 -14.46 21.85
C PHE D 205 -14.88 -15.98 21.92
N HIS D 206 -14.84 -16.52 23.13
CA HIS D 206 -14.82 -17.96 23.30
C HIS D 206 -16.09 -18.54 22.67
N GLU D 207 -17.22 -17.93 22.99
CA GLU D 207 -18.51 -18.36 22.45
C GLU D 207 -18.49 -18.28 20.92
N ALA D 208 -17.78 -17.30 20.39
CA ALA D 208 -17.71 -17.16 18.94
C ALA D 208 -16.98 -18.34 18.31
N GLY D 209 -16.03 -18.93 19.02
CA GLY D 209 -15.29 -20.05 18.47
C GLY D 209 -13.77 -19.90 18.51
N VAL D 210 -13.32 -19.02 19.37
CA VAL D 210 -11.92 -18.77 19.52
C VAL D 210 -11.27 -19.92 20.29
N PRO D 211 -10.02 -20.26 19.96
CA PRO D 211 -9.34 -21.35 20.67
C PRO D 211 -9.29 -21.02 22.17
N VAL D 212 -9.63 -22.00 22.97
CA VAL D 212 -9.65 -21.81 24.41
C VAL D 212 -8.39 -21.18 24.93
N GLY D 213 -8.55 -20.03 25.58
CA GLY D 213 -7.43 -19.33 26.17
C GLY D 213 -6.90 -18.15 25.40
N LEU D 214 -7.36 -17.93 24.17
CA LEU D 214 -6.88 -16.82 23.34
C LEU D 214 -7.11 -15.46 23.98
N VAL D 215 -8.24 -15.29 24.65
CA VAL D 215 -8.50 -14.02 25.26
C VAL D 215 -8.66 -14.26 26.74
N ASN D 216 -7.75 -13.71 27.53
CA ASN D 216 -7.81 -13.87 28.96
C ASN D 216 -8.01 -12.52 29.67
N VAL D 217 -8.38 -12.55 30.94
CA VAL D 217 -8.59 -11.33 31.71
C VAL D 217 -8.11 -11.49 33.15
N VAL D 218 -7.30 -10.56 33.61
CA VAL D 218 -6.84 -10.62 34.99
C VAL D 218 -7.22 -9.31 35.61
N GLN D 219 -7.79 -9.34 36.79
CA GLN D 219 -8.16 -8.11 37.46
C GLN D 219 -7.02 -7.65 38.39
N GLY D 220 -7.10 -6.39 38.83
CA GLY D 220 -6.07 -5.84 39.71
C GLY D 220 -5.59 -4.46 39.28
N GLY D 221 -4.57 -3.95 39.96
CA GLY D 221 -4.06 -2.64 39.62
C GLY D 221 -2.57 -2.56 39.35
N ALA D 222 -1.91 -1.57 39.95
CA ALA D 222 -0.49 -1.36 39.76
C ALA D 222 0.33 -2.65 39.82
N GLU D 223 0.28 -3.34 40.96
CA GLU D 223 1.04 -4.57 41.12
C GLU D 223 0.83 -5.50 39.93
N THR D 224 -0.45 -5.78 39.66
CA THR D 224 -0.79 -6.65 38.56
C THR D 224 -0.23 -6.16 37.24
N GLY D 225 -0.63 -4.96 36.85
CA GLY D 225 -0.15 -4.39 35.60
C GLY D 225 1.34 -4.55 35.44
N SER D 226 2.07 -4.45 36.55
CA SER D 226 3.52 -4.58 36.51
C SER D 226 3.91 -5.97 36.14
N LEU D 227 3.32 -6.94 36.80
CA LEU D 227 3.61 -8.31 36.48
C LEU D 227 3.50 -8.54 34.96
N LEU D 228 2.50 -7.94 34.34
CA LEU D 228 2.32 -8.09 32.90
C LEU D 228 3.51 -7.55 32.13
N CYS D 229 4.01 -6.38 32.50
CA CYS D 229 5.14 -5.75 31.83
C CYS D 229 6.45 -6.48 32.02
N HIS D 230 6.57 -7.18 33.14
CA HIS D 230 7.79 -7.90 33.43
C HIS D 230 7.74 -9.32 32.91
N HIS D 231 6.55 -9.90 32.80
CA HIS D 231 6.48 -11.28 32.34
C HIS D 231 7.24 -11.49 31.04
N PRO D 232 8.16 -12.45 31.04
CA PRO D 232 9.01 -12.82 29.89
C PRO D 232 8.28 -13.43 28.71
N ASN D 233 7.02 -13.74 28.85
CA ASN D 233 6.37 -14.35 27.70
C ASN D 233 5.35 -13.45 27.00
N VAL D 234 5.36 -12.18 27.41
CA VAL D 234 4.48 -11.17 26.84
C VAL D 234 5.39 -10.49 25.86
N ALA D 235 4.99 -10.46 24.59
CA ALA D 235 5.79 -9.85 23.55
C ALA D 235 5.48 -8.38 23.39
N LYS D 236 4.25 -8.00 23.72
CA LYS D 236 3.84 -6.60 23.57
C LYS D 236 2.96 -6.10 24.70
N VAL D 237 3.12 -4.82 25.04
CA VAL D 237 2.26 -4.14 26.05
C VAL D 237 1.57 -2.98 25.33
N SER D 238 0.25 -2.89 25.50
CA SER D 238 -0.54 -1.81 24.89
C SER D 238 -1.20 -1.10 26.05
N PHE D 239 -0.65 0.07 26.38
CA PHE D 239 -1.14 0.85 27.51
C PHE D 239 -2.02 2.08 27.20
N THR D 240 -3.01 2.30 28.04
CA THR D 240 -3.88 3.47 27.92
C THR D 240 -4.10 4.02 29.33
N GLY D 241 -3.70 5.26 29.57
CA GLY D 241 -3.88 5.82 30.88
C GLY D 241 -3.15 7.13 30.97
N SER D 242 -2.81 7.52 32.20
CA SER D 242 -2.10 8.78 32.45
C SER D 242 -0.65 8.77 31.95
N VAL D 243 -0.13 9.97 31.73
CA VAL D 243 1.24 10.13 31.26
C VAL D 243 2.20 9.54 32.29
N PRO D 244 2.06 9.93 33.56
CA PRO D 244 2.95 9.42 34.60
C PRO D 244 3.13 7.90 34.56
N THR D 245 2.02 7.18 34.42
CA THR D 245 2.08 5.73 34.38
C THR D 245 2.67 5.27 33.05
N GLY D 246 2.19 5.83 31.95
CA GLY D 246 2.72 5.47 30.65
C GLY D 246 4.23 5.43 30.74
N LYS D 247 4.79 6.43 31.40
CA LYS D 247 6.23 6.51 31.58
C LYS D 247 6.79 5.31 32.35
N LYS D 248 6.13 4.89 33.44
CA LYS D 248 6.62 3.73 34.18
C LYS D 248 6.50 2.47 33.34
N VAL D 249 5.36 2.30 32.70
CA VAL D 249 5.15 1.13 31.86
C VAL D 249 6.23 0.97 30.83
N MET D 250 6.60 2.07 30.18
CA MET D 250 7.61 1.99 29.15
C MET D 250 8.94 1.55 29.73
N GLU D 251 9.25 1.98 30.96
CA GLU D 251 10.52 1.61 31.60
C GLU D 251 10.64 0.16 31.93
N MET D 252 9.56 -0.39 32.47
CA MET D 252 9.56 -1.78 32.84
C MET D 252 9.63 -2.62 31.57
N SER D 253 8.95 -2.18 30.53
CA SER D 253 8.93 -2.91 29.26
C SER D 253 10.32 -3.02 28.67
N ALA D 254 11.18 -2.08 29.00
CA ALA D 254 12.52 -2.05 28.46
C ALA D 254 13.38 -3.24 28.90
N LYS D 255 13.16 -3.69 30.14
CA LYS D 255 13.97 -4.77 30.68
C LYS D 255 13.91 -6.03 29.84
N THR D 256 12.94 -6.10 28.95
CA THR D 256 12.79 -7.26 28.09
C THR D 256 12.75 -6.90 26.62
N VAL D 257 12.77 -5.61 26.33
CA VAL D 257 12.76 -5.16 24.96
C VAL D 257 11.38 -5.41 24.35
N LYS D 258 10.33 -5.30 25.17
CA LYS D 258 8.97 -5.47 24.71
C LYS D 258 8.49 -4.37 23.75
N HIS D 259 7.61 -4.72 22.81
CA HIS D 259 7.04 -3.73 21.91
C HIS D 259 6.07 -2.96 22.79
N VAL D 260 6.01 -1.64 22.61
CA VAL D 260 5.12 -0.85 23.42
C VAL D 260 4.37 0.20 22.63
N THR D 261 3.17 0.54 23.07
CA THR D 261 2.39 1.60 22.46
C THR D 261 1.68 2.27 23.63
N LEU D 262 1.70 3.60 23.64
CA LEU D 262 1.06 4.33 24.73
C LEU D 262 0.09 5.38 24.21
N GLU D 263 -1.17 5.28 24.64
CA GLU D 263 -2.21 6.24 24.30
C GLU D 263 -2.41 6.94 25.65
N LEU D 264 -1.52 7.89 25.95
CA LEU D 264 -1.57 8.65 27.21
C LEU D 264 -2.67 9.74 27.19
N GLY D 265 -2.59 10.71 28.10
CA GLY D 265 -3.60 11.74 28.11
C GLY D 265 -3.42 12.94 27.19
N GLY D 266 -3.99 14.08 27.58
CA GLY D 266 -3.87 15.31 26.81
C GLY D 266 -4.60 16.53 27.37
N LYS D 267 -4.23 17.70 26.87
CA LYS D 267 -4.84 18.98 27.25
C LYS D 267 -5.01 19.69 25.89
N SER D 268 -5.85 19.08 25.05
CA SER D 268 -6.08 19.54 23.70
C SER D 268 -6.86 20.84 23.53
N PRO D 269 -6.42 21.68 22.60
CA PRO D 269 -7.01 22.97 22.28
C PRO D 269 -8.08 22.98 21.18
N LEU D 270 -9.14 23.76 21.42
CA LEU D 270 -10.21 23.93 20.45
C LEU D 270 -10.15 25.38 19.99
N LEU D 271 -10.00 25.61 18.69
CA LEU D 271 -9.88 26.96 18.16
C LEU D 271 -11.11 27.45 17.43
N ILE D 272 -11.64 28.58 17.89
CA ILE D 272 -12.84 29.18 17.31
C ILE D 272 -12.54 30.53 16.65
N PHE D 273 -12.65 30.60 15.33
CA PHE D 273 -12.39 31.85 14.65
C PHE D 273 -13.68 32.60 14.43
N LYS D 274 -13.59 33.93 14.35
CA LYS D 274 -14.76 34.78 14.21
C LYS D 274 -15.63 34.53 12.97
N ASP D 275 -15.08 33.85 11.97
CA ASP D 275 -15.86 33.58 10.76
C ASP D 275 -16.58 32.24 10.82
N CYS D 276 -16.59 31.60 11.98
CA CYS D 276 -17.24 30.31 12.09
C CYS D 276 -18.75 30.46 12.09
N GLU D 277 -19.47 29.40 12.48
CA GLU D 277 -20.94 29.40 12.57
C GLU D 277 -21.23 29.08 14.04
N LEU D 278 -21.42 30.13 14.85
CA LEU D 278 -21.66 29.96 16.27
C LEU D 278 -22.36 28.68 16.76
N GLU D 279 -23.53 28.35 16.22
CA GLU D 279 -24.23 27.17 16.71
C GLU D 279 -23.35 25.92 16.66
N ASN D 280 -22.81 25.61 15.49
CA ASN D 280 -21.95 24.46 15.35
C ASN D 280 -20.76 24.59 16.27
N ALA D 281 -20.22 25.79 16.39
CA ALA D 281 -19.08 26.05 17.27
C ALA D 281 -19.45 25.82 18.74
N VAL D 282 -20.65 26.24 19.11
CA VAL D 282 -21.09 26.04 20.46
C VAL D 282 -21.18 24.55 20.73
N ARG D 283 -21.78 23.83 19.79
CA ARG D 283 -21.92 22.37 19.90
C ARG D 283 -20.56 21.72 20.05
N GLY D 284 -19.61 22.14 19.21
CA GLY D 284 -18.28 21.61 19.29
C GLY D 284 -17.75 21.75 20.71
N ALA D 285 -17.62 22.98 21.18
CA ALA D 285 -17.10 23.28 22.52
C ALA D 285 -17.78 22.39 23.53
N LEU D 286 -19.08 22.23 23.31
CA LEU D 286 -19.92 21.45 24.18
C LEU D 286 -19.55 19.97 24.09
N MET D 287 -19.67 19.40 22.89
CA MET D 287 -19.34 18.00 22.63
C MET D 287 -17.89 17.69 22.98
N ALA D 288 -17.03 18.70 22.86
CA ALA D 288 -15.61 18.54 23.17
C ALA D 288 -15.28 18.60 24.64
N ASN D 289 -16.30 18.80 25.48
CA ASN D 289 -16.08 18.96 26.91
C ASN D 289 -16.89 18.17 27.89
N PHE D 290 -18.10 17.74 27.51
CA PHE D 290 -18.94 17.06 28.48
C PHE D 290 -19.48 15.65 28.20
N LEU D 291 -18.83 14.89 27.32
CA LEU D 291 -19.27 13.51 27.08
C LEU D 291 -18.70 12.69 28.25
N THR D 292 -19.41 11.64 28.64
CA THR D 292 -18.92 10.80 29.74
C THR D 292 -18.38 11.64 30.91
N GLN D 293 -19.22 12.51 31.44
CA GLN D 293 -18.85 13.34 32.56
C GLN D 293 -17.56 14.12 32.31
N GLY D 294 -17.22 14.35 31.04
CA GLY D 294 -16.01 15.09 30.74
C GLY D 294 -14.73 14.34 31.08
N GLN D 295 -14.86 13.02 31.26
CA GLN D 295 -13.73 12.17 31.59
C GLN D 295 -13.19 11.52 30.32
N VAL D 296 -13.07 12.33 29.27
CA VAL D 296 -12.57 11.88 27.99
C VAL D 296 -11.21 12.49 27.68
N CYS D 297 -10.22 11.64 27.42
CA CYS D 297 -8.87 12.06 27.10
C CYS D 297 -8.74 13.02 25.91
N THR D 298 -9.58 12.87 24.89
CA THR D 298 -9.47 13.75 23.70
C THR D 298 -10.24 15.08 23.76
N ASN D 299 -10.76 15.43 24.94
CA ASN D 299 -11.53 16.65 25.11
C ASN D 299 -10.76 17.94 24.92
N GLY D 300 -11.37 18.88 24.16
CA GLY D 300 -10.78 20.17 23.89
C GLY D 300 -11.09 21.07 25.07
N THR D 301 -10.50 20.71 26.21
CA THR D 301 -10.68 21.40 27.48
C THR D 301 -10.05 22.81 27.56
N ARG D 302 -9.37 23.20 26.50
CA ARG D 302 -8.69 24.48 26.45
C ARG D 302 -9.22 25.17 25.19
N VAL D 303 -10.38 25.83 25.33
CA VAL D 303 -11.05 26.52 24.23
C VAL D 303 -10.64 27.94 23.93
N PHE D 304 -10.08 28.17 22.75
CA PHE D 304 -9.67 29.50 22.35
C PHE D 304 -10.70 30.13 21.42
N VAL D 305 -11.30 31.22 21.86
CA VAL D 305 -12.30 31.91 21.05
C VAL D 305 -11.76 33.26 20.63
N GLN D 306 -11.87 33.56 19.35
CA GLN D 306 -11.39 34.83 18.81
C GLN D 306 -12.19 35.97 19.44
N ARG D 307 -11.48 36.91 20.07
CA ARG D 307 -12.05 38.04 20.79
C ARG D 307 -13.37 38.66 20.33
N GLU D 308 -13.51 38.98 19.05
CA GLU D 308 -14.75 39.59 18.54
C GLU D 308 -16.02 38.85 18.91
N ILE D 309 -16.01 37.52 18.85
CA ILE D 309 -17.19 36.73 19.18
C ILE D 309 -17.24 36.20 20.60
N MET D 310 -16.19 36.47 21.38
CA MET D 310 -16.11 36.00 22.77
C MET D 310 -17.43 36.10 23.54
N PRO D 311 -18.09 37.29 23.56
CA PRO D 311 -19.35 37.52 24.25
C PRO D 311 -20.51 36.62 23.85
N GLN D 312 -21.04 36.81 22.63
CA GLN D 312 -22.15 36.01 22.14
C GLN D 312 -21.88 34.52 22.23
N PHE D 313 -20.63 34.12 22.02
CA PHE D 313 -20.28 32.70 22.14
C PHE D 313 -20.43 32.27 23.61
N LEU D 314 -19.67 32.93 24.47
CA LEU D 314 -19.66 32.64 25.89
C LEU D 314 -21.05 32.70 26.53
N GLU D 315 -21.96 33.47 25.95
CA GLU D 315 -23.32 33.58 26.47
C GLU D 315 -24.12 32.30 26.24
N GLU D 316 -24.29 31.95 24.97
CA GLU D 316 -25.02 30.76 24.53
C GLU D 316 -24.45 29.45 25.09
N VAL D 317 -23.13 29.41 25.28
CA VAL D 317 -22.51 28.20 25.80
C VAL D 317 -22.71 28.02 27.30
N VAL D 318 -22.84 29.12 28.05
CA VAL D 318 -23.07 29.02 29.50
C VAL D 318 -24.52 28.58 29.75
N LYS D 319 -25.41 29.08 28.92
CA LYS D 319 -26.82 28.73 28.97
C LYS D 319 -26.93 27.22 28.73
N ARG D 320 -26.37 26.78 27.61
CA ARG D 320 -26.38 25.36 27.19
C ARG D 320 -25.79 24.40 28.24
N THR D 321 -24.69 24.81 28.85
CA THR D 321 -24.08 23.97 29.87
C THR D 321 -24.98 23.86 31.09
N LYS D 322 -25.73 24.92 31.38
CA LYS D 322 -26.62 24.92 32.53
C LYS D 322 -27.84 24.08 32.21
N ALA D 323 -28.17 24.00 30.93
CA ALA D 323 -29.32 23.22 30.48
C ALA D 323 -29.03 21.72 30.42
N ILE D 324 -27.86 21.28 30.92
CA ILE D 324 -27.52 19.85 30.90
C ILE D 324 -28.19 19.17 32.08
N VAL D 325 -28.90 18.07 31.81
CA VAL D 325 -29.59 17.30 32.84
C VAL D 325 -28.73 16.28 33.59
N VAL D 326 -28.46 16.52 34.85
CA VAL D 326 -27.67 15.57 35.61
C VAL D 326 -28.59 14.73 36.46
N GLY D 327 -28.43 13.41 36.40
CA GLY D 327 -29.28 12.54 37.18
C GLY D 327 -29.08 11.04 36.97
N ASP D 328 -30.19 10.30 36.90
CA ASP D 328 -30.08 8.86 36.69
C ASP D 328 -29.53 8.59 35.29
N PRO D 329 -28.33 7.99 35.23
CA PRO D 329 -27.62 7.65 33.99
C PRO D 329 -28.38 6.67 33.09
N LEU D 330 -29.21 5.84 33.71
CA LEU D 330 -29.97 4.83 32.99
C LEU D 330 -31.24 5.43 32.40
N LEU D 331 -31.36 6.75 32.49
CA LEU D 331 -32.50 7.49 31.93
C LEU D 331 -32.08 8.07 30.57
N THR D 332 -32.98 8.01 29.59
CA THR D 332 -32.64 8.51 28.27
C THR D 332 -32.54 10.02 28.17
N GLU D 333 -33.27 10.74 29.00
CA GLU D 333 -33.20 12.21 28.95
C GLU D 333 -32.03 12.75 29.75
N THR D 334 -31.36 11.89 30.52
CA THR D 334 -30.20 12.34 31.29
C THR D 334 -29.03 12.65 30.34
N ARG D 335 -28.28 13.71 30.61
CA ARG D 335 -27.16 14.02 29.74
C ARG D 335 -25.82 13.94 30.43
N MET D 336 -25.83 13.61 31.72
CA MET D 336 -24.60 13.45 32.47
C MET D 336 -24.83 12.65 33.73
N GLY D 337 -24.00 11.65 33.96
CA GLY D 337 -24.12 10.82 35.13
C GLY D 337 -23.15 11.29 36.18
N GLY D 338 -22.82 10.43 37.13
CA GLY D 338 -21.89 10.79 38.17
C GLY D 338 -20.50 10.42 37.71
N LEU D 339 -19.45 10.97 38.33
CA LEU D 339 -18.09 10.65 37.94
C LEU D 339 -17.78 9.23 38.41
N ILE D 340 -16.58 8.75 38.10
CA ILE D 340 -16.20 7.38 38.41
C ILE D 340 -16.03 7.04 39.86
N SER D 341 -15.49 7.96 40.65
CA SER D 341 -15.30 7.68 42.06
C SER D 341 -15.31 8.96 42.87
N LYS D 342 -15.44 8.81 44.19
CA LYS D 342 -15.45 9.94 45.11
C LYS D 342 -14.15 10.68 44.96
N PRO D 343 -13.02 9.97 45.09
CA PRO D 343 -11.73 10.63 44.95
C PRO D 343 -11.65 11.50 43.70
N GLN D 344 -12.14 10.98 42.56
CA GLN D 344 -12.12 11.74 41.31
C GLN D 344 -12.95 12.99 41.43
N LEU D 345 -14.14 12.86 42.03
CA LEU D 345 -15.01 14.00 42.21
C LEU D 345 -14.31 15.09 43.01
N ASP D 346 -13.69 14.70 44.13
CA ASP D 346 -12.99 15.65 44.99
C ASP D 346 -11.82 16.28 44.25
N LYS D 347 -11.17 15.48 43.43
CA LYS D 347 -10.04 15.98 42.66
C LYS D 347 -10.54 17.00 41.66
N VAL D 348 -11.60 16.68 40.92
CA VAL D 348 -12.12 17.62 39.93
C VAL D 348 -12.57 18.93 40.57
N LEU D 349 -13.24 18.82 41.71
CA LEU D 349 -13.69 20.01 42.42
C LEU D 349 -12.48 20.79 42.92
N GLY D 350 -11.52 20.10 43.51
CA GLY D 350 -10.32 20.77 43.98
C GLY D 350 -9.73 21.65 42.90
N PHE D 351 -9.79 21.19 41.64
CA PHE D 351 -9.25 21.98 40.53
C PHE D 351 -10.03 23.28 40.34
N VAL D 352 -11.37 23.19 40.30
CA VAL D 352 -12.17 24.39 40.12
C VAL D 352 -11.87 25.39 41.26
N ALA D 353 -11.73 24.86 42.47
CA ALA D 353 -11.44 25.66 43.65
C ALA D 353 -10.20 26.48 43.45
N GLN D 354 -9.10 25.80 43.15
CA GLN D 354 -7.84 26.51 42.94
C GLN D 354 -7.90 27.42 41.71
N ALA D 355 -8.85 27.15 40.80
CA ALA D 355 -8.97 27.96 39.61
C ALA D 355 -9.32 29.37 40.03
N LYS D 356 -10.39 29.51 40.79
CA LYS D 356 -10.79 30.83 41.22
C LYS D 356 -9.76 31.45 42.14
N LYS D 357 -8.99 30.60 42.82
CA LYS D 357 -7.94 31.12 43.70
C LYS D 357 -6.81 31.67 42.85
N GLU D 358 -6.83 31.39 41.56
CA GLU D 358 -5.77 31.89 40.70
C GLU D 358 -6.31 33.00 39.79
N GLY D 359 -7.58 33.35 39.99
CA GLY D 359 -8.16 34.42 39.18
C GLY D 359 -9.29 33.98 38.28
N ALA D 360 -9.44 32.67 38.12
CA ALA D 360 -10.50 32.13 37.28
C ALA D 360 -11.84 32.68 37.76
N ARG D 361 -12.75 32.79 36.81
CA ARG D 361 -14.07 33.34 37.06
C ARG D 361 -15.09 32.29 36.60
N VAL D 362 -15.71 31.62 37.58
CA VAL D 362 -16.70 30.58 37.30
C VAL D 362 -18.06 31.10 36.80
N LEU D 363 -18.40 30.84 35.55
CA LEU D 363 -19.67 31.31 35.00
C LEU D 363 -20.82 30.37 35.30
N CYS D 364 -20.54 29.14 35.71
CA CYS D 364 -21.58 28.18 36.05
C CYS D 364 -21.01 26.82 36.45
N GLY D 365 -21.78 26.07 37.24
CA GLY D 365 -21.35 24.76 37.69
C GLY D 365 -20.13 24.84 38.55
N GLY D 366 -19.52 23.70 38.82
CA GLY D 366 -18.32 23.68 39.61
C GLY D 366 -18.52 23.32 41.06
N GLU D 367 -19.69 22.83 41.40
CA GLU D 367 -19.96 22.48 42.78
C GLU D 367 -20.60 21.12 42.89
N PRO D 368 -20.56 20.52 44.09
CA PRO D 368 -21.17 19.21 44.29
C PRO D 368 -22.61 19.32 43.86
N LEU D 369 -23.32 18.20 43.82
CA LEU D 369 -24.72 18.22 43.43
C LEU D 369 -25.46 17.15 44.24
N THR D 370 -26.79 17.21 44.20
CA THR D 370 -27.61 16.23 44.89
C THR D 370 -28.93 16.15 44.17
N PRO D 371 -29.08 15.15 43.29
CA PRO D 371 -30.29 14.94 42.50
C PRO D 371 -31.55 14.80 43.36
N SER D 372 -32.69 15.18 42.81
CA SER D 372 -33.95 15.08 43.53
C SER D 372 -34.18 13.65 43.96
N ASP D 373 -34.11 12.72 42.99
CA ASP D 373 -34.31 11.30 43.26
C ASP D 373 -33.51 10.86 44.49
N PRO D 374 -34.19 10.27 45.46
CA PRO D 374 -33.56 9.80 46.69
C PRO D 374 -32.45 8.76 46.52
N LYS D 375 -32.55 7.87 45.52
CA LYS D 375 -31.53 6.84 45.35
C LYS D 375 -30.21 7.35 44.86
N LEU D 376 -30.20 8.55 44.29
CA LEU D 376 -28.99 9.15 43.75
C LEU D 376 -28.33 10.08 44.77
N LYS D 377 -28.79 10.04 46.01
CA LYS D 377 -28.23 10.91 47.04
C LYS D 377 -26.77 10.72 47.28
N ASN D 378 -26.30 9.49 47.15
CA ASN D 378 -24.89 9.19 47.39
C ASN D 378 -24.03 9.07 46.13
N GLY D 379 -24.62 9.40 44.98
CA GLY D 379 -23.90 9.34 43.74
C GLY D 379 -22.76 10.34 43.74
N TYR D 380 -21.88 10.26 42.75
CA TYR D 380 -20.75 11.16 42.67
C TYR D 380 -21.04 12.24 41.65
N PHE D 381 -22.03 13.09 41.93
CA PHE D 381 -22.41 14.15 40.98
C PHE D 381 -21.83 15.53 41.30
N MET D 382 -21.63 16.30 40.24
CA MET D 382 -21.17 17.68 40.30
C MET D 382 -21.74 18.32 39.05
N SER D 383 -21.79 19.64 38.99
CA SER D 383 -22.38 20.28 37.84
C SER D 383 -21.35 20.79 36.87
N PRO D 384 -21.57 20.53 35.57
CA PRO D 384 -20.63 20.97 34.51
C PRO D 384 -20.30 22.45 34.69
N CYS D 385 -18.99 22.71 34.77
CA CYS D 385 -18.42 24.03 35.00
C CYS D 385 -17.76 24.68 33.79
N VAL D 386 -17.94 25.99 33.65
CA VAL D 386 -17.37 26.76 32.54
C VAL D 386 -16.53 27.92 33.09
N LEU D 387 -15.20 27.82 33.01
CA LEU D 387 -14.35 28.89 33.49
C LEU D 387 -14.23 30.00 32.47
N ASP D 388 -13.85 31.16 32.97
CA ASP D 388 -13.76 32.38 32.19
C ASP D 388 -12.61 33.15 32.83
N ASN D 389 -11.96 34.03 32.08
CA ASN D 389 -10.84 34.78 32.67
C ASN D 389 -9.68 33.86 32.97
N CYS D 390 -9.24 33.10 31.98
CA CYS D 390 -8.14 32.16 32.19
C CYS D 390 -6.84 32.65 31.57
N ARG D 391 -5.73 32.20 32.14
CA ARG D 391 -4.40 32.59 31.65
C ARG D 391 -3.61 31.33 31.31
N ASP D 392 -2.78 31.41 30.26
CA ASP D 392 -1.99 30.25 29.85
C ASP D 392 -1.15 29.65 30.96
N ASP D 393 -0.97 30.40 32.05
CA ASP D 393 -0.13 29.92 33.15
C ASP D 393 -0.90 29.32 34.30
N MET D 394 -2.23 29.45 34.30
CA MET D 394 -3.05 28.88 35.38
C MET D 394 -3.00 27.34 35.39
N THR D 395 -2.93 26.76 36.58
CA THR D 395 -2.90 25.33 36.70
C THR D 395 -4.02 24.64 35.93
N CYS D 396 -5.21 25.24 35.91
CA CYS D 396 -6.33 24.61 35.21
C CYS D 396 -6.17 24.59 33.68
N VAL D 397 -5.40 25.51 33.15
CA VAL D 397 -5.23 25.55 31.70
C VAL D 397 -4.12 24.59 31.29
N LYS D 398 -3.20 24.32 32.21
CA LYS D 398 -2.07 23.45 31.93
C LYS D 398 -2.26 21.97 32.23
N GLU D 399 -2.96 21.67 33.32
CA GLU D 399 -3.17 20.29 33.76
C GLU D 399 -4.41 19.58 33.17
N GLU D 400 -4.34 18.27 32.99
CA GLU D 400 -5.50 17.54 32.50
C GLU D 400 -6.35 17.33 33.75
N ILE D 401 -7.55 17.92 33.77
CA ILE D 401 -8.44 17.80 34.93
C ILE D 401 -9.04 16.41 34.94
N PHE D 402 -9.73 16.11 33.85
CA PHE D 402 -10.43 14.86 33.59
C PHE D 402 -11.77 14.89 34.32
N GLY D 403 -12.42 16.04 34.22
CA GLY D 403 -13.73 16.27 34.81
C GLY D 403 -14.42 17.28 33.91
N PRO D 404 -15.72 17.51 34.09
CA PRO D 404 -16.48 18.46 33.25
C PRO D 404 -16.12 19.93 33.52
N VAL D 405 -14.92 20.36 33.12
CA VAL D 405 -14.49 21.73 33.36
C VAL D 405 -13.89 22.33 32.09
N MET D 406 -14.57 23.34 31.55
CA MET D 406 -14.15 24.02 30.31
C MET D 406 -13.42 25.35 30.54
N SER D 407 -12.23 25.53 30.01
CA SER D 407 -11.50 26.80 30.19
C SER D 407 -11.54 27.62 28.90
N VAL D 408 -12.27 28.73 28.92
CA VAL D 408 -12.38 29.58 27.74
C VAL D 408 -11.34 30.69 27.83
N LEU D 409 -10.66 30.97 26.72
CA LEU D 409 -9.64 32.00 26.70
C LEU D 409 -9.73 32.74 25.40
N PRO D 410 -9.59 34.07 25.42
CA PRO D 410 -9.66 34.92 24.23
C PRO D 410 -8.35 34.90 23.47
N PHE D 411 -8.38 35.27 22.19
CA PHE D 411 -7.18 35.34 21.36
C PHE D 411 -7.45 36.34 20.23
N ASP D 412 -6.38 36.88 19.64
CA ASP D 412 -6.53 37.87 18.58
C ASP D 412 -6.12 37.47 17.19
N THR D 413 -4.91 36.94 17.03
CA THR D 413 -4.44 36.54 15.71
C THR D 413 -4.08 35.08 15.58
N GLU D 414 -4.09 34.58 14.35
CA GLU D 414 -3.78 33.18 14.06
C GLU D 414 -2.40 32.77 14.54
N GLU D 415 -1.40 33.54 14.15
CA GLU D 415 -0.05 33.19 14.55
C GLU D 415 0.00 33.10 16.08
N GLU D 416 -0.78 33.95 16.75
CA GLU D 416 -0.81 33.99 18.20
C GLU D 416 -1.20 32.66 18.84
N VAL D 417 -2.44 32.23 18.60
CA VAL D 417 -2.96 30.96 19.14
C VAL D 417 -2.16 29.73 18.79
N LEU D 418 -1.64 29.66 17.56
CA LEU D 418 -0.87 28.49 17.18
C LEU D 418 0.27 28.31 18.16
N GLN D 419 1.03 29.37 18.40
CA GLN D 419 2.17 29.27 19.29
C GLN D 419 1.67 28.87 20.67
N ARG D 420 0.50 29.38 21.04
CA ARG D 420 -0.08 29.10 22.36
C ARG D 420 -0.68 27.71 22.43
N ALA D 421 -1.34 27.30 21.34
CA ALA D 421 -1.97 25.98 21.24
C ALA D 421 -0.93 24.88 21.35
N ASN D 422 0.10 24.99 20.51
CA ASN D 422 1.15 24.01 20.50
C ASN D 422 2.08 24.14 21.68
N ASN D 423 1.89 25.18 22.49
CA ASN D 423 2.78 25.32 23.63
C ASN D 423 2.38 24.44 24.81
N THR D 424 2.57 23.14 24.63
CA THR D 424 2.24 22.16 25.65
C THR D 424 3.07 20.93 25.42
N THR D 425 3.22 20.12 26.46
CA THR D 425 4.00 18.91 26.36
C THR D 425 3.11 17.79 25.78
N PHE D 426 1.81 18.05 25.81
CA PHE D 426 0.78 17.16 25.29
C PHE D 426 0.64 17.32 23.76
N GLY D 427 -0.13 16.43 23.15
CA GLY D 427 -0.32 16.49 21.72
C GLY D 427 -1.23 15.38 21.21
N LEU D 428 -2.38 15.21 21.86
CA LEU D 428 -3.31 14.17 21.49
C LEU D 428 -4.28 14.64 20.40
N ALA D 429 -5.09 15.64 20.72
CA ALA D 429 -6.04 16.14 19.75
C ALA D 429 -6.11 17.65 19.71
N SER D 430 -7.00 18.16 18.87
CA SER D 430 -7.16 19.59 18.71
C SER D 430 -8.30 19.81 17.71
N GLY D 431 -8.86 21.01 17.70
CA GLY D 431 -9.95 21.28 16.78
C GLY D 431 -9.99 22.71 16.29
N VAL D 432 -10.73 22.94 15.23
CA VAL D 432 -10.78 24.28 14.72
C VAL D 432 -12.07 24.52 14.03
N PHE D 433 -12.72 25.62 14.39
CA PHE D 433 -13.97 26.01 13.77
C PHE D 433 -13.73 27.30 13.02
N THR D 434 -13.78 27.21 11.70
CA THR D 434 -13.58 28.37 10.86
C THR D 434 -14.26 28.05 9.54
N ARG D 435 -14.26 29.00 8.62
CA ARG D 435 -14.93 28.79 7.35
C ARG D 435 -14.05 28.92 6.13
N ASP D 436 -12.87 29.48 6.32
CA ASP D 436 -11.94 29.67 5.21
C ASP D 436 -11.08 28.45 4.87
N ILE D 437 -11.33 27.90 3.68
CA ILE D 437 -10.60 26.73 3.21
C ILE D 437 -9.12 26.73 3.54
N SER D 438 -8.47 27.85 3.32
CA SER D 438 -7.05 27.89 3.60
C SER D 438 -6.71 27.84 5.08
N ARG D 439 -7.41 28.63 5.89
CA ARG D 439 -7.09 28.62 7.30
C ARG D 439 -7.31 27.26 7.90
N ALA D 440 -8.40 26.62 7.49
CA ALA D 440 -8.70 25.29 8.02
C ALA D 440 -7.50 24.36 7.89
N HIS D 441 -7.20 23.94 6.68
CA HIS D 441 -6.10 23.02 6.47
C HIS D 441 -4.79 23.53 7.05
N ARG D 442 -4.52 24.82 6.83
CA ARG D 442 -3.30 25.43 7.32
C ARG D 442 -3.18 25.26 8.84
N VAL D 443 -4.23 25.61 9.58
CA VAL D 443 -4.18 25.46 11.02
C VAL D 443 -4.03 23.98 11.35
N ALA D 444 -4.73 23.15 10.58
CA ALA D 444 -4.68 21.70 10.77
C ALA D 444 -3.24 21.25 10.66
N ALA D 445 -2.63 21.62 9.55
CA ALA D 445 -1.27 21.25 9.31
C ALA D 445 -0.33 21.71 10.41
N ASN D 446 -0.60 22.87 11.00
CA ASN D 446 0.28 23.43 12.03
C ASN D 446 0.10 23.01 13.48
N LEU D 447 -1.07 22.52 13.82
CA LEU D 447 -1.26 22.07 15.17
C LEU D 447 -0.37 20.83 15.37
N GLU D 448 0.21 20.70 16.55
CA GLU D 448 1.07 19.58 16.82
C GLU D 448 0.37 18.52 17.62
N ALA D 449 -0.64 17.90 17.03
CA ALA D 449 -1.36 16.84 17.71
C ALA D 449 -1.59 15.71 16.72
N GLY D 450 -1.99 14.56 17.25
CA GLY D 450 -2.21 13.40 16.41
C GLY D 450 -3.54 13.42 15.69
N THR D 451 -4.45 14.25 16.18
CA THR D 451 -5.75 14.34 15.56
C THR D 451 -6.28 15.76 15.56
N CYS D 452 -6.89 16.13 14.45
CA CYS D 452 -7.44 17.45 14.36
C CYS D 452 -8.79 17.46 13.70
N TYR D 453 -9.79 17.90 14.46
CA TYR D 453 -11.14 17.96 13.96
C TYR D 453 -11.35 19.31 13.33
N ILE D 454 -12.08 19.32 12.21
CA ILE D 454 -12.42 20.55 11.51
C ILE D 454 -13.93 20.70 11.46
N ASN D 455 -14.45 21.67 12.22
CA ASN D 455 -15.88 21.97 12.33
C ASN D 455 -16.72 20.86 12.93
N THR D 456 -16.16 20.21 13.93
CA THR D 456 -16.86 19.15 14.63
C THR D 456 -15.89 18.77 15.70
N TYR D 457 -16.20 17.69 16.41
CA TYR D 457 -15.31 17.27 17.47
C TYR D 457 -15.80 15.99 18.14
N SER D 458 -14.83 15.23 18.68
CA SER D 458 -15.10 13.98 19.40
C SER D 458 -15.53 12.79 18.54
N ILE D 459 -15.47 12.95 17.22
CA ILE D 459 -15.80 11.84 16.32
C ILE D 459 -14.57 10.93 16.31
N SER D 460 -14.80 9.63 16.43
CA SER D 460 -13.68 8.70 16.39
C SER D 460 -13.99 7.47 15.57
N PRO D 461 -14.01 7.61 14.23
CA PRO D 461 -14.30 6.52 13.29
C PRO D 461 -13.26 5.38 13.32
N VAL D 462 -13.69 4.15 13.01
CA VAL D 462 -12.77 3.03 13.01
C VAL D 462 -11.91 3.02 11.76
N GLU D 463 -12.42 3.61 10.68
CA GLU D 463 -11.67 3.67 9.43
C GLU D 463 -10.34 4.41 9.52
N VAL D 464 -10.18 5.30 10.50
CA VAL D 464 -8.93 6.05 10.61
C VAL D 464 -8.17 5.83 11.89
N PRO D 465 -6.84 6.01 11.86
CA PRO D 465 -5.93 5.83 12.98
C PRO D 465 -6.13 6.83 14.09
N PHE D 466 -5.74 6.47 15.30
CA PHE D 466 -5.86 7.38 16.42
C PHE D 466 -4.76 7.22 17.47
N GLY D 467 -4.04 8.30 17.74
CA GLY D 467 -2.96 8.24 18.72
C GLY D 467 -2.40 9.61 19.01
N GLY D 468 -1.40 9.68 19.89
CA GLY D 468 -0.84 10.97 20.23
C GLY D 468 0.45 11.38 19.58
N TYR D 469 0.88 12.57 19.95
CA TYR D 469 2.12 13.20 19.51
C TYR D 469 2.80 13.57 20.80
N LYS D 470 4.08 13.89 20.74
CA LYS D 470 4.80 14.27 21.96
C LYS D 470 4.58 13.29 23.10
N MET D 471 4.26 13.83 24.28
CA MET D 471 4.04 13.01 25.45
C MET D 471 2.63 12.52 25.63
N SER D 472 1.86 12.54 24.55
CA SER D 472 0.51 12.00 24.63
C SER D 472 0.58 10.53 24.18
N GLY D 473 1.79 10.08 23.85
CA GLY D 473 2.00 8.69 23.46
C GLY D 473 2.40 8.49 22.02
N PHE D 474 2.46 7.23 21.62
CA PHE D 474 2.81 6.87 20.24
C PHE D 474 2.16 5.54 19.93
N GLY D 475 2.00 5.23 18.64
CA GLY D 475 1.35 4.00 18.25
C GLY D 475 -0.06 4.43 17.89
N ARG D 476 -0.82 3.56 17.27
CA ARG D 476 -2.18 3.91 16.87
C ARG D 476 -3.18 2.82 17.17
N GLU D 477 -4.43 3.22 17.28
CA GLU D 477 -5.51 2.32 17.57
C GLU D 477 -6.43 2.63 16.38
N ASN D 478 -7.21 1.67 15.92
CA ASN D 478 -8.12 1.88 14.78
C ASN D 478 -7.38 2.21 13.50
N GLY D 479 -8.08 2.11 12.38
CA GLY D 479 -7.47 2.41 11.11
C GLY D 479 -6.53 1.30 10.71
N GLN D 480 -6.03 1.32 9.48
CA GLN D 480 -5.14 0.29 9.00
C GLN D 480 -3.78 0.34 9.66
N ALA D 481 -3.33 1.56 9.90
CA ALA D 481 -2.03 1.76 10.52
C ALA D 481 -1.74 0.81 11.67
N THR D 482 -2.71 0.65 12.55
CA THR D 482 -2.56 -0.20 13.70
C THR D 482 -1.96 -1.59 13.45
N VAL D 483 -2.41 -2.29 12.41
CA VAL D 483 -1.90 -3.65 12.15
C VAL D 483 -0.38 -3.76 12.25
N ASP D 484 0.32 -2.67 12.00
CA ASP D 484 1.77 -2.69 12.08
C ASP D 484 2.26 -2.72 13.52
N TYR D 485 1.37 -2.53 14.48
CA TYR D 485 1.79 -2.54 15.88
C TYR D 485 1.51 -3.87 16.52
N TYR D 486 0.84 -4.73 15.76
CA TYR D 486 0.53 -6.05 16.23
C TYR D 486 1.09 -7.11 15.30
N SER D 487 2.06 -6.75 14.47
CA SER D 487 2.63 -7.73 13.58
C SER D 487 4.03 -7.27 13.33
N GLN D 488 4.87 -8.18 12.84
CA GLN D 488 6.25 -7.83 12.51
C GLN D 488 6.59 -8.51 11.19
N LEU D 489 7.57 -7.97 10.51
CA LEU D 489 7.97 -8.49 9.22
C LEU D 489 9.27 -9.23 9.26
N LYS D 490 9.24 -10.49 8.84
CA LYS D 490 10.46 -11.31 8.77
C LYS D 490 10.89 -11.19 7.31
N THR D 491 12.16 -10.92 7.08
CA THR D 491 12.68 -10.82 5.72
C THR D 491 13.31 -12.16 5.37
N VAL D 492 12.85 -12.72 4.26
CA VAL D 492 13.36 -13.98 3.80
C VAL D 492 13.96 -13.71 2.44
N ILE D 493 15.27 -13.85 2.34
CA ILE D 493 16.00 -13.60 1.10
C ILE D 493 16.37 -14.95 0.54
N VAL D 494 16.07 -15.17 -0.73
CA VAL D 494 16.37 -16.47 -1.32
C VAL D 494 17.24 -16.43 -2.57
N GLU D 495 18.44 -17.00 -2.42
CA GLU D 495 19.47 -17.12 -3.45
C GLU D 495 19.06 -18.22 -4.43
N MET D 496 18.96 -17.85 -5.69
CA MET D 496 18.53 -18.78 -6.73
C MET D 496 19.68 -19.52 -7.37
N GLY D 497 20.89 -19.01 -7.17
CA GLY D 497 22.09 -19.63 -7.74
C GLY D 497 23.11 -20.01 -6.68
N ASP D 498 24.36 -19.63 -6.92
CA ASP D 498 25.47 -19.95 -6.01
C ASP D 498 25.89 -18.79 -5.14
N VAL D 499 26.52 -19.11 -4.01
CA VAL D 499 26.96 -18.09 -3.09
C VAL D 499 28.19 -17.35 -3.56
N ASP D 500 28.21 -16.04 -3.34
CA ASP D 500 29.39 -15.26 -3.70
C ASP D 500 30.15 -15.12 -2.40
N SER D 501 31.23 -15.88 -2.30
CA SER D 501 32.03 -15.87 -1.09
C SER D 501 33.38 -15.23 -1.28
N LEU D 502 33.88 -14.57 -0.24
CA LEU D 502 35.18 -13.99 -0.31
C LEU D 502 36.15 -15.00 0.30
N PHE D 503 35.69 -16.24 0.50
CA PHE D 503 36.56 -17.28 1.06
C PHE D 503 36.32 -18.68 0.49
#